data_2RVN
#
_entry.id   2RVN
#
loop_
_entity.id
_entity.type
_entity.pdbx_description
1 polymer 'Chromobox protein homolog 5'
2 polymer '18-mer peptide of Histone H3'
#
loop_
_entity_poly.entity_id
_entity_poly.type
_entity_poly.pdbx_seq_one_letter_code
_entity_poly.pdbx_strand_id
1 'polypeptide(L)'
;GSHMGKKTKRTAD(SEP)(SEP)(SEP)(SEP)EDEEEYVVEKVLDRRMVKGQVEYLLKWKGFSEEHNTWEPEKNLDCPE
LISEFMKKYKKMKEGENNK
;
A
2 'polypeptide(L)' ARTKQTAR(M3L)STGGKAPRY B
#
# COMPACT_ATOMS: atom_id res chain seq x y z
N GLY A 1 -46.41 -12.30 17.74
CA GLY A 1 -44.96 -12.31 17.57
C GLY A 1 -44.23 -11.74 18.76
N SER A 2 -43.53 -12.60 19.50
CA SER A 2 -42.78 -12.16 20.68
C SER A 2 -41.36 -12.72 20.66
N HIS A 3 -40.44 -12.01 21.30
CA HIS A 3 -39.05 -12.42 21.35
C HIS A 3 -38.88 -13.59 22.33
N MET A 4 -38.46 -14.74 21.81
CA MET A 4 -38.26 -15.92 22.64
C MET A 4 -37.06 -16.72 22.15
N GLY A 5 -36.18 -17.09 23.08
CA GLY A 5 -34.99 -17.85 22.72
C GLY A 5 -34.02 -17.06 21.88
N LYS A 6 -33.11 -16.35 22.54
CA LYS A 6 -32.11 -15.55 21.84
C LYS A 6 -30.80 -16.30 21.69
N LYS A 7 -30.03 -15.95 20.68
CA LYS A 7 -28.74 -16.60 20.43
C LYS A 7 -27.64 -15.57 20.26
N THR A 8 -26.42 -15.93 20.67
CA THR A 8 -25.28 -15.04 20.56
C THR A 8 -24.00 -15.80 20.28
N LYS A 9 -23.25 -15.35 19.28
CA LYS A 9 -21.99 -16.00 18.91
C LYS A 9 -21.01 -14.98 18.34
N ARG A 10 -19.95 -14.70 19.09
CA ARG A 10 -18.93 -13.75 18.66
C ARG A 10 -17.54 -14.31 18.87
N THR A 11 -16.60 -13.90 18.02
CA THR A 11 -15.23 -14.36 18.11
C THR A 11 -14.24 -13.20 18.05
N ALA A 12 -13.25 -13.23 18.92
CA ALA A 12 -12.23 -12.18 18.96
C ALA A 12 -10.92 -12.70 19.54
N ASP A 13 -9.81 -12.16 19.03
CA ASP A 13 -8.49 -12.58 19.50
C ASP A 13 -8.02 -11.69 20.64
N GLU A 18 1.44 -3.91 21.54
CA GLU A 18 1.65 -2.92 20.50
C GLU A 18 3.09 -2.94 19.99
N ASP A 19 3.26 -2.89 18.69
CA ASP A 19 4.58 -2.90 18.07
C ASP A 19 4.52 -2.47 16.61
N GLU A 20 5.59 -1.82 16.14
CA GLU A 20 5.64 -1.34 14.77
C GLU A 20 5.78 -2.52 13.79
N GLU A 21 4.73 -2.75 13.01
CA GLU A 21 4.74 -3.83 12.04
C GLU A 21 3.96 -3.44 10.78
N GLU A 22 2.72 -3.01 10.97
CA GLU A 22 1.88 -2.59 9.85
C GLU A 22 2.23 -1.19 9.39
N TYR A 23 1.98 -0.90 8.12
CA TYR A 23 2.27 0.41 7.56
C TYR A 23 1.01 1.04 6.96
N VAL A 24 0.86 2.34 7.13
CA VAL A 24 -0.29 3.06 6.60
C VAL A 24 0.10 3.89 5.37
N VAL A 25 -0.80 3.94 4.40
CA VAL A 25 -0.57 4.70 3.18
C VAL A 25 -1.00 6.14 3.34
N GLU A 26 -0.34 7.05 2.62
CA GLU A 26 -0.66 8.47 2.68
C GLU A 26 -1.51 8.89 1.48
N LYS A 27 -0.99 8.63 0.28
CA LYS A 27 -1.69 8.97 -0.95
C LYS A 27 -0.92 8.50 -2.17
N VAL A 28 -1.59 8.47 -3.32
CA VAL A 28 -0.96 8.04 -4.56
C VAL A 28 0.03 9.07 -5.07
N LEU A 29 1.09 8.62 -5.71
CA LEU A 29 2.12 9.51 -6.25
C LEU A 29 2.20 9.40 -7.76
N ASP A 30 2.33 8.16 -8.25
CA ASP A 30 2.41 7.91 -9.68
C ASP A 30 1.75 6.58 -10.04
N ARG A 31 1.59 6.35 -11.34
CA ARG A 31 0.96 5.12 -11.82
C ARG A 31 1.75 4.55 -13.00
N ARG A 32 1.88 3.23 -13.03
CA ARG A 32 2.61 2.54 -14.10
C ARG A 32 2.17 1.09 -14.21
N MET A 33 2.15 0.58 -15.44
CA MET A 33 1.74 -0.79 -15.69
C MET A 33 2.93 -1.62 -16.21
N VAL A 34 3.07 -2.82 -15.68
CA VAL A 34 4.16 -3.71 -16.08
C VAL A 34 3.73 -5.17 -16.03
N LYS A 35 4.11 -5.92 -17.07
CA LYS A 35 3.76 -7.33 -17.14
C LYS A 35 2.25 -7.53 -17.05
N GLY A 36 1.50 -6.73 -17.80
CA GLY A 36 0.06 -6.83 -17.79
C GLY A 36 -0.53 -6.60 -16.41
N GLN A 37 0.18 -5.83 -15.58
CA GLN A 37 -0.28 -5.54 -14.24
C GLN A 37 -0.09 -4.06 -13.90
N VAL A 38 -1.17 -3.41 -13.48
CA VAL A 38 -1.12 -2.00 -13.13
C VAL A 38 -0.70 -1.80 -11.67
N GLU A 39 0.26 -0.92 -11.45
CA GLU A 39 0.75 -0.64 -10.11
C GLU A 39 0.69 0.86 -9.80
N TYR A 40 0.57 1.19 -8.53
CA TYR A 40 0.50 2.58 -8.10
C TYR A 40 1.52 2.87 -7.00
N LEU A 41 2.20 4.01 -7.11
CA LEU A 41 3.21 4.40 -6.14
C LEU A 41 2.55 4.94 -4.87
N LEU A 42 2.58 4.14 -3.81
CA LEU A 42 1.99 4.52 -2.54
C LEU A 42 3.07 4.86 -1.52
N LYS A 43 2.78 5.82 -0.64
CA LYS A 43 3.72 6.23 0.39
C LYS A 43 3.31 5.69 1.76
N TRP A 44 4.15 4.85 2.34
CA TRP A 44 3.86 4.28 3.64
C TRP A 44 4.37 5.19 4.76
N LYS A 45 3.79 5.04 5.95
CA LYS A 45 4.17 5.85 7.10
C LYS A 45 5.67 5.76 7.35
N GLY A 46 6.35 6.89 7.27
CA GLY A 46 7.79 6.93 7.49
C GLY A 46 8.57 6.79 6.20
N PHE A 47 8.01 6.08 5.23
CA PHE A 47 8.67 5.88 3.95
C PHE A 47 8.45 7.08 3.03
N SER A 48 9.42 7.33 2.15
CA SER A 48 9.34 8.45 1.22
C SER A 48 9.43 7.96 -0.22
N GLU A 49 9.14 8.86 -1.16
CA GLU A 49 9.19 8.53 -2.58
C GLU A 49 10.56 7.97 -2.97
N GLU A 50 11.57 8.29 -2.16
CA GLU A 50 12.93 7.82 -2.42
C GLU A 50 12.97 6.31 -2.55
N HIS A 51 12.16 5.62 -1.74
CA HIS A 51 12.09 4.17 -1.77
C HIS A 51 11.37 3.67 -3.02
N ASN A 52 10.57 4.55 -3.62
CA ASN A 52 9.82 4.20 -4.82
C ASN A 52 9.10 2.87 -4.65
N THR A 53 8.12 2.84 -3.76
CA THR A 53 7.35 1.62 -3.49
C THR A 53 6.11 1.56 -4.37
N TRP A 54 5.91 0.42 -5.02
CA TRP A 54 4.75 0.23 -5.88
C TRP A 54 3.81 -0.83 -5.32
N GLU A 55 2.51 -0.64 -5.52
CA GLU A 55 1.51 -1.58 -5.04
C GLU A 55 0.52 -1.94 -6.14
N PRO A 56 0.19 -3.24 -6.23
CA PRO A 56 -0.74 -3.75 -7.23
C PRO A 56 -2.17 -3.30 -6.96
N GLU A 57 -2.98 -3.24 -8.03
CA GLU A 57 -4.37 -2.82 -7.92
C GLU A 57 -5.11 -3.67 -6.88
N LYS A 58 -4.91 -4.98 -6.94
CA LYS A 58 -5.55 -5.90 -6.01
C LYS A 58 -5.33 -5.45 -4.57
N ASN A 59 -4.08 -5.13 -4.24
CA ASN A 59 -3.74 -4.68 -2.89
C ASN A 59 -4.20 -3.25 -2.66
N LEU A 60 -4.25 -2.47 -3.73
CA LEU A 60 -4.68 -1.07 -3.64
C LEU A 60 -6.06 -0.97 -3.01
N ASP A 61 -6.10 -0.54 -1.75
CA ASP A 61 -7.36 -0.39 -1.04
C ASP A 61 -7.72 1.07 -0.85
N CYS A 62 -7.60 1.84 -1.93
CA CYS A 62 -7.91 3.27 -1.89
C CYS A 62 -8.13 3.82 -3.29
N PRO A 63 -9.36 3.61 -3.82
CA PRO A 63 -9.73 4.07 -5.16
C PRO A 63 -9.85 5.59 -5.23
N GLU A 64 -10.44 6.19 -4.21
CA GLU A 64 -10.62 7.64 -4.16
C GLU A 64 -9.31 8.35 -4.48
N LEU A 65 -8.21 7.82 -3.95
CA LEU A 65 -6.90 8.41 -4.16
C LEU A 65 -6.61 8.57 -5.66
N ILE A 66 -7.00 7.56 -6.44
CA ILE A 66 -6.78 7.59 -7.87
C ILE A 66 -7.77 8.52 -8.55
N SER A 67 -9.02 8.48 -8.12
CA SER A 67 -10.07 9.32 -8.69
C SER A 67 -9.62 10.78 -8.71
N GLU A 68 -9.19 11.28 -7.56
CA GLU A 68 -8.75 12.67 -7.46
C GLU A 68 -7.43 12.87 -8.19
N PHE A 69 -6.52 11.91 -8.05
CA PHE A 69 -5.21 11.99 -8.71
C PHE A 69 -5.37 12.24 -10.21
N MET A 70 -6.30 11.52 -10.83
CA MET A 70 -6.55 11.66 -12.25
C MET A 70 -6.92 13.10 -12.60
N LYS A 71 -7.67 13.75 -11.71
CA LYS A 71 -8.08 15.12 -11.91
C LYS A 71 -6.87 16.04 -12.11
N LYS A 72 -5.91 15.95 -11.19
CA LYS A 72 -4.71 16.77 -11.26
C LYS A 72 -3.85 16.36 -12.45
N TYR A 73 -3.60 15.07 -12.58
CA TYR A 73 -2.78 14.55 -13.68
C TYR A 73 -3.33 15.02 -15.02
N LYS A 74 -4.64 14.97 -15.19
CA LYS A 74 -5.29 15.39 -16.42
C LYS A 74 -4.81 16.78 -16.83
N LYS A 75 -4.88 17.73 -15.90
CA LYS A 75 -4.44 19.10 -16.16
C LYS A 75 -2.98 19.14 -16.61
N MET A 76 -2.15 18.33 -15.95
CA MET A 76 -0.73 18.27 -16.28
C MET A 76 -0.53 17.98 -17.76
N LYS A 77 -1.15 16.90 -18.24
CA LYS A 77 -1.04 16.50 -19.64
C LYS A 77 -1.94 17.36 -20.51
N GLU A 78 -1.50 17.65 -21.73
CA GLU A 78 -2.27 18.45 -22.67
C GLU A 78 -3.28 17.60 -23.42
N GLY A 79 -4.56 17.87 -23.19
CA GLY A 79 -5.61 17.12 -23.86
C GLY A 79 -6.70 18.02 -24.42
N GLU A 80 -7.94 17.56 -24.33
CA GLU A 80 -9.07 18.32 -24.84
C GLU A 80 -10.19 18.42 -23.80
N ASN A 81 -10.94 19.51 -23.85
CA ASN A 81 -12.04 19.73 -22.91
C ASN A 81 -13.33 19.14 -23.45
N ASN A 82 -14.07 18.43 -22.58
CA ASN A 82 -15.34 17.82 -22.98
C ASN A 82 -16.30 17.80 -21.81
N LYS A 83 -17.60 17.82 -22.11
CA LYS A 83 -18.64 17.80 -21.09
C LYS A 83 -19.70 16.75 -21.41
N ALA B 1 -3.42 2.61 19.29
CA ALA B 1 -4.69 2.12 18.77
C ALA B 1 -4.76 2.23 17.26
N ARG B 2 -5.58 1.39 16.64
CA ARG B 2 -5.73 1.40 15.19
C ARG B 2 -7.22 1.44 14.80
N THR B 3 -7.54 2.33 13.87
CA THR B 3 -8.92 2.47 13.41
C THR B 3 -8.99 2.50 11.89
N LYS B 4 -8.20 3.37 11.27
CA LYS B 4 -8.17 3.50 9.82
C LYS B 4 -7.78 2.17 9.18
N GLN B 5 -8.15 2.00 7.90
CA GLN B 5 -7.84 0.79 7.17
C GLN B 5 -6.34 0.67 6.92
N THR B 6 -5.74 -0.39 7.45
CA THR B 6 -4.30 -0.62 7.29
C THR B 6 -4.00 -2.10 7.11
N ALA B 7 -3.03 -2.40 6.25
CA ALA B 7 -2.64 -3.78 5.99
C ALA B 7 -1.14 -3.89 5.77
N ARG B 8 -0.62 -5.11 5.92
CA ARG B 8 0.81 -5.35 5.75
C ARG B 8 1.16 -5.53 4.27
N SER B 10 2.60 -6.80 1.38
CA SER B 10 2.12 -7.46 0.18
C SER B 10 1.74 -8.91 0.47
N THR B 11 0.44 -9.18 0.43
CA THR B 11 -0.06 -10.53 0.69
C THR B 11 -0.81 -11.07 -0.51
N GLY B 12 -0.86 -12.40 -0.63
CA GLY B 12 -1.55 -13.02 -1.74
C GLY B 12 -0.61 -13.40 -2.87
N GLY B 13 0.20 -14.43 -2.65
CA GLY B 13 1.15 -14.86 -3.67
C GLY B 13 1.53 -16.32 -3.53
N LYS B 14 0.99 -17.15 -4.41
CA LYS B 14 1.27 -18.58 -4.38
C LYS B 14 2.66 -18.88 -4.93
N ALA B 15 3.28 -19.95 -4.44
CA ALA B 15 4.61 -20.33 -4.89
C ALA B 15 4.56 -21.65 -5.67
N PRO B 16 4.14 -21.57 -6.94
CA PRO B 16 4.04 -22.74 -7.81
C PRO B 16 5.41 -23.28 -8.21
N ARG B 17 5.43 -24.49 -8.75
CA ARG B 17 6.67 -25.12 -9.17
C ARG B 17 7.26 -24.40 -10.38
N TYR B 18 6.45 -24.24 -11.42
CA TYR B 18 6.89 -23.56 -12.64
C TYR B 18 7.02 -22.06 -12.41
N GLY A 1 17.88 16.58 61.23
CA GLY A 1 16.94 16.82 60.14
C GLY A 1 17.30 18.05 59.32
N SER A 2 17.15 17.94 58.01
CA SER A 2 17.46 19.06 57.11
C SER A 2 16.59 19.00 55.86
N HIS A 3 15.68 19.96 55.74
CA HIS A 3 14.79 20.02 54.58
C HIS A 3 14.57 21.47 54.15
N MET A 4 15.13 21.84 53.01
CA MET A 4 14.99 23.19 52.48
C MET A 4 13.90 23.25 51.41
N GLY A 5 14.02 22.39 50.42
CA GLY A 5 13.04 22.36 49.35
C GLY A 5 13.09 21.08 48.53
N LYS A 6 12.06 20.25 48.66
CA LYS A 6 12.00 18.99 47.94
C LYS A 6 11.72 19.23 46.46
N LYS A 7 12.73 19.01 45.63
CA LYS A 7 12.60 19.20 44.18
C LYS A 7 11.80 18.05 43.56
N THR A 8 11.01 18.38 42.53
CA THR A 8 10.21 17.38 41.85
C THR A 8 10.98 16.72 40.71
N LYS A 9 10.86 15.40 40.60
CA LYS A 9 11.54 14.66 39.56
C LYS A 9 10.65 13.57 38.99
N ARG A 10 10.26 13.73 37.72
CA ARG A 10 9.40 12.75 37.06
C ARG A 10 9.95 12.38 35.69
N THR A 11 10.48 11.17 35.57
CA THR A 11 11.04 10.69 34.32
C THR A 11 9.98 10.02 33.46
N ALA A 12 9.60 10.68 32.37
CA ALA A 12 8.59 10.15 31.46
C ALA A 12 9.25 9.43 30.29
N ASP A 13 9.17 8.10 30.29
CA ASP A 13 9.76 7.30 29.22
C ASP A 13 8.82 6.16 28.83
N GLU A 18 9.97 0.20 19.83
CA GLU A 18 10.34 -0.59 18.65
C GLU A 18 9.65 -0.04 17.40
N ASP A 19 10.24 -0.32 16.24
CA ASP A 19 9.69 0.14 14.98
C ASP A 19 8.28 -0.42 14.76
N GLU A 20 7.46 0.33 14.03
CA GLU A 20 6.09 -0.09 13.76
C GLU A 20 6.07 -1.26 12.78
N GLU A 21 5.02 -2.08 12.87
CA GLU A 21 4.87 -3.24 11.99
C GLU A 21 4.00 -2.90 10.79
N GLU A 22 2.81 -2.39 11.06
CA GLU A 22 1.87 -2.02 10.00
C GLU A 22 2.25 -0.68 9.38
N TYR A 23 2.00 -0.54 8.09
CA TYR A 23 2.31 0.69 7.38
C TYR A 23 1.03 1.39 6.91
N VAL A 24 0.99 2.70 7.08
CA VAL A 24 -0.16 3.50 6.68
C VAL A 24 0.13 4.30 5.42
N VAL A 25 -0.76 4.19 4.44
CA VAL A 25 -0.60 4.91 3.18
C VAL A 25 -1.09 6.35 3.30
N GLU A 26 -0.48 7.24 2.53
CA GLU A 26 -0.86 8.65 2.55
C GLU A 26 -1.67 9.01 1.32
N LYS A 27 -1.12 8.73 0.14
CA LYS A 27 -1.80 9.03 -1.11
C LYS A 27 -0.98 8.54 -2.30
N VAL A 28 -1.62 8.46 -3.46
CA VAL A 28 -0.95 8.01 -4.68
C VAL A 28 0.02 9.07 -5.20
N LEU A 29 1.13 8.60 -5.77
CA LEU A 29 2.14 9.51 -6.30
C LEU A 29 2.26 9.37 -7.81
N ASP A 30 2.40 8.13 -8.27
CA ASP A 30 2.50 7.85 -9.70
C ASP A 30 1.86 6.52 -10.06
N ARG A 31 1.73 6.26 -11.36
CA ARG A 31 1.12 5.01 -11.81
C ARG A 31 1.93 4.42 -12.97
N ARG A 32 2.05 3.09 -12.97
CA ARG A 32 2.79 2.40 -14.03
C ARG A 32 2.18 1.04 -14.31
N MET A 33 2.61 0.43 -15.42
CA MET A 33 2.10 -0.89 -15.80
C MET A 33 3.22 -1.76 -16.34
N VAL A 34 3.33 -2.98 -15.81
CA VAL A 34 4.36 -3.91 -16.24
C VAL A 34 3.85 -5.35 -16.20
N LYS A 35 4.18 -6.12 -17.22
CA LYS A 35 3.76 -7.51 -17.30
C LYS A 35 2.25 -7.63 -17.19
N GLY A 36 1.53 -6.80 -17.93
CA GLY A 36 0.08 -6.83 -17.91
C GLY A 36 -0.47 -6.58 -16.51
N GLN A 37 0.29 -5.86 -15.70
CA GLN A 37 -0.13 -5.55 -14.33
C GLN A 37 0.10 -4.08 -14.02
N VAL A 38 -0.96 -3.41 -13.55
CA VAL A 38 -0.88 -2.00 -13.21
C VAL A 38 -0.54 -1.81 -11.74
N GLU A 39 0.49 -1.00 -11.47
CA GLU A 39 0.92 -0.74 -10.10
C GLU A 39 0.78 0.75 -9.76
N TYR A 40 0.66 1.05 -8.47
CA TYR A 40 0.52 2.42 -8.02
C TYR A 40 1.53 2.74 -6.93
N LEU A 41 2.12 3.92 -7.00
CA LEU A 41 3.11 4.35 -6.02
C LEU A 41 2.43 4.87 -4.76
N LEU A 42 2.50 4.08 -3.69
CA LEU A 42 1.89 4.46 -2.41
C LEU A 42 2.96 4.90 -1.42
N LYS A 43 2.68 5.99 -0.71
CA LYS A 43 3.61 6.52 0.28
C LYS A 43 3.23 6.05 1.68
N TRP A 44 4.02 5.12 2.23
CA TRP A 44 3.78 4.59 3.56
C TRP A 44 4.41 5.48 4.63
N LYS A 45 3.88 5.40 5.84
CA LYS A 45 4.40 6.19 6.95
C LYS A 45 5.90 6.00 7.12
N GLY A 46 6.65 7.08 7.00
CA GLY A 46 8.09 7.01 7.14
C GLY A 46 8.79 6.81 5.81
N PHE A 47 8.12 6.14 4.89
CA PHE A 47 8.70 5.88 3.57
C PHE A 47 8.28 6.96 2.58
N SER A 48 9.25 7.47 1.82
CA SER A 48 8.98 8.50 0.83
C SER A 48 9.14 7.97 -0.59
N GLU A 49 8.84 8.81 -1.57
CA GLU A 49 8.95 8.42 -2.97
C GLU A 49 10.37 7.94 -3.30
N GLU A 50 11.33 8.36 -2.47
CA GLU A 50 12.72 7.97 -2.67
C GLU A 50 12.86 6.46 -2.78
N HIS A 51 12.11 5.74 -1.94
CA HIS A 51 12.15 4.28 -1.95
C HIS A 51 11.42 3.72 -3.16
N ASN A 52 10.56 4.54 -3.76
CA ASN A 52 9.81 4.13 -4.94
C ASN A 52 9.08 2.81 -4.68
N THR A 53 8.12 2.83 -3.78
CA THR A 53 7.35 1.63 -3.44
C THR A 53 6.09 1.53 -4.29
N TRP A 54 5.87 0.36 -4.87
CA TRP A 54 4.69 0.13 -5.71
C TRP A 54 3.82 -0.97 -5.14
N GLU A 55 2.52 -0.86 -5.34
CA GLU A 55 1.57 -1.85 -4.84
C GLU A 55 0.60 -2.28 -5.93
N PRO A 56 0.22 -3.57 -5.90
CA PRO A 56 -0.71 -4.14 -6.89
C PRO A 56 -2.13 -3.60 -6.72
N GLU A 57 -2.88 -3.59 -7.82
CA GLU A 57 -4.26 -3.10 -7.80
C GLU A 57 -5.09 -3.88 -6.79
N LYS A 58 -4.89 -5.20 -6.75
CA LYS A 58 -5.62 -6.07 -5.83
C LYS A 58 -5.50 -5.56 -4.40
N ASN A 59 -4.26 -5.30 -3.97
CA ASN A 59 -4.01 -4.81 -2.62
C ASN A 59 -4.45 -3.37 -2.48
N LEU A 60 -4.41 -2.61 -3.57
CA LEU A 60 -4.81 -1.22 -3.56
C LEU A 60 -6.23 -1.06 -3.03
N ASP A 61 -6.35 -0.67 -1.76
CA ASP A 61 -7.64 -0.49 -1.13
C ASP A 61 -7.94 0.99 -0.95
N CYS A 62 -7.84 1.75 -2.03
CA CYS A 62 -8.10 3.19 -1.99
C CYS A 62 -8.41 3.73 -3.38
N PRO A 63 -9.66 3.54 -3.82
CA PRO A 63 -10.11 3.99 -5.14
C PRO A 63 -10.20 5.51 -5.23
N GLU A 64 -10.79 6.12 -4.20
CA GLU A 64 -10.95 7.57 -4.16
C GLU A 64 -9.64 8.27 -4.49
N LEU A 65 -8.54 7.71 -4.01
CA LEU A 65 -7.21 8.27 -4.26
C LEU A 65 -6.96 8.45 -5.76
N ILE A 66 -7.33 7.44 -6.53
CA ILE A 66 -7.16 7.47 -7.98
C ILE A 66 -8.12 8.46 -8.62
N SER A 67 -9.35 8.49 -8.13
CA SER A 67 -10.37 9.39 -8.66
C SER A 67 -9.85 10.82 -8.72
N GLU A 68 -9.24 11.26 -7.61
CA GLU A 68 -8.70 12.62 -7.54
C GLU A 68 -7.34 12.69 -8.21
N PHE A 69 -6.62 11.58 -8.22
CA PHE A 69 -5.29 11.52 -8.82
C PHE A 69 -5.34 11.96 -10.28
N MET A 70 -6.32 11.44 -11.02
CA MET A 70 -6.48 11.78 -12.42
C MET A 70 -6.80 13.26 -12.60
N LYS A 71 -7.48 13.83 -11.61
CA LYS A 71 -7.85 15.24 -11.64
C LYS A 71 -6.62 16.13 -11.74
N LYS A 72 -5.68 15.92 -10.84
CA LYS A 72 -4.44 16.69 -10.82
C LYS A 72 -3.59 16.39 -12.05
N TYR A 73 -3.35 15.09 -12.29
CA TYR A 73 -2.55 14.66 -13.44
C TYR A 73 -3.09 15.26 -14.73
N LYS A 74 -4.42 15.24 -14.87
CA LYS A 74 -5.07 15.77 -16.06
C LYS A 74 -4.56 17.17 -16.38
N LYS A 75 -4.59 18.05 -15.39
CA LYS A 75 -4.12 19.42 -15.56
C LYS A 75 -2.65 19.45 -15.97
N MET A 76 -1.83 18.68 -15.27
CA MET A 76 -0.40 18.62 -15.55
C MET A 76 -0.16 18.21 -17.00
N LYS A 77 -0.75 17.10 -17.40
CA LYS A 77 -0.60 16.60 -18.76
C LYS A 77 -1.42 17.43 -19.75
N GLU A 78 -0.99 17.46 -21.00
CA GLU A 78 -1.69 18.21 -22.03
C GLU A 78 -2.63 17.31 -22.84
N GLY A 79 -3.89 17.71 -22.96
CA GLY A 79 -4.85 16.93 -23.70
C GLY A 79 -6.19 17.63 -23.83
N GLU A 80 -7.25 16.97 -23.36
CA GLU A 80 -8.59 17.53 -23.43
C GLU A 80 -9.29 17.41 -22.08
N ASN A 81 -9.67 18.56 -21.51
CA ASN A 81 -10.35 18.59 -20.22
C ASN A 81 -11.29 19.78 -20.13
N ASN A 82 -12.52 19.52 -19.67
CA ASN A 82 -13.52 20.58 -19.53
C ASN A 82 -14.18 20.53 -18.16
N LYS A 83 -14.32 21.69 -17.53
CA LYS A 83 -14.94 21.79 -16.21
C LYS A 83 -16.36 22.34 -16.31
N ALA B 1 -14.65 10.17 18.37
CA ALA B 1 -14.30 8.81 17.97
C ALA B 1 -14.00 8.74 16.48
N ARG B 2 -13.03 7.90 16.11
CA ARG B 2 -12.65 7.74 14.73
C ARG B 2 -11.83 6.46 14.53
N THR B 3 -11.95 5.87 13.34
CA THR B 3 -11.23 4.64 13.03
C THR B 3 -10.64 4.69 11.63
N LYS B 4 -9.55 3.97 11.42
CA LYS B 4 -8.90 3.93 10.12
C LYS B 4 -8.52 2.50 9.74
N GLN B 5 -8.46 2.23 8.44
CA GLN B 5 -8.12 0.90 7.95
C GLN B 5 -6.67 0.85 7.48
N THR B 6 -5.90 -0.05 8.07
CA THR B 6 -4.49 -0.20 7.72
C THR B 6 -4.11 -1.67 7.57
N ALA B 7 -3.22 -1.96 6.63
CA ALA B 7 -2.77 -3.32 6.39
C ALA B 7 -1.26 -3.38 6.17
N ARG B 8 -0.67 -4.54 6.45
CA ARG B 8 0.77 -4.72 6.28
C ARG B 8 1.12 -4.94 4.81
N SER B 10 2.86 -6.07 2.01
CA SER B 10 2.59 -6.95 0.87
C SER B 10 2.62 -8.42 1.30
N THR B 11 1.71 -9.21 0.75
CA THR B 11 1.62 -10.62 1.07
C THR B 11 2.12 -11.47 -0.09
N GLY B 12 2.75 -12.60 0.23
CA GLY B 12 3.26 -13.49 -0.80
C GLY B 12 3.37 -14.92 -0.33
N GLY B 13 2.26 -15.46 0.17
CA GLY B 13 2.25 -16.83 0.65
C GLY B 13 0.87 -17.30 1.03
N LYS B 14 0.29 -16.68 2.06
CA LYS B 14 -1.04 -17.04 2.52
C LYS B 14 -2.12 -16.43 1.63
N ALA B 15 -2.82 -17.28 0.89
CA ALA B 15 -3.87 -16.83 -0.01
C ALA B 15 -5.26 -17.12 0.59
N PRO B 16 -6.28 -16.41 0.08
CA PRO B 16 -7.66 -16.59 0.54
C PRO B 16 -8.25 -17.93 0.12
N ARG B 17 -8.55 -18.77 1.09
CA ARG B 17 -9.12 -20.09 0.82
C ARG B 17 -10.59 -20.12 1.19
N TYR B 18 -11.39 -20.78 0.35
CA TYR B 18 -12.82 -20.89 0.58
C TYR B 18 -13.30 -22.34 0.43
N GLY A 1 43.05 -30.45 40.91
CA GLY A 1 42.15 -29.34 41.20
C GLY A 1 40.72 -29.80 41.43
N SER A 2 39.78 -28.90 41.19
CA SER A 2 38.36 -29.21 41.39
C SER A 2 37.48 -28.30 40.54
N HIS A 3 36.53 -28.89 39.83
CA HIS A 3 35.63 -28.13 38.98
C HIS A 3 34.57 -27.40 39.81
N MET A 4 34.46 -26.09 39.62
CA MET A 4 33.49 -25.29 40.35
C MET A 4 32.81 -24.28 39.44
N GLY A 5 31.50 -24.38 39.32
CA GLY A 5 30.75 -23.46 38.48
C GLY A 5 31.16 -23.56 37.02
N LYS A 6 30.53 -24.47 36.29
CA LYS A 6 30.83 -24.67 34.88
C LYS A 6 29.81 -23.95 34.00
N LYS A 7 30.25 -23.52 32.83
CA LYS A 7 29.36 -22.82 31.90
C LYS A 7 28.50 -23.81 31.12
N THR A 8 27.30 -23.37 30.74
CA THR A 8 26.39 -24.22 29.99
C THR A 8 26.38 -23.86 28.51
N LYS A 9 26.01 -24.82 27.67
CA LYS A 9 25.96 -24.60 26.22
C LYS A 9 24.53 -24.43 25.75
N ARG A 10 24.21 -23.26 25.22
CA ARG A 10 22.87 -22.97 24.72
C ARG A 10 22.92 -22.35 23.33
N THR A 11 21.90 -22.63 22.52
CA THR A 11 21.83 -22.10 21.17
C THR A 11 20.75 -21.03 21.06
N ALA A 12 21.09 -19.93 20.39
CA ALA A 12 20.14 -18.83 20.21
C ALA A 12 19.79 -18.65 18.74
N ASP A 13 18.51 -18.79 18.42
CA ASP A 13 18.03 -18.64 17.05
C ASP A 13 16.91 -17.61 16.96
N GLU A 18 9.85 -9.80 13.07
CA GLU A 18 9.42 -9.00 14.19
C GLU A 18 7.90 -9.07 14.37
N ASP A 19 7.44 -8.90 15.61
CA ASP A 19 6.01 -8.95 15.90
C ASP A 19 5.35 -7.61 15.62
N GLU A 20 4.09 -7.66 15.18
CA GLU A 20 3.35 -6.44 14.86
C GLU A 20 4.10 -5.59 13.85
N GLU A 21 3.74 -5.73 12.59
CA GLU A 21 4.37 -4.96 11.52
C GLU A 21 3.37 -4.60 10.43
N GLU A 22 2.98 -3.33 10.39
CA GLU A 22 2.03 -2.85 9.39
C GLU A 22 2.28 -1.39 9.05
N TYR A 23 2.06 -1.03 7.79
CA TYR A 23 2.27 0.33 7.33
C TYR A 23 0.99 0.92 6.76
N VAL A 24 0.81 2.23 6.92
CA VAL A 24 -0.38 2.91 6.42
C VAL A 24 -0.05 3.75 5.19
N VAL A 25 -1.01 3.85 4.27
CA VAL A 25 -0.82 4.62 3.05
C VAL A 25 -1.06 6.10 3.30
N GLU A 26 -0.27 6.95 2.63
CA GLU A 26 -0.39 8.39 2.78
C GLU A 26 -1.15 9.00 1.61
N LYS A 27 -0.68 8.73 0.40
CA LYS A 27 -1.32 9.24 -0.81
C LYS A 27 -0.59 8.76 -2.06
N VAL A 28 -1.25 8.88 -3.21
CA VAL A 28 -0.68 8.45 -4.48
C VAL A 28 0.29 9.49 -5.02
N LEU A 29 1.34 9.03 -5.69
CA LEU A 29 2.34 9.94 -6.27
C LEU A 29 2.40 9.78 -7.78
N ASP A 30 2.52 8.53 -8.23
CA ASP A 30 2.59 8.25 -9.66
C ASP A 30 1.92 6.91 -9.99
N ARG A 31 1.67 6.68 -11.26
CA ARG A 31 1.04 5.45 -11.70
C ARG A 31 1.77 4.86 -12.90
N ARG A 32 1.89 3.53 -12.93
CA ARG A 32 2.58 2.84 -14.02
C ARG A 32 1.96 1.46 -14.25
N MET A 33 2.36 0.83 -15.36
CA MET A 33 1.85 -0.50 -15.70
C MET A 33 2.97 -1.39 -16.23
N VAL A 34 3.05 -2.60 -15.71
CA VAL A 34 4.08 -3.55 -16.12
C VAL A 34 3.55 -4.99 -16.09
N LYS A 35 3.88 -5.75 -17.12
CA LYS A 35 3.45 -7.14 -17.21
C LYS A 35 1.93 -7.24 -17.11
N GLY A 36 1.23 -6.39 -17.86
CA GLY A 36 -0.22 -6.41 -17.85
C GLY A 36 -0.78 -6.15 -16.47
N GLN A 37 -0.02 -5.46 -15.63
CA GLN A 37 -0.44 -5.16 -14.27
C GLN A 37 -0.19 -3.70 -13.93
N VAL A 38 -1.23 -3.00 -13.48
CA VAL A 38 -1.13 -1.59 -13.12
C VAL A 38 -0.72 -1.43 -11.66
N GLU A 39 0.34 -0.64 -11.44
CA GLU A 39 0.83 -0.40 -10.09
C GLU A 39 0.73 1.07 -9.72
N TYR A 40 0.57 1.36 -8.43
CA TYR A 40 0.47 2.73 -7.95
C TYR A 40 1.47 2.99 -6.84
N LEU A 41 2.04 4.20 -6.84
CA LEU A 41 3.02 4.59 -5.82
C LEU A 41 2.33 4.99 -4.52
N LEU A 42 2.46 4.15 -3.50
CA LEU A 42 1.85 4.42 -2.20
C LEU A 42 2.91 4.77 -1.17
N LYS A 43 2.71 5.89 -0.47
CA LYS A 43 3.65 6.34 0.55
C LYS A 43 3.33 5.70 1.90
N TRP A 44 4.19 4.80 2.34
CA TRP A 44 3.99 4.12 3.62
C TRP A 44 4.57 4.94 4.76
N LYS A 45 4.06 4.70 5.97
CA LYS A 45 4.52 5.42 7.15
C LYS A 45 6.04 5.31 7.29
N GLY A 46 6.72 6.44 7.28
CA GLY A 46 8.17 6.45 7.40
C GLY A 46 8.86 6.42 6.06
N PHE A 47 8.23 5.79 5.07
CA PHE A 47 8.80 5.70 3.73
C PHE A 47 8.38 6.87 2.87
N SER A 48 9.27 7.32 2.00
CA SER A 48 8.99 8.45 1.12
C SER A 48 9.15 8.04 -0.34
N GLU A 49 8.82 8.97 -1.24
CA GLU A 49 8.92 8.71 -2.67
C GLU A 49 10.33 8.25 -3.04
N GLU A 50 11.30 8.63 -2.22
CA GLU A 50 12.69 8.25 -2.46
C GLU A 50 12.83 6.75 -2.65
N HIS A 51 12.10 5.99 -1.82
CA HIS A 51 12.14 4.54 -1.90
C HIS A 51 11.39 4.03 -3.12
N ASN A 52 10.52 4.87 -3.66
CA ASN A 52 9.73 4.50 -4.83
C ASN A 52 9.06 3.14 -4.64
N THR A 53 8.12 3.09 -3.71
CA THR A 53 7.40 1.84 -3.43
C THR A 53 6.12 1.75 -4.24
N TRP A 54 5.91 0.62 -4.89
CA TRP A 54 4.72 0.40 -5.70
C TRP A 54 3.89 -0.76 -5.17
N GLU A 55 2.57 -0.67 -5.33
CA GLU A 55 1.67 -1.73 -4.86
C GLU A 55 0.72 -2.16 -5.97
N PRO A 56 0.33 -3.44 -5.94
CA PRO A 56 -0.59 -4.01 -6.93
C PRO A 56 -2.00 -3.47 -6.80
N GLU A 57 -2.73 -3.44 -7.91
CA GLU A 57 -4.10 -2.95 -7.92
C GLU A 57 -4.98 -3.75 -6.95
N LYS A 58 -4.79 -5.07 -6.96
CA LYS A 58 -5.56 -5.95 -6.08
C LYS A 58 -5.45 -5.49 -4.62
N ASN A 59 -4.23 -5.26 -4.17
CA ASN A 59 -4.00 -4.82 -2.80
C ASN A 59 -4.43 -3.37 -2.61
N LEU A 60 -4.36 -2.59 -3.68
CA LEU A 60 -4.76 -1.18 -3.63
C LEU A 60 -6.17 -1.03 -3.09
N ASP A 61 -6.29 -0.67 -1.83
CA ASP A 61 -7.59 -0.49 -1.20
C ASP A 61 -7.90 1.00 -1.00
N CYS A 62 -7.80 1.75 -2.08
CA CYS A 62 -8.08 3.19 -2.02
C CYS A 62 -8.40 3.74 -3.40
N PRO A 63 -9.66 3.57 -3.83
CA PRO A 63 -10.13 4.03 -5.14
C PRO A 63 -10.21 5.55 -5.21
N GLU A 64 -10.78 6.16 -4.17
CA GLU A 64 -10.93 7.61 -4.12
C GLU A 64 -9.61 8.30 -4.47
N LEU A 65 -8.50 7.72 -4.00
CA LEU A 65 -7.18 8.28 -4.26
C LEU A 65 -6.95 8.46 -5.76
N ILE A 66 -7.34 7.45 -6.54
CA ILE A 66 -7.18 7.49 -7.98
C ILE A 66 -8.11 8.53 -8.61
N SER A 67 -9.35 8.57 -8.13
CA SER A 67 -10.33 9.51 -8.65
C SER A 67 -9.79 10.94 -8.65
N GLU A 68 -9.27 11.36 -7.49
CA GLU A 68 -8.71 12.70 -7.35
C GLU A 68 -7.38 12.81 -8.09
N PHE A 69 -6.54 11.78 -7.95
CA PHE A 69 -5.23 11.77 -8.60
C PHE A 69 -5.38 12.00 -10.10
N MET A 70 -6.35 11.35 -10.71
CA MET A 70 -6.59 11.48 -12.15
C MET A 70 -6.84 12.95 -12.52
N LYS A 71 -7.48 13.68 -11.61
CA LYS A 71 -7.78 15.09 -11.84
C LYS A 71 -6.51 15.88 -12.12
N LYS A 72 -5.52 15.73 -11.24
CA LYS A 72 -4.25 16.42 -11.38
C LYS A 72 -3.47 15.90 -12.59
N TYR A 73 -3.31 14.57 -12.65
CA TYR A 73 -2.60 13.95 -13.76
C TYR A 73 -3.16 14.39 -15.11
N LYS A 74 -4.49 14.42 -15.19
CA LYS A 74 -5.17 14.81 -16.42
C LYS A 74 -4.61 16.14 -16.93
N LYS A 75 -4.57 17.14 -16.07
CA LYS A 75 -4.06 18.46 -16.43
C LYS A 75 -2.62 18.36 -16.95
N MET A 76 -1.81 17.55 -16.26
CA MET A 76 -0.42 17.37 -16.65
C MET A 76 -0.31 16.95 -18.12
N LYS A 77 -1.02 15.88 -18.48
CA LYS A 77 -1.01 15.38 -19.84
C LYS A 77 -1.95 16.18 -20.73
N GLU A 78 -1.73 16.12 -22.04
CA GLU A 78 -2.56 16.84 -22.99
C GLU A 78 -3.55 15.90 -23.67
N GLY A 79 -4.79 16.37 -23.84
CA GLY A 79 -5.80 15.55 -24.48
C GLY A 79 -6.64 16.35 -25.46
N GLU A 80 -7.90 15.96 -25.61
CA GLU A 80 -8.81 16.64 -26.53
C GLU A 80 -9.79 17.53 -25.77
N ASN A 81 -10.27 18.57 -26.45
CA ASN A 81 -11.22 19.51 -25.84
C ASN A 81 -12.65 19.18 -26.27
N ASN A 82 -13.60 19.55 -25.42
CA ASN A 82 -15.02 19.30 -25.70
C ASN A 82 -15.85 20.55 -25.47
N LYS A 83 -16.98 20.65 -26.15
CA LYS A 83 -17.86 21.80 -26.02
C LYS A 83 -18.58 21.78 -24.68
N ALA B 1 -17.18 10.84 9.57
CA ALA B 1 -16.29 9.84 10.14
C ALA B 1 -15.20 9.45 9.14
N ARG B 2 -14.01 9.16 9.65
CA ARG B 2 -12.88 8.78 8.80
C ARG B 2 -12.61 7.29 8.91
N THR B 3 -12.42 6.64 7.77
CA THR B 3 -12.15 5.21 7.73
C THR B 3 -10.65 4.93 7.70
N LYS B 4 -10.21 3.99 8.54
CA LYS B 4 -8.80 3.63 8.59
C LYS B 4 -8.56 2.26 7.98
N GLN B 5 -7.92 2.26 6.81
CA GLN B 5 -7.63 1.01 6.10
C GLN B 5 -6.13 0.77 6.03
N THR B 6 -5.64 -0.21 6.81
CA THR B 6 -4.23 -0.53 6.82
C THR B 6 -4.01 -2.02 6.59
N ALA B 7 -2.88 -2.35 5.94
CA ALA B 7 -2.56 -3.74 5.65
C ALA B 7 -1.08 -3.89 5.29
N ARG B 8 -0.51 -5.04 5.63
CA ARG B 8 0.89 -5.30 5.35
C ARG B 8 1.10 -5.69 3.90
N SER B 10 2.50 -7.08 1.05
CA SER B 10 2.11 -8.09 0.07
C SER B 10 2.24 -9.49 0.65
N THR B 11 1.11 -10.18 0.74
CA THR B 11 1.09 -11.54 1.28
C THR B 11 1.98 -12.47 0.48
N GLY B 12 1.91 -12.34 -0.85
CA GLY B 12 2.72 -13.19 -1.71
C GLY B 12 2.40 -14.66 -1.56
N GLY B 13 3.32 -15.41 -0.95
CA GLY B 13 3.11 -16.82 -0.75
C GLY B 13 3.80 -17.34 0.50
N LYS B 14 5.10 -17.55 0.41
CA LYS B 14 5.88 -18.05 1.55
C LYS B 14 6.65 -16.92 2.21
N ALA B 15 6.93 -17.07 3.50
CA ALA B 15 7.67 -16.07 4.25
C ALA B 15 9.17 -16.17 3.98
N PRO B 16 9.90 -15.09 4.27
CA PRO B 16 11.35 -15.03 4.06
C PRO B 16 12.11 -15.92 5.04
N ARG B 17 11.76 -15.81 6.31
CA ARG B 17 12.41 -16.62 7.34
C ARG B 17 12.16 -18.10 7.12
N TYR B 18 13.23 -18.87 6.94
CA TYR B 18 13.12 -20.30 6.70
C TYR B 18 14.46 -21.00 6.98
N GLY A 1 42.96 -18.67 30.75
CA GLY A 1 41.78 -19.24 30.11
C GLY A 1 40.59 -18.29 30.20
N SER A 2 40.35 -17.55 29.12
CA SER A 2 39.24 -16.62 29.07
C SER A 2 38.68 -16.51 27.65
N HIS A 3 37.36 -16.38 27.55
CA HIS A 3 36.69 -16.27 26.26
C HIS A 3 37.07 -17.44 25.35
N MET A 4 36.85 -18.66 25.84
CA MET A 4 37.18 -19.85 25.08
C MET A 4 36.03 -20.86 25.15
N GLY A 5 35.91 -21.67 24.10
CA GLY A 5 34.85 -22.67 24.07
C GLY A 5 33.47 -22.05 24.01
N LYS A 6 33.11 -21.51 22.86
CA LYS A 6 31.81 -20.88 22.68
C LYS A 6 30.88 -21.77 21.88
N LYS A 7 29.58 -21.66 22.14
CA LYS A 7 28.57 -22.46 21.44
C LYS A 7 27.31 -21.65 21.19
N THR A 8 26.61 -21.98 20.11
CA THR A 8 25.38 -21.28 19.76
C THR A 8 24.15 -22.12 20.11
N LYS A 9 23.04 -21.44 20.39
CA LYS A 9 21.80 -22.11 20.74
C LYS A 9 20.80 -22.05 19.58
N ARG A 10 20.21 -23.19 19.24
CA ARG A 10 19.24 -23.26 18.16
C ARG A 10 18.03 -24.10 18.57
N THR A 11 16.90 -23.44 18.79
CA THR A 11 15.68 -24.13 19.19
C THR A 11 14.47 -23.60 18.41
N ALA A 12 13.84 -24.48 17.64
CA ALA A 12 12.68 -24.11 16.85
C ALA A 12 11.38 -24.44 17.59
N ASP A 13 10.67 -23.41 18.02
CA ASP A 13 9.42 -23.59 18.74
C ASP A 13 8.34 -22.66 18.18
N GLU A 18 5.13 -11.62 18.49
CA GLU A 18 5.91 -10.53 17.92
C GLU A 18 5.18 -9.19 18.09
N ASP A 19 5.95 -8.12 18.14
CA ASP A 19 5.38 -6.78 18.30
C ASP A 19 4.59 -6.38 17.06
N GLU A 20 3.61 -5.48 17.24
CA GLU A 20 2.78 -5.03 16.14
C GLU A 20 3.63 -4.36 15.06
N GLU A 21 3.15 -4.44 13.81
CA GLU A 21 3.88 -3.84 12.69
C GLU A 21 2.95 -3.67 11.49
N GLU A 22 2.60 -2.41 11.21
CA GLU A 22 1.72 -2.11 10.08
C GLU A 22 2.04 -0.73 9.50
N TYR A 23 2.01 -0.63 8.18
CA TYR A 23 2.29 0.62 7.50
C TYR A 23 1.01 1.23 6.92
N VAL A 24 0.91 2.56 7.00
CA VAL A 24 -0.26 3.27 6.48
C VAL A 24 0.09 4.02 5.20
N VAL A 25 -0.90 4.11 4.30
CA VAL A 25 -0.71 4.80 3.04
C VAL A 25 -1.10 6.27 3.15
N GLU A 26 -0.24 7.15 2.66
CA GLU A 26 -0.50 8.58 2.70
C GLU A 26 -1.39 9.02 1.54
N LYS A 27 -0.92 8.74 0.32
CA LYS A 27 -1.66 9.10 -0.88
C LYS A 27 -0.94 8.62 -2.13
N VAL A 28 -1.66 8.60 -3.26
CA VAL A 28 -1.08 8.16 -4.53
C VAL A 28 -0.07 9.17 -5.04
N LEU A 29 1.12 8.68 -5.40
CA LEU A 29 2.18 9.55 -5.91
C LEU A 29 2.26 9.47 -7.43
N ASP A 30 2.20 8.26 -7.96
CA ASP A 30 2.26 8.05 -9.40
C ASP A 30 1.62 6.72 -9.79
N ARG A 31 1.45 6.51 -11.09
CA ARG A 31 0.85 5.28 -11.59
C ARG A 31 1.60 4.76 -12.80
N ARG A 32 1.69 3.44 -12.93
CA ARG A 32 2.38 2.81 -14.04
C ARG A 32 1.88 1.39 -14.27
N MET A 33 2.25 0.81 -15.41
CA MET A 33 1.83 -0.54 -15.75
C MET A 33 2.99 -1.33 -16.37
N VAL A 34 3.20 -2.54 -15.88
CA VAL A 34 4.27 -3.39 -16.38
C VAL A 34 3.88 -4.86 -16.35
N LYS A 35 4.20 -5.58 -17.41
CA LYS A 35 3.88 -7.00 -17.50
C LYS A 35 2.38 -7.24 -17.32
N GLY A 36 1.58 -6.45 -18.02
CA GLY A 36 0.14 -6.58 -17.93
C GLY A 36 -0.37 -6.39 -16.51
N GLN A 37 0.37 -5.63 -15.72
CA GLN A 37 -0.01 -5.38 -14.33
C GLN A 37 0.12 -3.89 -13.99
N VAL A 38 -0.95 -3.31 -13.48
CA VAL A 38 -0.96 -1.90 -13.12
C VAL A 38 -0.58 -1.71 -11.65
N GLU A 39 0.38 -0.82 -11.40
CA GLU A 39 0.83 -0.55 -10.04
C GLU A 39 0.69 0.93 -9.71
N TYR A 40 0.60 1.24 -8.42
CA TYR A 40 0.47 2.61 -7.97
C TYR A 40 1.47 2.93 -6.88
N LEU A 41 2.11 4.09 -6.99
CA LEU A 41 3.11 4.52 -6.02
C LEU A 41 2.44 5.04 -4.75
N LEU A 42 2.62 4.32 -3.65
CA LEU A 42 2.03 4.71 -2.37
C LEU A 42 3.11 4.99 -1.33
N LYS A 43 2.83 5.90 -0.41
CA LYS A 43 3.77 6.25 0.63
C LYS A 43 3.42 5.55 1.95
N TRP A 44 4.32 4.70 2.41
CA TRP A 44 4.11 3.97 3.65
C TRP A 44 4.70 4.71 4.84
N LYS A 45 4.24 4.38 6.04
CA LYS A 45 4.73 5.03 7.25
C LYS A 45 6.26 4.98 7.31
N GLY A 46 6.88 6.13 7.07
CA GLY A 46 8.34 6.20 7.11
C GLY A 46 8.95 6.18 5.72
N PHE A 47 8.29 5.51 4.79
CA PHE A 47 8.77 5.42 3.42
C PHE A 47 8.34 6.63 2.61
N SER A 48 9.24 7.14 1.78
CA SER A 48 8.95 8.30 0.96
C SER A 48 9.15 7.98 -0.52
N GLU A 49 8.81 8.94 -1.39
CA GLU A 49 8.96 8.75 -2.83
C GLU A 49 10.37 8.31 -3.18
N GLU A 50 11.33 8.68 -2.35
CA GLU A 50 12.72 8.32 -2.57
C GLU A 50 12.88 6.81 -2.78
N HIS A 51 12.17 6.04 -1.97
CA HIS A 51 12.22 4.58 -2.06
C HIS A 51 11.45 4.10 -3.28
N ASN A 52 10.55 4.93 -3.79
CA ASN A 52 9.75 4.58 -4.96
C ASN A 52 9.11 3.21 -4.78
N THR A 53 8.19 3.11 -3.82
CA THR A 53 7.50 1.86 -3.55
C THR A 53 6.20 1.77 -4.33
N TRP A 54 5.98 0.64 -4.99
CA TRP A 54 4.76 0.42 -5.77
C TRP A 54 3.90 -0.66 -5.16
N GLU A 55 2.59 -0.55 -5.35
CA GLU A 55 1.65 -1.53 -4.80
C GLU A 55 0.68 -2.01 -5.88
N PRO A 56 0.28 -3.29 -5.78
CA PRO A 56 -0.64 -3.90 -6.74
C PRO A 56 -2.07 -3.34 -6.62
N GLU A 57 -2.76 -3.27 -7.74
CA GLU A 57 -4.13 -2.75 -7.76
C GLU A 57 -5.02 -3.54 -6.80
N LYS A 58 -4.81 -4.85 -6.74
CA LYS A 58 -5.59 -5.71 -5.85
C LYS A 58 -5.48 -5.25 -4.41
N ASN A 59 -4.25 -5.01 -3.95
CA ASN A 59 -4.02 -4.56 -2.58
C ASN A 59 -4.47 -3.10 -2.41
N LEU A 60 -4.41 -2.33 -3.48
CA LEU A 60 -4.82 -0.93 -3.45
C LEU A 60 -6.23 -0.79 -2.89
N ASP A 61 -6.33 -0.40 -1.63
CA ASP A 61 -7.62 -0.22 -0.98
C ASP A 61 -7.97 1.26 -0.85
N CYS A 62 -7.96 1.96 -1.96
CA CYS A 62 -8.27 3.40 -1.97
C CYS A 62 -8.62 3.87 -3.38
N PRO A 63 -9.87 3.63 -3.79
CA PRO A 63 -10.36 4.02 -5.12
C PRO A 63 -10.49 5.53 -5.26
N GLU A 64 -11.09 6.17 -4.26
CA GLU A 64 -11.28 7.61 -4.28
C GLU A 64 -9.98 8.33 -4.63
N LEU A 65 -8.87 7.80 -4.12
CA LEU A 65 -7.57 8.39 -4.38
C LEU A 65 -7.30 8.52 -5.88
N ILE A 66 -7.67 7.48 -6.63
CA ILE A 66 -7.48 7.48 -8.07
C ILE A 66 -8.36 8.53 -8.74
N SER A 67 -9.64 8.57 -8.35
CA SER A 67 -10.59 9.51 -8.91
C SER A 67 -10.05 10.94 -8.83
N GLU A 68 -9.48 11.29 -7.67
CA GLU A 68 -8.93 12.62 -7.47
C GLU A 68 -7.57 12.76 -8.14
N PHE A 69 -6.72 11.76 -7.95
CA PHE A 69 -5.39 11.76 -8.54
C PHE A 69 -5.46 12.00 -10.05
N MET A 70 -6.40 11.32 -10.70
CA MET A 70 -6.58 11.45 -12.14
C MET A 70 -6.79 12.91 -12.53
N LYS A 71 -7.48 13.66 -11.67
CA LYS A 71 -7.74 15.08 -11.92
C LYS A 71 -6.44 15.84 -12.11
N LYS A 72 -5.52 15.70 -11.17
CA LYS A 72 -4.23 16.39 -11.24
C LYS A 72 -3.40 15.87 -12.41
N TYR A 73 -3.26 14.55 -12.49
CA TYR A 73 -2.49 13.92 -13.56
C TYR A 73 -3.00 14.38 -14.92
N LYS A 74 -4.32 14.45 -15.07
CA LYS A 74 -4.92 14.87 -16.32
C LYS A 74 -4.31 16.17 -16.82
N LYS A 75 -4.28 17.17 -15.95
CA LYS A 75 -3.72 18.47 -16.29
C LYS A 75 -2.25 18.34 -16.69
N MET A 76 -1.49 17.61 -15.88
CA MET A 76 -0.07 17.41 -16.14
C MET A 76 0.15 16.81 -17.52
N LYS A 77 -0.53 15.70 -17.79
CA LYS A 77 -0.41 15.03 -19.08
C LYS A 77 -1.18 15.79 -20.17
N GLU A 78 -0.78 15.59 -21.42
CA GLU A 78 -1.41 16.26 -22.54
C GLU A 78 -2.89 15.90 -22.61
N GLY A 79 -3.19 14.62 -22.47
CA GLY A 79 -4.57 14.16 -22.52
C GLY A 79 -4.70 12.67 -22.34
N GLU A 80 -5.51 12.26 -21.37
CA GLU A 80 -5.71 10.84 -21.08
C GLU A 80 -7.15 10.58 -20.62
N ASN A 81 -7.70 9.44 -21.03
CA ASN A 81 -9.05 9.08 -20.66
C ASN A 81 -9.19 7.56 -20.55
N ASN A 82 -9.75 7.10 -19.42
CA ASN A 82 -9.94 5.67 -19.19
C ASN A 82 -10.90 5.44 -18.04
N LYS A 83 -11.71 4.38 -18.15
CA LYS A 83 -12.68 4.05 -17.11
C LYS A 83 -11.99 3.35 -15.93
N ALA B 1 -14.24 10.46 12.10
CA ALA B 1 -15.13 10.62 10.95
C ALA B 1 -14.55 9.93 9.72
N ARG B 2 -13.31 10.26 9.39
CA ARG B 2 -12.65 9.66 8.22
C ARG B 2 -12.30 8.21 8.49
N THR B 3 -12.37 7.38 7.44
CA THR B 3 -12.07 5.96 7.55
C THR B 3 -10.56 5.73 7.57
N LYS B 4 -10.13 4.68 8.26
CA LYS B 4 -8.72 4.33 8.34
C LYS B 4 -8.46 2.93 7.80
N GLN B 5 -7.86 2.87 6.61
CA GLN B 5 -7.56 1.59 5.98
C GLN B 5 -6.07 1.30 6.01
N THR B 6 -5.66 0.38 6.89
CA THR B 6 -4.26 0.01 7.02
C THR B 6 -4.08 -1.50 6.97
N ALA B 7 -2.96 -1.94 6.40
CA ALA B 7 -2.67 -3.36 6.29
C ALA B 7 -1.18 -3.60 6.05
N ARG B 8 -0.67 -4.72 6.55
CA ARG B 8 0.73 -5.06 6.41
C ARG B 8 1.08 -5.32 4.94
N SER B 10 2.78 -6.60 2.16
CA SER B 10 2.47 -7.46 1.04
C SER B 10 2.39 -8.92 1.47
N THR B 11 1.59 -9.71 0.78
CA THR B 11 1.42 -11.12 1.10
C THR B 11 2.71 -11.89 0.85
N GLY B 12 3.05 -12.78 1.78
CA GLY B 12 4.27 -13.57 1.64
C GLY B 12 4.45 -14.55 2.79
N GLY B 13 3.88 -15.73 2.65
CA GLY B 13 3.99 -16.74 3.69
C GLY B 13 2.95 -17.83 3.55
N LYS B 14 3.41 -19.09 3.57
CA LYS B 14 2.51 -20.23 3.46
C LYS B 14 2.30 -20.90 4.81
N ALA B 15 3.40 -21.26 5.46
CA ALA B 15 3.34 -21.91 6.77
C ALA B 15 4.52 -21.51 7.63
N PRO B 16 4.37 -21.70 8.96
CA PRO B 16 5.42 -21.36 9.92
C PRO B 16 6.63 -22.30 9.83
N ARG B 17 6.35 -23.61 9.79
CA ARG B 17 7.40 -24.61 9.70
C ARG B 17 7.53 -25.14 8.27
N TYR B 18 8.72 -25.06 7.71
CA TYR B 18 8.97 -25.53 6.35
C TYR B 18 7.99 -24.89 5.37
N GLY A 1 6.73 -58.50 -0.45
CA GLY A 1 6.08 -57.47 0.33
C GLY A 1 6.81 -56.14 0.26
N SER A 2 8.06 -56.13 0.72
CA SER A 2 8.86 -54.92 0.71
C SER A 2 8.09 -53.75 1.34
N HIS A 3 7.53 -53.98 2.51
CA HIS A 3 6.78 -52.96 3.22
C HIS A 3 6.80 -53.19 4.73
N MET A 4 7.39 -52.25 5.45
CA MET A 4 7.49 -52.34 6.90
C MET A 4 6.51 -51.39 7.59
N GLY A 5 6.57 -50.12 7.21
CA GLY A 5 5.68 -49.14 7.79
C GLY A 5 6.00 -47.72 7.34
N LYS A 6 5.75 -47.45 6.06
CA LYS A 6 6.02 -46.13 5.50
C LYS A 6 4.98 -45.12 5.97
N LYS A 7 5.41 -44.19 6.82
CA LYS A 7 4.52 -43.16 7.35
C LYS A 7 5.31 -41.97 7.87
N THR A 8 4.99 -40.78 7.38
CA THR A 8 5.67 -39.57 7.79
C THR A 8 4.83 -38.77 8.78
N LYS A 9 5.49 -37.99 9.62
CA LYS A 9 4.80 -37.17 10.62
C LYS A 9 5.72 -36.09 11.17
N ARG A 10 5.25 -34.84 11.13
CA ARG A 10 6.02 -33.71 11.63
C ARG A 10 5.17 -32.80 12.50
N THR A 11 5.61 -32.56 13.72
CA THR A 11 4.88 -31.70 14.65
C THR A 11 5.82 -30.73 15.35
N ALA A 12 5.70 -29.45 15.01
CA ALA A 12 6.54 -28.42 15.61
C ALA A 12 5.73 -27.54 16.56
N ASP A 13 6.01 -27.65 17.86
CA ASP A 13 5.31 -26.87 18.86
C ASP A 13 6.18 -25.71 19.34
N GLU A 18 4.80 -12.25 18.90
CA GLU A 18 5.06 -11.51 17.67
C GLU A 18 4.88 -10.02 17.88
N ASP A 19 5.68 -9.23 17.18
CA ASP A 19 5.61 -7.77 17.29
C ASP A 19 4.71 -7.20 16.20
N GLU A 20 3.81 -6.29 16.59
CA GLU A 20 2.89 -5.67 15.65
C GLU A 20 3.65 -4.84 14.62
N GLU A 21 3.46 -5.18 13.34
CA GLU A 21 4.12 -4.47 12.25
C GLU A 21 3.13 -4.10 11.17
N GLU A 22 2.90 -2.79 11.02
CA GLU A 22 1.97 -2.30 10.00
C GLU A 22 2.39 -0.93 9.50
N TYR A 23 2.07 -0.63 8.25
CA TYR A 23 2.41 0.65 7.65
C TYR A 23 1.17 1.36 7.11
N VAL A 24 1.13 2.67 7.30
CA VAL A 24 0.01 3.48 6.83
C VAL A 24 0.37 4.27 5.58
N VAL A 25 -0.54 4.29 4.61
CA VAL A 25 -0.32 5.01 3.37
C VAL A 25 -0.87 6.43 3.45
N GLU A 26 -0.25 7.35 2.73
CA GLU A 26 -0.68 8.74 2.72
C GLU A 26 -1.62 9.02 1.55
N LYS A 27 -1.13 8.75 0.34
CA LYS A 27 -1.93 8.97 -0.87
C LYS A 27 -1.17 8.52 -2.11
N VAL A 28 -1.88 8.38 -3.22
CA VAL A 28 -1.27 7.96 -4.47
C VAL A 28 -0.32 9.03 -5.01
N LEU A 29 0.91 8.62 -5.29
CA LEU A 29 1.91 9.54 -5.81
C LEU A 29 2.01 9.45 -7.34
N ASP A 30 2.22 8.24 -7.84
CA ASP A 30 2.32 8.02 -9.28
C ASP A 30 1.69 6.69 -9.66
N ARG A 31 1.56 6.46 -10.98
CA ARG A 31 0.97 5.23 -11.48
C ARG A 31 1.77 4.68 -12.66
N ARG A 32 1.85 3.36 -12.75
CA ARG A 32 2.59 2.72 -13.84
C ARG A 32 2.00 1.35 -14.15
N MET A 33 2.41 0.77 -15.27
CA MET A 33 1.93 -0.53 -15.69
C MET A 33 3.07 -1.38 -16.28
N VAL A 34 3.20 -2.60 -15.78
CA VAL A 34 4.24 -3.50 -16.26
C VAL A 34 3.75 -4.96 -16.26
N LYS A 35 4.08 -5.68 -17.32
CA LYS A 35 3.68 -7.08 -17.45
C LYS A 35 2.18 -7.23 -17.30
N GLY A 36 1.43 -6.37 -18.01
CA GLY A 36 -0.02 -6.43 -17.95
C GLY A 36 -0.55 -6.24 -16.54
N GLN A 37 0.22 -5.54 -15.71
CA GLN A 37 -0.19 -5.28 -14.34
C GLN A 37 0.01 -3.82 -13.97
N VAL A 38 -1.05 -3.19 -13.47
CA VAL A 38 -0.99 -1.79 -13.08
C VAL A 38 -0.63 -1.64 -11.61
N GLU A 39 0.35 -0.80 -11.33
CA GLU A 39 0.79 -0.57 -9.96
C GLU A 39 0.70 0.92 -9.59
N TYR A 40 0.63 1.20 -8.30
CA TYR A 40 0.53 2.58 -7.82
C TYR A 40 1.54 2.84 -6.71
N LEU A 41 2.14 4.03 -6.73
CA LEU A 41 3.13 4.41 -5.73
C LEU A 41 2.45 4.85 -4.44
N LEU A 42 2.53 4.02 -3.42
CA LEU A 42 1.92 4.31 -2.12
C LEU A 42 2.99 4.71 -1.10
N LYS A 43 2.88 5.92 -0.57
CA LYS A 43 3.83 6.41 0.41
C LYS A 43 3.46 5.94 1.81
N TRP A 44 4.23 4.99 2.34
CA TRP A 44 3.98 4.45 3.67
C TRP A 44 4.62 5.33 4.74
N LYS A 45 4.11 5.23 5.96
CA LYS A 45 4.62 6.02 7.08
C LYS A 45 6.13 5.86 7.20
N GLY A 46 6.85 6.97 7.02
CA GLY A 46 8.30 6.92 7.11
C GLY A 46 8.97 6.72 5.76
N PHE A 47 8.28 6.01 4.87
CA PHE A 47 8.82 5.75 3.55
C PHE A 47 8.59 6.94 2.62
N SER A 48 9.60 7.25 1.80
CA SER A 48 9.51 8.36 0.87
C SER A 48 9.72 7.90 -0.57
N GLU A 49 9.55 8.82 -1.51
CA GLU A 49 9.72 8.49 -2.93
C GLU A 49 11.06 7.82 -3.17
N GLU A 50 12.04 8.12 -2.33
CA GLU A 50 13.38 7.54 -2.46
C GLU A 50 13.31 6.03 -2.51
N HIS A 51 12.34 5.46 -1.79
CA HIS A 51 12.17 4.01 -1.74
C HIS A 51 11.38 3.53 -2.96
N ASN A 52 10.62 4.43 -3.57
CA ASN A 52 9.82 4.09 -4.74
C ASN A 52 9.09 2.77 -4.53
N THR A 53 8.15 2.75 -3.60
CA THR A 53 7.39 1.55 -3.31
C THR A 53 6.10 1.50 -4.13
N TRP A 54 5.86 0.36 -4.77
CA TRP A 54 4.66 0.19 -5.59
C TRP A 54 3.79 -0.94 -5.05
N GLU A 55 2.48 -0.84 -5.27
CA GLU A 55 1.55 -1.86 -4.81
C GLU A 55 0.59 -2.26 -5.92
N PRO A 56 0.15 -3.53 -5.90
CA PRO A 56 -0.77 -4.08 -6.89
C PRO A 56 -2.17 -3.48 -6.77
N GLU A 57 -2.86 -3.35 -7.91
CA GLU A 57 -4.19 -2.80 -7.93
C GLU A 57 -5.13 -3.61 -7.04
N LYS A 58 -4.99 -4.93 -7.09
CA LYS A 58 -5.82 -5.82 -6.28
C LYS A 58 -5.75 -5.44 -4.80
N ASN A 59 -4.53 -5.27 -4.30
CA ASN A 59 -4.32 -4.91 -2.91
C ASN A 59 -4.70 -3.45 -2.66
N LEU A 60 -4.55 -2.63 -3.68
CA LEU A 60 -4.87 -1.20 -3.58
C LEU A 60 -6.30 -1.01 -3.07
N ASP A 61 -6.42 -0.68 -1.79
CA ASP A 61 -7.73 -0.46 -1.17
C ASP A 61 -8.02 1.03 -1.05
N CYS A 62 -7.91 1.75 -2.16
CA CYS A 62 -8.16 3.18 -2.17
C CYS A 62 -8.40 3.69 -3.58
N PRO A 63 -9.62 3.48 -4.10
CA PRO A 63 -10.01 3.90 -5.45
C PRO A 63 -10.12 5.41 -5.57
N GLU A 64 -10.75 6.04 -4.59
CA GLU A 64 -10.92 7.48 -4.60
C GLU A 64 -9.59 8.19 -4.87
N LEU A 65 -8.53 7.64 -4.30
CA LEU A 65 -7.19 8.21 -4.48
C LEU A 65 -6.85 8.38 -5.96
N ILE A 66 -7.21 7.37 -6.75
CA ILE A 66 -6.94 7.39 -8.18
C ILE A 66 -7.87 8.38 -8.88
N SER A 67 -9.15 8.31 -8.57
CA SER A 67 -10.15 9.20 -9.17
C SER A 67 -9.73 10.66 -9.04
N GLU A 68 -9.39 11.07 -7.82
CA GLU A 68 -8.96 12.44 -7.56
C GLU A 68 -7.62 12.73 -8.24
N PHE A 69 -6.66 11.82 -8.06
CA PHE A 69 -5.35 11.99 -8.66
C PHE A 69 -5.46 12.23 -10.17
N MET A 70 -6.34 11.47 -10.82
CA MET A 70 -6.53 11.60 -12.25
C MET A 70 -6.89 13.04 -12.63
N LYS A 71 -7.65 13.69 -11.76
CA LYS A 71 -8.06 15.07 -12.00
C LYS A 71 -6.85 15.99 -12.17
N LYS A 72 -5.93 15.93 -11.21
CA LYS A 72 -4.72 16.75 -11.25
C LYS A 72 -3.83 16.32 -12.42
N TYR A 73 -3.54 15.03 -12.50
CA TYR A 73 -2.69 14.51 -13.56
C TYR A 73 -3.23 14.91 -14.93
N LYS A 74 -4.54 14.84 -15.10
CA LYS A 74 -5.18 15.20 -16.36
C LYS A 74 -4.71 16.57 -16.83
N LYS A 75 -4.80 17.56 -15.94
CA LYS A 75 -4.38 18.92 -16.27
C LYS A 75 -2.90 18.95 -16.64
N MET A 76 -2.06 18.31 -15.83
CA MET A 76 -0.63 18.26 -16.08
C MET A 76 -0.34 17.72 -17.48
N LYS A 77 -0.88 16.53 -17.77
CA LYS A 77 -0.67 15.90 -19.06
C LYS A 77 -1.53 16.57 -20.14
N GLU A 78 -1.12 16.41 -21.39
CA GLU A 78 -1.85 17.00 -22.51
C GLU A 78 -3.28 16.49 -22.56
N GLY A 79 -3.43 15.17 -22.41
CA GLY A 79 -4.76 14.56 -22.45
C GLY A 79 -5.28 14.41 -23.85
N GLU A 80 -6.04 13.35 -24.09
CA GLU A 80 -6.60 13.08 -25.41
C GLU A 80 -8.10 13.35 -25.42
N ASN A 81 -8.58 13.94 -26.50
CA ASN A 81 -10.00 14.27 -26.64
C ASN A 81 -10.82 13.00 -26.87
N ASN A 82 -11.71 12.69 -25.92
CA ASN A 82 -12.55 11.50 -26.02
C ASN A 82 -14.00 11.84 -25.70
N LYS A 83 -14.93 11.06 -26.25
CA LYS A 83 -16.35 11.28 -26.02
C LYS A 83 -17.04 9.97 -25.66
N ALA B 1 -16.53 12.32 12.41
CA ALA B 1 -16.13 10.97 12.76
C ALA B 1 -14.74 10.65 12.21
N ARG B 2 -13.92 10.01 13.03
CA ARG B 2 -12.56 9.65 12.63
C ARG B 2 -12.49 8.19 12.18
N THR B 3 -12.04 7.98 10.94
CA THR B 3 -11.93 6.63 10.40
C THR B 3 -10.64 6.47 9.60
N LYS B 4 -9.83 5.49 9.98
CA LYS B 4 -8.56 5.24 9.31
C LYS B 4 -8.48 3.77 8.85
N GLN B 5 -7.78 3.55 7.75
CA GLN B 5 -7.62 2.20 7.22
C GLN B 5 -6.14 1.87 7.01
N THR B 6 -5.71 0.76 7.59
CA THR B 6 -4.32 0.32 7.47
C THR B 6 -4.23 -1.19 7.31
N ALA B 7 -3.11 -1.66 6.75
CA ALA B 7 -2.89 -3.08 6.54
C ALA B 7 -1.43 -3.38 6.26
N ARG B 8 -1.05 -4.66 6.36
CA ARG B 8 0.32 -5.07 6.11
C ARG B 8 0.56 -5.28 4.62
N SER B 10 1.80 -6.63 1.66
CA SER B 10 1.23 -7.28 0.49
C SER B 10 0.75 -8.70 0.83
N THR B 11 -0.15 -9.22 0.01
CA THR B 11 -0.69 -10.55 0.23
C THR B 11 0.41 -11.61 0.23
N GLY B 12 0.57 -12.29 1.36
CA GLY B 12 1.59 -13.31 1.47
C GLY B 12 1.13 -14.66 0.96
N GLY B 13 0.62 -14.68 -0.27
CA GLY B 13 0.14 -15.92 -0.85
C GLY B 13 1.11 -16.51 -1.85
N LYS B 14 1.51 -15.71 -2.83
CA LYS B 14 2.44 -16.16 -3.86
C LYS B 14 3.36 -15.02 -4.29
N ALA B 15 4.62 -15.10 -3.87
CA ALA B 15 5.60 -14.07 -4.21
C ALA B 15 6.95 -14.70 -4.56
N PRO B 16 7.79 -13.93 -5.27
CA PRO B 16 9.12 -14.39 -5.68
C PRO B 16 10.08 -14.53 -4.50
N ARG B 17 11.12 -15.34 -4.68
CA ARG B 17 12.11 -15.56 -3.64
C ARG B 17 11.44 -16.00 -2.34
N TYR B 18 10.65 -17.07 -2.43
CA TYR B 18 9.95 -17.60 -1.26
C TYR B 18 10.89 -18.42 -0.38
N GLY A 1 -40.59 -38.38 28.58
CA GLY A 1 -39.30 -37.71 28.59
C GLY A 1 -38.56 -37.91 29.89
N SER A 2 -37.57 -38.80 29.88
CA SER A 2 -36.78 -39.09 31.07
C SER A 2 -35.39 -38.48 30.94
N HIS A 3 -35.14 -37.43 31.72
CA HIS A 3 -33.84 -36.75 31.70
C HIS A 3 -33.68 -35.85 32.91
N MET A 4 -32.47 -35.79 33.45
CA MET A 4 -32.19 -34.95 34.62
C MET A 4 -31.64 -33.59 34.19
N GLY A 5 -30.58 -33.61 33.39
CA GLY A 5 -29.98 -32.38 32.92
C GLY A 5 -29.19 -32.56 31.65
N LYS A 6 -29.87 -32.46 30.51
CA LYS A 6 -29.22 -32.61 29.22
C LYS A 6 -28.42 -31.36 28.85
N LYS A 7 -27.19 -31.57 28.41
CA LYS A 7 -26.32 -30.46 28.03
C LYS A 7 -25.63 -30.75 26.69
N THR A 8 -25.92 -29.92 25.69
CA THR A 8 -25.33 -30.08 24.38
C THR A 8 -23.84 -29.74 24.39
N LYS A 9 -23.02 -30.65 23.90
CA LYS A 9 -21.57 -30.45 23.87
C LYS A 9 -21.14 -29.90 22.50
N ARG A 10 -20.75 -28.63 22.48
CA ARG A 10 -20.32 -27.98 21.25
C ARG A 10 -19.03 -27.20 21.47
N THR A 11 -18.03 -27.48 20.65
CA THR A 11 -16.75 -26.80 20.76
C THR A 11 -16.77 -25.46 20.04
N ALA A 12 -16.30 -24.42 20.72
CA ALA A 12 -16.27 -23.07 20.16
C ALA A 12 -14.90 -22.45 20.31
N ASP A 13 -14.32 -22.01 19.19
CA ASP A 13 -13.00 -21.39 19.19
C ASP A 13 -13.02 -20.08 18.41
N GLU A 18 -3.67 -10.34 16.03
CA GLU A 18 -3.18 -9.01 16.36
C GLU A 18 -2.46 -8.38 15.17
N ASP A 19 -2.54 -7.06 15.06
CA ASP A 19 -1.90 -6.34 13.97
C ASP A 19 -0.65 -5.60 14.46
N GLU A 20 0.51 -6.07 14.01
CA GLU A 20 1.77 -5.46 14.41
C GLU A 20 2.60 -5.09 13.18
N GLU A 21 3.46 -4.09 13.33
CA GLU A 21 4.31 -3.62 12.24
C GLU A 21 3.47 -3.29 11.01
N GLU A 22 2.51 -2.40 11.19
CA GLU A 22 1.63 -1.99 10.08
C GLU A 22 2.01 -0.59 9.59
N TYR A 23 1.93 -0.40 8.28
CA TYR A 23 2.26 0.89 7.67
C TYR A 23 1.01 1.56 7.12
N VAL A 24 0.96 2.89 7.24
CA VAL A 24 -0.18 3.65 6.75
C VAL A 24 0.17 4.40 5.47
N VAL A 25 -0.77 4.44 4.53
CA VAL A 25 -0.56 5.13 3.26
C VAL A 25 -0.98 6.59 3.35
N GLU A 26 -0.28 7.44 2.61
CA GLU A 26 -0.58 8.87 2.60
C GLU A 26 -1.41 9.25 1.38
N LYS A 27 -0.89 8.94 0.20
CA LYS A 27 -1.59 9.24 -1.04
C LYS A 27 -0.79 8.73 -2.24
N VAL A 28 -1.46 8.65 -3.39
CA VAL A 28 -0.81 8.19 -4.62
C VAL A 28 0.14 9.24 -5.16
N LEU A 29 1.23 8.77 -5.78
CA LEU A 29 2.22 9.67 -6.35
C LEU A 29 2.32 9.50 -7.86
N ASP A 30 2.46 8.24 -8.29
CA ASP A 30 2.55 7.94 -9.72
C ASP A 30 1.93 6.58 -10.02
N ARG A 31 1.71 6.32 -11.30
CA ARG A 31 1.12 5.06 -11.73
C ARG A 31 1.92 4.44 -12.88
N ARG A 32 1.97 3.10 -12.89
CA ARG A 32 2.72 2.39 -13.93
C ARG A 32 2.04 1.05 -14.24
N MET A 33 2.15 0.62 -15.49
CA MET A 33 1.56 -0.64 -15.92
C MET A 33 2.51 -1.40 -16.85
N VAL A 34 2.85 -2.62 -16.46
CA VAL A 34 3.75 -3.45 -17.26
C VAL A 34 3.38 -4.93 -17.15
N LYS A 35 3.43 -5.63 -18.27
CA LYS A 35 3.10 -7.05 -18.31
C LYS A 35 1.68 -7.29 -17.83
N GLY A 36 0.74 -6.51 -18.36
CA GLY A 36 -0.65 -6.66 -17.98
C GLY A 36 -0.86 -6.46 -16.48
N GLN A 37 0.11 -5.83 -15.83
CA GLN A 37 0.02 -5.59 -14.39
C GLN A 37 0.11 -4.10 -14.10
N VAL A 38 -0.88 -3.59 -13.37
CA VAL A 38 -0.91 -2.17 -13.00
C VAL A 38 -0.52 -1.97 -11.54
N GLU A 39 0.41 -1.06 -11.30
CA GLU A 39 0.86 -0.77 -9.95
C GLU A 39 0.76 0.72 -9.65
N TYR A 40 0.57 1.05 -8.37
CA TYR A 40 0.45 2.44 -7.94
C TYR A 40 1.43 2.75 -6.82
N LEU A 41 1.99 3.95 -6.86
CA LEU A 41 2.95 4.38 -5.84
C LEU A 41 2.23 4.84 -4.57
N LEU A 42 2.46 4.12 -3.48
CA LEU A 42 1.83 4.46 -2.21
C LEU A 42 2.88 4.84 -1.17
N LYS A 43 2.72 6.01 -0.56
CA LYS A 43 3.64 6.49 0.45
C LYS A 43 3.29 5.92 1.83
N TRP A 44 4.11 4.98 2.29
CA TRP A 44 3.89 4.35 3.59
C TRP A 44 4.51 5.18 4.71
N LYS A 45 4.01 4.99 5.92
CA LYS A 45 4.53 5.71 7.08
C LYS A 45 6.04 5.62 7.17
N GLY A 46 6.69 6.75 7.44
CA GLY A 46 8.14 6.75 7.54
C GLY A 46 8.82 6.40 6.24
N PHE A 47 8.14 6.67 5.12
CA PHE A 47 8.68 6.38 3.81
C PHE A 47 8.28 7.45 2.80
N SER A 48 9.20 7.77 1.89
CA SER A 48 8.94 8.79 0.87
C SER A 48 9.08 8.21 -0.53
N GLU A 49 8.78 9.03 -1.53
CA GLU A 49 8.89 8.59 -2.93
C GLU A 49 10.30 8.13 -3.25
N GLU A 50 11.26 8.54 -2.44
CA GLU A 50 12.65 8.17 -2.64
C GLU A 50 12.79 6.65 -2.74
N HIS A 51 12.08 5.94 -1.90
CA HIS A 51 12.12 4.48 -1.89
C HIS A 51 11.39 3.91 -3.10
N ASN A 52 10.51 4.72 -3.69
CA ASN A 52 9.74 4.30 -4.85
C ASN A 52 9.06 2.95 -4.60
N THR A 53 8.12 2.94 -3.67
CA THR A 53 7.40 1.72 -3.32
C THR A 53 6.11 1.61 -4.13
N TRP A 54 5.89 0.44 -4.72
CA TRP A 54 4.70 0.20 -5.52
C TRP A 54 3.87 -0.93 -4.94
N GLU A 55 2.55 -0.85 -5.08
CA GLU A 55 1.65 -1.87 -4.57
C GLU A 55 0.71 -2.38 -5.66
N PRO A 56 0.33 -3.65 -5.56
CA PRO A 56 -0.56 -4.29 -6.54
C PRO A 56 -1.99 -3.74 -6.46
N GLU A 57 -2.69 -3.77 -7.58
CA GLU A 57 -4.07 -3.27 -7.64
C GLU A 57 -4.95 -4.03 -6.66
N LYS A 58 -4.78 -5.34 -6.59
CA LYS A 58 -5.56 -6.17 -5.70
C LYS A 58 -5.48 -5.66 -4.26
N ASN A 59 -4.26 -5.40 -3.80
CA ASN A 59 -4.03 -4.90 -2.45
C ASN A 59 -4.46 -3.44 -2.33
N LEU A 60 -4.38 -2.72 -3.43
CA LEU A 60 -4.75 -1.30 -3.45
C LEU A 60 -6.18 -1.12 -2.94
N ASP A 61 -6.30 -0.69 -1.68
CA ASP A 61 -7.61 -0.48 -1.08
C ASP A 61 -7.91 1.02 -0.98
N CYS A 62 -7.81 1.72 -2.10
CA CYS A 62 -8.07 3.15 -2.14
C CYS A 62 -8.37 3.61 -3.56
N PRO A 63 -9.61 3.38 -4.01
CA PRO A 63 -10.05 3.76 -5.35
C PRO A 63 -10.17 5.27 -5.50
N GLU A 64 -10.80 5.91 -4.53
CA GLU A 64 -10.98 7.37 -4.57
C GLU A 64 -9.67 8.07 -4.88
N LEU A 65 -8.58 7.54 -4.33
CA LEU A 65 -7.26 8.13 -4.55
C LEU A 65 -6.96 8.25 -6.05
N ILE A 66 -7.29 7.21 -6.80
CA ILE A 66 -7.06 7.20 -8.24
C ILE A 66 -7.95 8.22 -8.94
N SER A 67 -9.23 8.23 -8.57
CA SER A 67 -10.18 9.15 -9.16
C SER A 67 -9.67 10.59 -9.11
N GLU A 68 -9.24 11.01 -7.91
CA GLU A 68 -8.73 12.36 -7.73
C GLU A 68 -7.37 12.52 -8.39
N PHE A 69 -6.53 11.49 -8.27
CA PHE A 69 -5.19 11.52 -8.85
C PHE A 69 -5.25 11.88 -10.34
N MET A 70 -6.20 11.27 -11.05
CA MET A 70 -6.37 11.53 -12.47
C MET A 70 -6.65 13.01 -12.73
N LYS A 71 -7.37 13.65 -11.81
CA LYS A 71 -7.71 15.05 -11.94
C LYS A 71 -6.45 15.91 -11.95
N LYS A 72 -5.59 15.73 -10.95
CA LYS A 72 -4.35 16.48 -10.85
C LYS A 72 -3.45 16.20 -12.05
N TYR A 73 -3.21 14.92 -12.31
CA TYR A 73 -2.36 14.52 -13.43
C TYR A 73 -2.88 15.10 -14.74
N LYS A 74 -4.19 15.05 -14.93
CA LYS A 74 -4.81 15.58 -16.14
C LYS A 74 -4.33 17.00 -16.42
N LYS A 75 -4.39 17.85 -15.41
CA LYS A 75 -3.96 19.24 -15.55
C LYS A 75 -2.46 19.32 -15.80
N MET A 76 -1.69 18.57 -15.03
CA MET A 76 -0.24 18.55 -15.17
C MET A 76 0.16 18.24 -16.61
N LYS A 77 -0.35 17.13 -17.13
CA LYS A 77 -0.04 16.71 -18.50
C LYS A 77 -0.91 17.47 -19.50
N GLU A 78 -0.43 17.57 -20.74
CA GLU A 78 -1.17 18.26 -21.79
C GLU A 78 -2.26 17.37 -22.37
N GLY A 79 -3.50 17.70 -22.04
CA GLY A 79 -4.63 16.92 -22.54
C GLY A 79 -5.82 17.78 -22.90
N GLU A 80 -6.70 17.25 -23.75
CA GLU A 80 -7.88 17.99 -24.17
C GLU A 80 -8.78 18.31 -22.97
N ASN A 81 -9.07 19.59 -22.79
CA ASN A 81 -9.90 20.04 -21.69
C ASN A 81 -11.36 19.64 -21.92
N ASN A 82 -12.05 19.26 -20.84
CA ASN A 82 -13.44 18.85 -20.93
C ASN A 82 -14.37 19.99 -20.49
N LYS A 83 -15.59 19.97 -21.00
CA LYS A 83 -16.57 21.01 -20.67
C LYS A 83 -17.04 20.86 -19.23
N ALA B 1 -15.00 12.28 11.32
CA ALA B 1 -15.01 10.82 11.32
C ALA B 1 -13.72 10.27 11.92
N ARG B 2 -13.80 9.06 12.46
CA ARG B 2 -12.63 8.41 13.06
C ARG B 2 -12.33 7.09 12.36
N THR B 3 -12.19 7.15 11.04
CA THR B 3 -11.90 5.96 10.25
C THR B 3 -10.47 6.00 9.72
N LYS B 4 -9.90 4.82 9.48
CA LYS B 4 -8.54 4.71 8.96
C LYS B 4 -8.28 3.32 8.40
N GLN B 5 -8.17 3.23 7.09
CA GLN B 5 -7.93 1.96 6.42
C GLN B 5 -6.44 1.69 6.29
N THR B 6 -5.92 0.77 7.10
CA THR B 6 -4.50 0.43 7.08
C THR B 6 -4.30 -1.07 6.88
N ALA B 7 -3.13 -1.43 6.36
CA ALA B 7 -2.82 -2.83 6.11
C ALA B 7 -1.32 -3.03 5.91
N ARG B 8 -0.83 -4.22 6.25
CA ARG B 8 0.59 -4.54 6.10
C ARG B 8 0.97 -4.66 4.63
N SER B 10 2.67 -5.82 1.80
CA SER B 10 2.32 -6.52 0.56
C SER B 10 2.07 -8.00 0.82
N THR B 11 0.87 -8.46 0.50
CA THR B 11 0.51 -9.86 0.71
C THR B 11 0.27 -10.57 -0.62
N GLY B 12 0.60 -11.85 -0.66
CA GLY B 12 0.41 -12.62 -1.88
C GLY B 12 1.72 -12.86 -2.62
N GLY B 13 2.65 -13.54 -1.96
CA GLY B 13 3.93 -13.82 -2.58
C GLY B 13 3.87 -14.97 -3.56
N LYS B 14 4.80 -15.91 -3.44
CA LYS B 14 4.84 -17.07 -4.32
C LYS B 14 3.86 -18.14 -3.87
N ALA B 15 2.77 -18.32 -4.62
CA ALA B 15 1.77 -19.31 -4.29
C ALA B 15 0.93 -19.67 -5.52
N PRO B 16 0.26 -20.83 -5.46
CA PRO B 16 -0.58 -21.31 -6.56
C PRO B 16 -1.85 -20.49 -6.72
N ARG B 17 -2.08 -19.99 -7.93
CA ARG B 17 -3.25 -19.18 -8.22
C ARG B 17 -4.44 -20.06 -8.59
N TYR B 18 -5.64 -19.57 -8.31
CA TYR B 18 -6.87 -20.32 -8.61
C TYR B 18 -7.88 -19.44 -9.31
N GLY A 1 48.17 -7.86 33.44
CA GLY A 1 46.84 -8.35 33.76
C GLY A 1 46.29 -7.72 35.03
N SER A 2 44.99 -7.46 35.03
CA SER A 2 44.33 -6.85 36.20
C SER A 2 43.80 -7.92 37.14
N HIS A 3 43.01 -8.84 36.60
CA HIS A 3 42.43 -9.92 37.40
C HIS A 3 42.01 -9.42 38.77
N MET A 4 41.40 -8.23 38.80
CA MET A 4 40.95 -7.64 40.06
C MET A 4 39.53 -8.11 40.41
N GLY A 5 38.61 -7.95 39.46
CA GLY A 5 37.23 -8.36 39.70
C GLY A 5 36.41 -8.35 38.43
N LYS A 6 35.91 -9.51 38.04
CA LYS A 6 35.10 -9.63 36.83
C LYS A 6 33.66 -9.19 37.10
N LYS A 7 33.19 -8.21 36.34
CA LYS A 7 31.84 -7.70 36.49
C LYS A 7 30.82 -8.64 35.87
N THR A 8 29.62 -8.69 36.44
CA THR A 8 28.56 -9.55 35.93
C THR A 8 27.88 -8.94 34.72
N LYS A 9 27.35 -9.79 33.85
CA LYS A 9 26.67 -9.33 32.64
C LYS A 9 25.32 -10.02 32.48
N ARG A 10 24.25 -9.25 32.52
CA ARG A 10 22.90 -9.79 32.38
C ARG A 10 22.08 -8.95 31.41
N THR A 11 21.23 -9.62 30.64
CA THR A 11 20.39 -8.94 29.66
C THR A 11 18.93 -8.87 30.13
N ALA A 12 18.34 -7.70 30.06
CA ALA A 12 16.96 -7.50 30.48
C ALA A 12 16.00 -7.71 29.32
N ASP A 13 15.29 -8.82 29.33
CA ASP A 13 14.33 -9.15 28.28
C ASP A 13 12.92 -8.74 28.69
N GLU A 18 5.26 -7.40 22.07
CA GLU A 18 4.83 -7.75 20.72
C GLU A 18 4.48 -6.50 19.92
N ASP A 19 4.93 -6.46 18.67
CA ASP A 19 4.66 -5.32 17.80
C ASP A 19 4.21 -5.80 16.42
N GLU A 20 3.03 -5.34 16.01
CA GLU A 20 2.48 -5.71 14.71
C GLU A 20 3.12 -4.89 13.59
N GLU A 21 3.51 -5.57 12.52
CA GLU A 21 4.14 -4.91 11.38
C GLU A 21 3.09 -4.42 10.40
N GLU A 22 2.88 -3.10 10.36
CA GLU A 22 1.90 -2.52 9.45
C GLU A 22 2.32 -1.10 9.05
N TYR A 23 1.94 -0.71 7.84
CA TYR A 23 2.28 0.61 7.32
C TYR A 23 1.03 1.33 6.82
N VAL A 24 0.99 2.64 7.03
CA VAL A 24 -0.15 3.46 6.61
C VAL A 24 0.21 4.28 5.37
N VAL A 25 -0.67 4.24 4.37
CA VAL A 25 -0.45 4.99 3.14
C VAL A 25 -0.90 6.44 3.28
N GLU A 26 -0.21 7.34 2.59
CA GLU A 26 -0.54 8.76 2.64
C GLU A 26 -1.41 9.17 1.46
N LYS A 27 -0.90 8.91 0.25
CA LYS A 27 -1.62 9.25 -0.97
C LYS A 27 -0.87 8.76 -2.20
N VAL A 28 -1.56 8.71 -3.33
CA VAL A 28 -0.95 8.27 -4.58
C VAL A 28 0.00 9.32 -5.15
N LEU A 29 1.17 8.89 -5.57
CA LEU A 29 2.17 9.79 -6.13
C LEU A 29 2.22 9.68 -7.65
N ASP A 30 2.38 8.46 -8.13
CA ASP A 30 2.45 8.20 -9.57
C ASP A 30 1.77 6.87 -9.92
N ARG A 31 1.56 6.65 -11.21
CA ARG A 31 0.93 5.42 -11.68
C ARG A 31 1.69 4.84 -12.86
N ARG A 32 1.80 3.51 -12.90
CA ARG A 32 2.50 2.82 -13.98
C ARG A 32 1.90 1.44 -14.22
N MET A 33 2.31 0.81 -15.31
CA MET A 33 1.83 -0.52 -15.65
C MET A 33 2.96 -1.40 -16.17
N VAL A 34 3.05 -2.62 -15.65
CA VAL A 34 4.09 -3.56 -16.06
C VAL A 34 3.58 -5.00 -16.03
N LYS A 35 3.93 -5.76 -17.06
CA LYS A 35 3.50 -7.16 -17.14
C LYS A 35 1.98 -7.27 -17.06
N GLY A 36 1.28 -6.43 -17.82
CA GLY A 36 -0.17 -6.45 -17.81
C GLY A 36 -0.75 -6.21 -16.43
N GLN A 37 0.00 -5.50 -15.59
CA GLN A 37 -0.44 -5.20 -14.23
C GLN A 37 -0.20 -3.74 -13.90
N VAL A 38 -1.25 -3.06 -13.45
CA VAL A 38 -1.16 -1.64 -13.10
C VAL A 38 -0.75 -1.48 -11.64
N GLU A 39 0.29 -0.68 -11.40
CA GLU A 39 0.77 -0.44 -10.05
C GLU A 39 0.69 1.03 -9.69
N TYR A 40 0.57 1.33 -8.40
CA TYR A 40 0.47 2.71 -7.93
C TYR A 40 1.48 2.97 -6.82
N LEU A 41 2.05 4.17 -6.83
CA LEU A 41 3.03 4.56 -5.83
C LEU A 41 2.35 4.97 -4.53
N LEU A 42 2.47 4.13 -3.50
CA LEU A 42 1.86 4.41 -2.20
C LEU A 42 2.93 4.81 -1.18
N LYS A 43 2.76 5.98 -0.58
CA LYS A 43 3.69 6.47 0.42
C LYS A 43 3.39 5.89 1.80
N TRP A 44 4.22 4.96 2.25
CA TRP A 44 4.02 4.32 3.55
C TRP A 44 4.62 5.18 4.66
N LYS A 45 4.13 4.99 5.88
CA LYS A 45 4.62 5.74 7.02
C LYS A 45 6.11 5.49 7.25
N GLY A 46 6.88 6.57 7.28
CA GLY A 46 8.31 6.44 7.49
C GLY A 46 9.08 6.39 6.19
N PHE A 47 8.45 5.84 5.15
CA PHE A 47 9.09 5.72 3.84
C PHE A 47 8.84 6.97 3.01
N SER A 48 9.76 7.26 2.09
CA SER A 48 9.65 8.43 1.24
C SER A 48 9.66 8.02 -0.24
N GLU A 49 9.33 8.97 -1.11
CA GLU A 49 9.29 8.72 -2.54
C GLU A 49 10.63 8.16 -3.03
N GLU A 50 11.69 8.47 -2.29
CA GLU A 50 13.03 8.01 -2.64
C GLU A 50 13.05 6.49 -2.83
N HIS A 51 12.30 5.80 -1.98
CA HIS A 51 12.23 4.34 -2.05
C HIS A 51 11.40 3.88 -3.25
N ASN A 52 10.55 4.77 -3.74
CA ASN A 52 9.71 4.46 -4.89
C ASN A 52 9.04 3.10 -4.72
N THR A 53 8.13 3.02 -3.75
CA THR A 53 7.41 1.78 -3.48
C THR A 53 6.11 1.71 -4.27
N TRP A 54 5.88 0.58 -4.93
CA TRP A 54 4.67 0.40 -5.73
C TRP A 54 3.84 -0.76 -5.19
N GLU A 55 2.53 -0.68 -5.38
CA GLU A 55 1.63 -1.74 -4.92
C GLU A 55 0.66 -2.15 -6.02
N PRO A 56 0.25 -3.43 -5.99
CA PRO A 56 -0.67 -3.99 -6.98
C PRO A 56 -2.08 -3.43 -6.83
N GLU A 57 -2.80 -3.37 -7.95
CA GLU A 57 -4.17 -2.86 -7.94
C GLU A 57 -5.06 -3.66 -7.00
N LYS A 58 -4.89 -4.99 -7.04
CA LYS A 58 -5.68 -5.87 -6.19
C LYS A 58 -5.57 -5.47 -4.72
N ASN A 59 -4.34 -5.25 -4.27
CA ASN A 59 -4.09 -4.86 -2.88
C ASN A 59 -4.50 -3.41 -2.65
N LEU A 60 -4.42 -2.61 -3.70
CA LEU A 60 -4.78 -1.19 -3.61
C LEU A 60 -6.20 -1.03 -3.07
N ASP A 61 -6.31 -0.70 -1.79
CA ASP A 61 -7.59 -0.51 -1.15
C ASP A 61 -7.93 0.98 -1.01
N CYS A 62 -7.88 1.69 -2.13
CA CYS A 62 -8.17 3.13 -2.12
C CYS A 62 -8.53 3.60 -3.53
N PRO A 63 -9.78 3.38 -3.94
CA PRO A 63 -10.27 3.78 -5.25
C PRO A 63 -10.39 5.30 -5.39
N GLU A 64 -10.99 5.93 -4.38
CA GLU A 64 -11.17 7.38 -4.39
C GLU A 64 -9.87 8.09 -4.75
N LEU A 65 -8.76 7.55 -4.25
CA LEU A 65 -7.45 8.13 -4.52
C LEU A 65 -7.19 8.26 -6.02
N ILE A 66 -7.57 7.23 -6.77
CA ILE A 66 -7.39 7.23 -8.22
C ILE A 66 -8.28 8.27 -8.88
N SER A 67 -9.55 8.29 -8.48
CA SER A 67 -10.51 9.23 -9.04
C SER A 67 -9.99 10.67 -8.93
N GLU A 68 -9.47 11.02 -7.76
CA GLU A 68 -8.94 12.35 -7.53
C GLU A 68 -7.59 12.53 -8.23
N PHE A 69 -6.73 11.53 -8.10
CA PHE A 69 -5.41 11.58 -8.73
C PHE A 69 -5.53 11.89 -10.21
N MET A 70 -6.47 11.25 -10.89
CA MET A 70 -6.68 11.46 -12.32
C MET A 70 -6.92 12.94 -12.61
N LYS A 71 -7.65 13.60 -11.72
CA LYS A 71 -7.96 15.02 -11.88
C LYS A 71 -6.68 15.83 -12.04
N LYS A 72 -5.76 15.67 -11.10
CA LYS A 72 -4.49 16.39 -11.13
C LYS A 72 -3.62 15.90 -12.28
N TYR A 73 -3.48 14.59 -12.40
CA TYR A 73 -2.67 14.00 -13.47
C TYR A 73 -3.08 14.54 -14.82
N LYS A 74 -4.38 14.66 -15.04
CA LYS A 74 -4.91 15.17 -16.31
C LYS A 74 -4.24 16.48 -16.69
N LYS A 75 -4.22 17.43 -15.76
CA LYS A 75 -3.60 18.73 -16.00
C LYS A 75 -2.12 18.56 -16.32
N MET A 76 -1.41 17.76 -15.52
CA MET A 76 0.00 17.53 -15.72
C MET A 76 0.27 16.99 -17.13
N LYS A 77 -0.42 15.91 -17.49
CA LYS A 77 -0.26 15.31 -18.80
C LYS A 77 -0.93 16.15 -19.88
N GLU A 78 -0.44 16.03 -21.11
CA GLU A 78 -1.01 16.78 -22.22
C GLU A 78 -2.38 16.23 -22.61
N GLY A 79 -2.45 14.93 -22.86
CA GLY A 79 -3.70 14.31 -23.24
C GLY A 79 -4.70 14.30 -22.11
N GLU A 80 -5.98 14.48 -22.44
CA GLU A 80 -7.03 14.49 -21.44
C GLU A 80 -8.28 13.76 -21.95
N ASN A 81 -8.91 12.98 -21.08
CA ASN A 81 -10.11 12.24 -21.45
C ASN A 81 -11.02 12.05 -20.24
N ASN A 82 -12.30 12.35 -20.43
CA ASN A 82 -13.28 12.21 -19.35
C ASN A 82 -13.59 10.74 -19.07
N LYS A 83 -13.59 10.36 -17.80
CA LYS A 83 -13.86 8.99 -17.41
C LYS A 83 -14.89 8.95 -16.28
N ALA B 1 -12.65 13.04 15.39
CA ALA B 1 -11.57 12.42 14.63
C ALA B 1 -12.11 11.50 13.54
N ARG B 2 -11.44 11.46 12.40
CA ARG B 2 -11.85 10.62 11.29
C ARG B 2 -11.19 9.25 11.36
N THR B 3 -11.95 8.21 11.05
CA THR B 3 -11.44 6.85 11.08
C THR B 3 -10.68 6.52 9.80
N LYS B 4 -9.73 5.60 9.89
CA LYS B 4 -8.94 5.18 8.74
C LYS B 4 -8.57 3.71 8.83
N GLN B 5 -8.43 3.07 7.67
CA GLN B 5 -8.08 1.65 7.62
C GLN B 5 -6.62 1.47 7.22
N THR B 6 -6.02 0.39 7.70
CA THR B 6 -4.62 0.09 7.40
C THR B 6 -4.41 -1.40 7.15
N ALA B 7 -3.37 -1.72 6.40
CA ALA B 7 -3.06 -3.12 6.09
C ALA B 7 -1.57 -3.30 5.82
N ARG B 8 -1.08 -4.53 6.00
CA ARG B 8 0.32 -4.84 5.79
C ARG B 8 0.66 -4.82 4.30
N SER B 10 2.22 -5.71 1.30
CA SER B 10 1.82 -6.27 0.02
C SER B 10 1.55 -7.76 0.15
N THR B 11 0.30 -8.16 -0.08
CA THR B 11 -0.09 -9.56 0.00
C THR B 11 0.36 -10.33 -1.23
N GLY B 12 1.29 -11.27 -1.03
CA GLY B 12 1.79 -12.07 -2.13
C GLY B 12 2.88 -13.03 -1.70
N GLY B 13 2.58 -13.87 -0.72
CA GLY B 13 3.56 -14.82 -0.23
C GLY B 13 4.78 -14.16 0.36
N LYS B 14 4.59 -13.39 1.43
CA LYS B 14 5.68 -12.69 2.08
C LYS B 14 5.40 -12.52 3.58
N ALA B 15 6.46 -12.43 4.37
CA ALA B 15 6.33 -12.26 5.81
C ALA B 15 7.18 -11.09 6.30
N PRO B 16 6.84 -10.58 7.50
CA PRO B 16 7.55 -9.46 8.11
C PRO B 16 8.96 -9.84 8.56
N ARG B 17 9.96 -9.16 8.02
CA ARG B 17 11.35 -9.44 8.36
C ARG B 17 11.63 -9.04 9.81
N TYR B 18 11.16 -7.86 10.20
CA TYR B 18 11.37 -7.36 11.55
C TYR B 18 10.18 -6.52 12.02
N GLY A 1 28.74 18.97 57.04
CA GLY A 1 28.14 17.93 56.22
C GLY A 1 26.63 17.97 56.24
N SER A 2 26.02 18.06 55.06
CA SER A 2 24.57 18.12 54.95
C SER A 2 24.10 17.43 53.67
N HIS A 3 22.94 16.78 53.75
CA HIS A 3 22.38 16.08 52.59
C HIS A 3 21.62 17.05 51.69
N MET A 4 20.68 17.78 52.28
CA MET A 4 19.87 18.75 51.53
C MET A 4 19.21 18.08 50.32
N GLY A 5 18.44 17.03 50.58
CA GLY A 5 17.77 16.32 49.51
C GLY A 5 18.57 15.15 49.00
N LYS A 6 19.51 15.43 48.10
CA LYS A 6 20.36 14.38 47.53
C LYS A 6 19.50 13.30 46.86
N LYS A 7 19.33 13.42 45.55
CA LYS A 7 18.55 12.46 44.79
C LYS A 7 19.39 11.81 43.69
N THR A 8 19.58 10.50 43.79
CA THR A 8 20.36 9.76 42.80
C THR A 8 19.58 9.58 41.50
N LYS A 9 20.27 9.72 40.39
CA LYS A 9 19.65 9.57 39.07
C LYS A 9 20.08 8.26 38.41
N ARG A 10 19.11 7.50 37.92
CA ARG A 10 19.38 6.23 37.26
C ARG A 10 18.63 6.13 35.94
N THR A 11 19.34 5.75 34.88
CA THR A 11 18.74 5.61 33.56
C THR A 11 18.00 4.28 33.43
N ALA A 12 16.72 4.35 33.06
CA ALA A 12 15.91 3.15 32.91
C ALA A 12 15.65 2.86 31.43
N ASP A 13 16.22 1.78 30.93
CA ASP A 13 16.05 1.39 29.53
C ASP A 13 14.74 0.64 29.34
N GLU A 18 9.15 -1.11 20.39
CA GLU A 18 7.96 -1.24 19.55
C GLU A 18 8.31 -1.90 18.21
N ASP A 19 7.47 -2.82 17.77
CA ASP A 19 7.69 -3.51 16.51
C ASP A 19 6.76 -2.97 15.43
N GLU A 20 7.19 -3.08 14.18
CA GLU A 20 6.40 -2.59 13.05
C GLU A 20 6.21 -3.69 12.01
N GLU A 21 4.96 -3.90 11.60
CA GLU A 21 4.65 -4.92 10.60
C GLU A 21 3.78 -4.34 9.48
N GLU A 22 2.67 -3.72 9.86
CA GLU A 22 1.77 -3.13 8.89
C GLU A 22 2.11 -1.67 8.64
N TYR A 23 1.87 -1.21 7.42
CA TYR A 23 2.17 0.17 7.05
C TYR A 23 0.90 0.90 6.62
N VAL A 24 0.83 2.19 6.91
CA VAL A 24 -0.32 3.00 6.56
C VAL A 24 -0.01 3.89 5.36
N VAL A 25 -0.80 3.72 4.29
CA VAL A 25 -0.61 4.51 3.07
C VAL A 25 -0.92 5.99 3.32
N GLU A 26 -0.24 6.86 2.60
CA GLU A 26 -0.44 8.30 2.74
C GLU A 26 -1.22 8.86 1.56
N LYS A 27 -0.73 8.60 0.35
CA LYS A 27 -1.38 9.08 -0.86
C LYS A 27 -0.64 8.60 -2.11
N VAL A 28 -1.30 8.69 -3.25
CA VAL A 28 -0.71 8.27 -4.52
C VAL A 28 0.28 9.31 -5.04
N LEU A 29 1.34 8.84 -5.68
CA LEU A 29 2.36 9.74 -6.23
C LEU A 29 2.41 9.63 -7.75
N ASP A 30 2.52 8.40 -8.25
CA ASP A 30 2.59 8.18 -9.69
C ASP A 30 1.92 6.86 -10.06
N ARG A 31 1.70 6.65 -11.35
CA ARG A 31 1.07 5.42 -11.82
C ARG A 31 1.97 4.69 -12.82
N ARG A 32 1.89 3.37 -12.82
CA ARG A 32 2.70 2.55 -13.73
C ARG A 32 2.17 1.12 -13.80
N MET A 33 2.34 0.50 -14.96
CA MET A 33 1.87 -0.87 -15.15
C MET A 33 3.00 -1.76 -15.66
N VAL A 34 3.14 -2.93 -15.05
CA VAL A 34 4.18 -3.87 -15.45
C VAL A 34 3.65 -5.30 -15.50
N LYS A 35 4.04 -6.03 -16.54
CA LYS A 35 3.59 -7.41 -16.72
C LYS A 35 2.06 -7.49 -16.74
N GLY A 36 1.45 -6.57 -17.47
CA GLY A 36 -0.01 -6.56 -17.57
C GLY A 36 -0.68 -6.40 -16.22
N GLN A 37 0.01 -5.75 -15.28
CA GLN A 37 -0.52 -5.54 -13.95
C GLN A 37 -0.42 -4.06 -13.55
N VAL A 38 -1.55 -3.49 -13.14
CA VAL A 38 -1.59 -2.10 -12.73
C VAL A 38 -0.91 -1.90 -11.38
N GLU A 39 -0.09 -0.86 -11.28
CA GLU A 39 0.62 -0.56 -10.05
C GLU A 39 0.56 0.93 -9.73
N TYR A 40 0.47 1.26 -8.45
CA TYR A 40 0.40 2.64 -8.01
C TYR A 40 1.42 2.93 -6.91
N LEU A 41 2.08 4.07 -7.02
CA LEU A 41 3.09 4.46 -6.03
C LEU A 41 2.44 4.96 -4.76
N LEU A 42 2.46 4.14 -3.71
CA LEU A 42 1.87 4.50 -2.43
C LEU A 42 2.95 4.80 -1.40
N LYS A 43 2.77 5.88 -0.66
CA LYS A 43 3.73 6.28 0.36
C LYS A 43 3.36 5.68 1.72
N TRP A 44 4.14 4.69 2.16
CA TRP A 44 3.89 4.04 3.44
C TRP A 44 4.39 4.90 4.59
N LYS A 45 3.83 4.67 5.78
CA LYS A 45 4.22 5.42 6.96
C LYS A 45 5.72 5.36 7.19
N GLY A 46 6.37 6.52 7.18
CA GLY A 46 7.80 6.57 7.39
C GLY A 46 8.58 6.52 6.08
N PHE A 47 8.02 5.84 5.09
CA PHE A 47 8.66 5.72 3.79
C PHE A 47 8.30 6.90 2.89
N SER A 48 9.24 7.29 2.03
CA SER A 48 9.02 8.40 1.12
C SER A 48 9.19 7.96 -0.34
N GLU A 49 8.92 8.87 -1.26
CA GLU A 49 9.03 8.58 -2.68
C GLU A 49 10.43 8.07 -3.01
N GLU A 50 11.39 8.41 -2.17
CA GLU A 50 12.78 8.00 -2.37
C GLU A 50 12.88 6.49 -2.56
N HIS A 51 12.11 5.76 -1.76
CA HIS A 51 12.10 4.30 -1.83
C HIS A 51 11.36 3.81 -3.08
N ASN A 52 10.52 4.68 -3.64
CA ASN A 52 9.76 4.34 -4.84
C ASN A 52 9.05 3.00 -4.67
N THR A 53 8.09 2.96 -3.74
CA THR A 53 7.33 1.74 -3.49
C THR A 53 6.06 1.70 -4.33
N TRP A 54 5.85 0.58 -5.00
CA TRP A 54 4.66 0.41 -5.84
C TRP A 54 3.72 -0.63 -5.25
N GLU A 55 2.43 -0.48 -5.53
CA GLU A 55 1.42 -1.41 -5.02
C GLU A 55 0.49 -1.86 -6.13
N PRO A 56 0.20 -3.17 -6.17
CA PRO A 56 -0.68 -3.77 -7.18
C PRO A 56 -2.14 -3.35 -6.99
N GLU A 57 -2.91 -3.41 -8.07
CA GLU A 57 -4.32 -3.05 -8.01
C GLU A 57 -5.06 -3.89 -6.97
N LYS A 58 -4.85 -5.20 -7.02
CA LYS A 58 -5.51 -6.11 -6.08
C LYS A 58 -5.31 -5.63 -4.64
N ASN A 59 -4.09 -5.21 -4.32
CA ASN A 59 -3.78 -4.73 -2.98
C ASN A 59 -4.28 -3.30 -2.78
N LEU A 60 -4.34 -2.54 -3.87
CA LEU A 60 -4.81 -1.16 -3.81
C LEU A 60 -6.20 -1.08 -3.20
N ASP A 61 -6.26 -0.66 -1.94
CA ASP A 61 -7.53 -0.53 -1.24
C ASP A 61 -7.90 0.93 -1.03
N CYS A 62 -7.68 1.74 -2.06
CA CYS A 62 -7.99 3.16 -2.00
C CYS A 62 -8.08 3.77 -3.40
N PRO A 63 -9.26 3.61 -4.03
CA PRO A 63 -9.50 4.13 -5.38
C PRO A 63 -9.58 5.65 -5.40
N GLU A 64 -10.21 6.23 -4.38
CA GLU A 64 -10.34 7.68 -4.30
C GLU A 64 -9.01 8.37 -4.54
N LEU A 65 -7.95 7.80 -3.98
CA LEU A 65 -6.60 8.36 -4.14
C LEU A 65 -6.23 8.50 -5.61
N ILE A 66 -6.61 7.50 -6.40
CA ILE A 66 -6.32 7.51 -7.83
C ILE A 66 -7.29 8.42 -8.58
N SER A 67 -8.57 8.30 -8.26
CA SER A 67 -9.60 9.11 -8.90
C SER A 67 -9.25 10.59 -8.83
N GLU A 68 -8.95 11.07 -7.64
CA GLU A 68 -8.59 12.48 -7.44
C GLU A 68 -7.30 12.82 -8.19
N PHE A 69 -6.29 11.96 -8.04
CA PHE A 69 -5.01 12.18 -8.69
C PHE A 69 -5.19 12.39 -10.19
N MET A 70 -6.05 11.58 -10.80
CA MET A 70 -6.32 11.69 -12.23
C MET A 70 -6.80 13.09 -12.59
N LYS A 71 -7.59 13.68 -11.71
CA LYS A 71 -8.12 15.02 -11.93
C LYS A 71 -6.99 16.01 -12.17
N LYS A 72 -6.01 16.03 -11.28
CA LYS A 72 -4.87 16.93 -11.39
C LYS A 72 -4.02 16.57 -12.60
N TYR A 73 -3.67 15.29 -12.71
CA TYR A 73 -2.85 14.82 -13.82
C TYR A 73 -3.45 15.21 -15.15
N LYS A 74 -4.78 15.07 -15.26
CA LYS A 74 -5.49 15.41 -16.48
C LYS A 74 -5.11 16.81 -16.96
N LYS A 75 -5.20 17.79 -16.06
CA LYS A 75 -4.87 19.16 -16.39
C LYS A 75 -3.43 19.28 -16.87
N MET A 76 -2.53 18.58 -16.18
CA MET A 76 -1.11 18.60 -16.54
C MET A 76 -0.91 18.25 -18.01
N LYS A 77 -1.48 17.13 -18.43
CA LYS A 77 -1.37 16.69 -19.83
C LYS A 77 -2.24 17.55 -20.73
N GLU A 78 -1.79 17.73 -21.97
CA GLU A 78 -2.53 18.53 -22.94
C GLU A 78 -3.65 17.72 -23.57
N GLY A 79 -4.87 18.21 -23.44
CA GLY A 79 -6.01 17.51 -24.01
C GLY A 79 -7.31 18.30 -23.88
N GLU A 80 -7.79 18.43 -22.65
CA GLU A 80 -9.03 19.17 -22.40
C GLU A 80 -10.19 18.56 -23.18
N ASN A 81 -10.99 17.74 -22.50
CA ASN A 81 -12.13 17.10 -23.13
C ASN A 81 -13.42 17.43 -22.38
N ASN A 82 -14.48 17.73 -23.13
CA ASN A 82 -15.76 18.07 -22.55
C ASN A 82 -16.56 16.81 -22.22
N LYS A 83 -17.33 16.87 -21.14
CA LYS A 83 -18.14 15.73 -20.72
C LYS A 83 -19.37 16.20 -19.95
N ALA B 1 -17.70 7.62 14.28
CA ALA B 1 -16.64 6.63 14.46
C ALA B 1 -15.56 6.78 13.39
N ARG B 2 -14.31 6.84 13.82
CA ARG B 2 -13.19 6.99 12.88
C ARG B 2 -12.86 5.65 12.22
N THR B 3 -12.48 5.71 10.95
CA THR B 3 -12.14 4.51 10.20
C THR B 3 -10.78 4.65 9.52
N LYS B 4 -10.04 3.55 9.47
CA LYS B 4 -8.73 3.55 8.84
C LYS B 4 -8.46 2.23 8.12
N GLN B 5 -8.17 2.31 6.82
CA GLN B 5 -7.90 1.13 6.02
C GLN B 5 -6.40 0.89 5.88
N THR B 6 -5.87 -0.08 6.60
CA THR B 6 -4.46 -0.40 6.56
C THR B 6 -4.23 -1.84 6.11
N ALA B 7 -3.13 -2.07 5.40
CA ALA B 7 -2.79 -3.40 4.91
C ALA B 7 -1.29 -3.58 4.81
N ARG B 8 -0.85 -4.84 4.82
CA ARG B 8 0.58 -5.15 4.73
C ARG B 8 1.01 -5.30 3.28
N SER B 10 2.63 -6.49 0.45
CA SER B 10 2.22 -7.12 -0.79
C SER B 10 1.85 -8.59 -0.57
N THR B 11 0.64 -8.95 -1.01
CA THR B 11 0.15 -10.32 -0.85
C THR B 11 0.95 -11.28 -1.72
N GLY B 12 1.29 -12.43 -1.15
CA GLY B 12 2.05 -13.43 -1.88
C GLY B 12 2.71 -14.45 -0.97
N GLY B 13 4.02 -14.30 -0.77
CA GLY B 13 4.75 -15.22 0.07
C GLY B 13 6.25 -15.04 -0.03
N LYS B 14 6.75 -13.92 0.48
CA LYS B 14 8.19 -13.64 0.43
C LYS B 14 8.94 -14.51 1.42
N ALA B 15 9.80 -15.39 0.89
CA ALA B 15 10.58 -16.29 1.73
C ALA B 15 11.85 -15.60 2.22
N PRO B 16 12.43 -16.14 3.30
CA PRO B 16 13.67 -15.59 3.90
C PRO B 16 14.88 -15.80 3.01
N ARG B 17 15.62 -14.72 2.75
CA ARG B 17 16.81 -14.79 1.91
C ARG B 17 17.95 -15.48 2.65
N TYR B 18 18.26 -15.01 3.84
CA TYR B 18 19.34 -15.58 4.64
C TYR B 18 18.90 -15.75 6.09
N GLY A 1 -37.98 9.88 34.95
CA GLY A 1 -36.65 9.51 34.49
C GLY A 1 -36.64 9.03 33.05
N SER A 2 -36.24 9.90 32.14
CA SER A 2 -36.20 9.56 30.72
C SER A 2 -34.76 9.33 30.26
N HIS A 3 -34.49 8.12 29.77
CA HIS A 3 -33.16 7.78 29.29
C HIS A 3 -33.24 6.94 28.02
N MET A 4 -32.78 7.51 26.92
CA MET A 4 -32.79 6.80 25.64
C MET A 4 -31.58 5.89 25.49
N GLY A 5 -30.39 6.48 25.67
CA GLY A 5 -29.17 5.71 25.56
C GLY A 5 -27.93 6.55 25.82
N LYS A 6 -27.70 6.87 27.08
CA LYS A 6 -26.54 7.68 27.46
C LYS A 6 -25.43 6.80 28.03
N LYS A 7 -24.35 6.65 27.27
CA LYS A 7 -23.21 5.84 27.69
C LYS A 7 -21.92 6.36 27.08
N THR A 8 -20.86 6.40 27.89
CA THR A 8 -19.56 6.88 27.43
C THR A 8 -18.45 5.93 27.88
N LYS A 9 -17.68 5.43 26.92
CA LYS A 9 -16.58 4.53 27.22
C LYS A 9 -15.53 4.55 26.10
N ARG A 10 -14.33 5.02 26.43
CA ARG A 10 -13.26 5.09 25.45
C ARG A 10 -11.90 4.98 26.15
N THR A 11 -11.13 3.97 25.75
CA THR A 11 -9.80 3.74 26.33
C THR A 11 -8.77 3.52 25.24
N ALA A 12 -7.63 4.21 25.36
CA ALA A 12 -6.55 4.08 24.38
C ALA A 12 -5.25 3.65 25.06
N ASP A 13 -4.68 2.55 24.57
CA ASP A 13 -3.43 2.03 25.13
C ASP A 13 -2.57 1.41 24.03
N GLU A 18 9.26 -1.04 18.91
CA GLU A 18 9.83 -2.12 18.11
C GLU A 18 9.56 -1.90 16.62
N ASP A 19 10.38 -2.53 15.78
CA ASP A 19 10.22 -2.40 14.34
C ASP A 19 8.85 -2.87 13.88
N GLU A 20 8.00 -1.91 13.50
CA GLU A 20 6.65 -2.23 13.05
C GLU A 20 6.68 -3.08 11.78
N GLU A 21 5.62 -3.83 11.55
CA GLU A 21 5.52 -4.69 10.38
C GLU A 21 4.54 -4.12 9.36
N GLU A 22 3.34 -3.80 9.82
CA GLU A 22 2.30 -3.24 8.95
C GLU A 22 2.54 -1.76 8.72
N TYR A 23 2.35 -1.33 7.48
CA TYR A 23 2.55 0.08 7.12
C TYR A 23 1.23 0.70 6.65
N VAL A 24 1.11 2.01 6.86
CA VAL A 24 -0.09 2.73 6.47
C VAL A 24 0.15 3.57 5.22
N VAL A 25 -0.84 3.64 4.35
CA VAL A 25 -0.73 4.41 3.11
C VAL A 25 -1.10 5.87 3.33
N GLU A 26 -0.36 6.77 2.70
CA GLU A 26 -0.62 8.20 2.84
C GLU A 26 -1.47 8.71 1.68
N LYS A 27 -1.00 8.47 0.46
CA LYS A 27 -1.73 8.91 -0.73
C LYS A 27 -1.01 8.46 -1.99
N VAL A 28 -1.71 8.52 -3.12
CA VAL A 28 -1.14 8.11 -4.40
C VAL A 28 -0.07 9.10 -4.86
N LEU A 29 0.97 8.59 -5.52
CA LEU A 29 2.05 9.44 -6.01
C LEU A 29 2.15 9.36 -7.54
N ASP A 30 2.21 8.13 -8.05
CA ASP A 30 2.31 7.92 -9.49
C ASP A 30 1.64 6.60 -9.89
N ARG A 31 1.51 6.39 -11.19
CA ARG A 31 0.89 5.18 -11.70
C ARG A 31 1.60 4.69 -12.95
N ARG A 32 1.76 3.37 -13.07
CA ARG A 32 2.43 2.77 -14.21
C ARG A 32 1.86 1.39 -14.52
N MET A 33 2.10 0.91 -15.74
CA MET A 33 1.61 -0.40 -16.15
C MET A 33 2.67 -1.14 -16.96
N VAL A 34 2.98 -2.36 -16.54
CA VAL A 34 3.98 -3.17 -17.21
C VAL A 34 3.61 -4.65 -17.16
N LYS A 35 3.78 -5.35 -18.27
CA LYS A 35 3.48 -6.77 -18.35
C LYS A 35 2.03 -7.04 -17.96
N GLY A 36 1.12 -6.23 -18.50
CA GLY A 36 -0.30 -6.40 -18.20
C GLY A 36 -0.59 -6.25 -16.73
N GLN A 37 0.24 -5.48 -16.03
CA GLN A 37 0.07 -5.26 -14.60
C GLN A 37 0.22 -3.78 -14.25
N VAL A 38 -0.78 -3.24 -13.57
CA VAL A 38 -0.77 -1.84 -13.18
C VAL A 38 -0.36 -1.68 -11.72
N GLU A 39 0.55 -0.75 -11.45
CA GLU A 39 1.02 -0.50 -10.09
C GLU A 39 0.89 0.97 -9.74
N TYR A 40 0.63 1.25 -8.46
CA TYR A 40 0.49 2.62 -7.99
C TYR A 40 1.50 2.93 -6.88
N LEU A 41 2.18 4.06 -7.01
CA LEU A 41 3.18 4.46 -6.03
C LEU A 41 2.50 5.03 -4.78
N LEU A 42 2.57 4.28 -3.69
CA LEU A 42 1.97 4.70 -2.43
C LEU A 42 3.05 5.10 -1.42
N LYS A 43 2.64 5.81 -0.37
CA LYS A 43 3.56 6.26 0.67
C LYS A 43 3.29 5.53 1.98
N TRP A 44 4.18 4.61 2.34
CA TRP A 44 4.04 3.85 3.57
C TRP A 44 4.48 4.68 4.78
N LYS A 45 4.00 4.29 5.95
CA LYS A 45 4.34 5.00 7.18
C LYS A 45 5.86 5.07 7.35
N GLY A 46 6.35 6.28 7.64
CA GLY A 46 7.78 6.46 7.82
C GLY A 46 8.56 6.22 6.55
N PHE A 47 7.92 6.43 5.40
CA PHE A 47 8.57 6.22 4.11
C PHE A 47 8.23 7.36 3.16
N SER A 48 9.17 7.68 2.27
CA SER A 48 8.97 8.74 1.30
C SER A 48 9.12 8.22 -0.13
N GLU A 49 8.84 9.08 -1.09
CA GLU A 49 8.94 8.71 -2.50
C GLU A 49 10.34 8.22 -2.84
N GLU A 50 11.31 8.59 -2.01
CA GLU A 50 12.70 8.18 -2.22
C GLU A 50 12.81 6.66 -2.37
N HIS A 51 12.04 5.94 -1.56
CA HIS A 51 12.05 4.49 -1.60
C HIS A 51 11.33 3.98 -2.86
N ASN A 52 10.49 4.82 -3.43
CA ASN A 52 9.73 4.46 -4.63
C ASN A 52 9.06 3.10 -4.45
N THR A 53 8.09 3.03 -3.55
CA THR A 53 7.37 1.80 -3.29
C THR A 53 6.10 1.70 -4.15
N TRP A 54 5.93 0.56 -4.80
CA TRP A 54 4.77 0.34 -5.65
C TRP A 54 3.86 -0.73 -5.06
N GLU A 55 2.55 -0.55 -5.27
CA GLU A 55 1.57 -1.51 -4.75
C GLU A 55 0.57 -1.91 -5.84
N PRO A 56 0.16 -3.18 -5.82
CA PRO A 56 -0.79 -3.73 -6.79
C PRO A 56 -2.19 -3.17 -6.61
N GLU A 57 -2.97 -3.15 -7.69
CA GLU A 57 -4.33 -2.64 -7.63
C GLU A 57 -5.17 -3.41 -6.61
N LYS A 58 -5.00 -4.73 -6.60
CA LYS A 58 -5.74 -5.58 -5.67
C LYS A 58 -5.53 -5.12 -4.23
N ASN A 59 -4.26 -4.91 -3.86
CA ASN A 59 -3.92 -4.47 -2.51
C ASN A 59 -4.29 -3.01 -2.31
N LEU A 60 -4.27 -2.24 -3.39
CA LEU A 60 -4.60 -0.82 -3.34
C LEU A 60 -5.94 -0.61 -2.65
N ASP A 61 -5.89 -0.18 -1.40
CA ASP A 61 -7.11 0.07 -0.63
C ASP A 61 -7.41 1.56 -0.55
N CYS A 62 -7.30 2.25 -1.68
CA CYS A 62 -7.56 3.68 -1.74
C CYS A 62 -8.03 4.09 -3.13
N PRO A 63 -9.29 3.78 -3.44
CA PRO A 63 -9.89 4.11 -4.75
C PRO A 63 -10.11 5.62 -4.92
N GLU A 64 -10.67 6.25 -3.90
CA GLU A 64 -10.93 7.68 -3.94
C GLU A 64 -9.68 8.46 -4.33
N LEU A 65 -8.55 8.06 -3.75
CA LEU A 65 -7.27 8.72 -4.02
C LEU A 65 -6.95 8.66 -5.52
N ILE A 66 -7.40 7.59 -6.17
CA ILE A 66 -7.16 7.42 -7.59
C ILE A 66 -7.96 8.42 -8.42
N SER A 67 -9.23 8.59 -8.06
CA SER A 67 -10.11 9.51 -8.76
C SER A 67 -9.53 10.92 -8.76
N GLU A 68 -9.16 11.41 -7.57
CA GLU A 68 -8.59 12.74 -7.43
C GLU A 68 -7.26 12.84 -8.18
N PHE A 69 -6.43 11.81 -8.04
CA PHE A 69 -5.13 11.79 -8.69
C PHE A 69 -5.27 11.98 -10.20
N MET A 70 -6.25 11.29 -10.78
CA MET A 70 -6.49 11.38 -12.22
C MET A 70 -6.75 12.82 -12.64
N LYS A 71 -7.39 13.59 -11.75
CA LYS A 71 -7.70 14.99 -12.03
C LYS A 71 -6.43 15.76 -12.36
N LYS A 72 -5.43 15.65 -11.50
CA LYS A 72 -4.16 16.34 -11.70
C LYS A 72 -3.42 15.78 -12.91
N TYR A 73 -3.26 14.46 -12.94
CA TYR A 73 -2.57 13.81 -14.05
C TYR A 73 -3.18 14.21 -15.38
N LYS A 74 -4.50 14.24 -15.45
CA LYS A 74 -5.20 14.61 -16.67
C LYS A 74 -4.66 15.92 -17.23
N LYS A 75 -4.60 16.94 -16.38
CA LYS A 75 -4.11 18.25 -16.79
C LYS A 75 -2.68 18.14 -17.33
N MET A 76 -1.86 17.35 -16.66
CA MET A 76 -0.47 17.16 -17.07
C MET A 76 -0.40 16.71 -18.54
N LYS A 77 -1.12 15.64 -18.85
CA LYS A 77 -1.14 15.11 -20.21
C LYS A 77 -1.97 16.01 -21.14
N GLU A 78 -1.65 15.98 -22.42
CA GLU A 78 -2.37 16.78 -23.41
C GLU A 78 -3.72 16.15 -23.74
N GLY A 79 -4.80 16.85 -23.40
CA GLY A 79 -6.13 16.35 -23.67
C GLY A 79 -7.14 17.46 -23.85
N GLU A 80 -7.98 17.66 -22.84
CA GLU A 80 -9.01 18.70 -22.90
C GLU A 80 -8.50 20.00 -22.28
N ASN A 81 -9.03 21.12 -22.75
CA ASN A 81 -8.62 22.43 -22.24
C ASN A 81 -9.64 22.96 -21.24
N ASN A 82 -9.17 23.75 -20.28
CA ASN A 82 -10.04 24.32 -19.27
C ASN A 82 -9.39 25.54 -18.63
N LYS A 83 -9.96 26.71 -18.89
CA LYS A 83 -9.44 27.97 -18.34
C LYS A 83 -10.34 28.48 -17.23
N ALA B 1 -10.10 2.74 20.30
CA ALA B 1 -9.57 4.08 20.38
C ALA B 1 -9.72 4.81 19.04
N ARG B 2 -9.21 4.19 17.98
CA ARG B 2 -9.28 4.77 16.64
C ARG B 2 -9.23 3.68 15.57
N THR B 3 -10.04 3.83 14.54
CA THR B 3 -10.08 2.87 13.45
C THR B 3 -9.48 3.44 12.17
N LYS B 4 -8.82 2.59 11.39
CA LYS B 4 -8.19 3.02 10.14
C LYS B 4 -7.79 1.81 9.30
N GLN B 5 -7.74 2.01 7.99
CA GLN B 5 -7.36 0.94 7.07
C GLN B 5 -5.85 0.80 6.99
N THR B 6 -5.37 -0.44 6.89
CA THR B 6 -3.94 -0.69 6.80
C THR B 6 -3.67 -2.08 6.24
N ALA B 7 -2.50 -2.25 5.61
CA ALA B 7 -2.12 -3.53 5.03
C ALA B 7 -0.60 -3.70 5.04
N ARG B 8 -0.15 -4.93 4.77
CA ARG B 8 1.27 -5.23 4.76
C ARG B 8 1.76 -5.46 3.34
N SER B 10 3.75 -6.77 0.69
CA SER B 10 3.52 -7.57 -0.51
C SER B 10 3.47 -9.05 -0.17
N THR B 11 2.29 -9.65 -0.33
CA THR B 11 2.10 -11.07 -0.04
C THR B 11 1.91 -11.87 -1.32
N GLY B 12 2.54 -13.04 -1.39
CA GLY B 12 2.42 -13.88 -2.57
C GLY B 12 3.49 -13.59 -3.60
N GLY B 13 4.57 -14.37 -3.56
CA GLY B 13 5.66 -14.19 -4.51
C GLY B 13 5.30 -14.66 -5.90
N LYS B 14 5.97 -15.72 -6.35
CA LYS B 14 5.71 -16.27 -7.68
C LYS B 14 4.86 -17.53 -7.59
N ALA B 15 3.57 -17.39 -7.87
CA ALA B 15 2.64 -18.51 -7.82
C ALA B 15 1.31 -18.15 -8.47
N PRO B 16 0.54 -19.18 -8.85
CA PRO B 16 -0.77 -18.99 -9.48
C PRO B 16 -1.81 -18.45 -8.51
N ARG B 17 -2.60 -17.49 -8.97
CA ARG B 17 -3.64 -16.89 -8.14
C ARG B 17 -4.86 -17.81 -8.05
N TYR B 18 -5.38 -18.21 -9.21
CA TYR B 18 -6.55 -19.07 -9.26
C TYR B 18 -6.18 -20.46 -9.79
N GLY A 1 -52.25 -22.66 -2.85
CA GLY A 1 -51.21 -21.79 -2.34
C GLY A 1 -50.27 -21.31 -3.42
N SER A 2 -49.07 -20.90 -3.03
CA SER A 2 -48.08 -20.41 -3.99
C SER A 2 -46.70 -20.35 -3.34
N HIS A 3 -45.81 -21.25 -3.76
CA HIS A 3 -44.46 -21.29 -3.23
C HIS A 3 -43.50 -21.93 -4.23
N MET A 4 -42.69 -21.11 -4.87
CA MET A 4 -41.72 -21.59 -5.86
C MET A 4 -40.59 -22.36 -5.18
N GLY A 5 -39.74 -22.98 -5.99
CA GLY A 5 -38.64 -23.76 -5.45
C GLY A 5 -37.62 -22.89 -4.73
N LYS A 6 -37.85 -22.65 -3.44
CA LYS A 6 -36.95 -21.83 -2.64
C LYS A 6 -35.53 -22.39 -2.68
N LYS A 7 -34.58 -21.56 -3.12
CA LYS A 7 -33.18 -21.97 -3.19
C LYS A 7 -32.27 -20.86 -2.70
N THR A 8 -31.30 -21.23 -1.86
CA THR A 8 -30.36 -20.25 -1.31
C THR A 8 -29.01 -20.91 -1.01
N LYS A 9 -27.97 -20.45 -1.71
CA LYS A 9 -26.63 -20.99 -1.51
C LYS A 9 -25.67 -19.91 -1.02
N ARG A 10 -25.28 -20.00 0.25
CA ARG A 10 -24.36 -19.04 0.84
C ARG A 10 -23.77 -19.56 2.13
N THR A 11 -22.59 -19.07 2.49
CA THR A 11 -21.92 -19.49 3.70
C THR A 11 -21.32 -18.30 4.46
N ALA A 12 -21.67 -18.18 5.73
CA ALA A 12 -21.17 -17.09 6.56
C ALA A 12 -19.96 -17.52 7.37
N ASP A 13 -18.80 -17.01 7.01
CA ASP A 13 -17.56 -17.34 7.71
C ASP A 13 -16.56 -16.20 7.65
N GLU A 18 -4.02 -11.51 12.32
CA GLU A 18 -3.29 -10.42 12.96
C GLU A 18 -2.22 -9.85 12.03
N ASP A 19 -2.14 -8.53 11.98
CA ASP A 19 -1.16 -7.86 11.12
C ASP A 19 0.03 -7.37 11.95
N GLU A 20 1.23 -7.55 11.40
CA GLU A 20 2.45 -7.13 12.08
C GLU A 20 3.29 -6.24 11.18
N GLU A 21 3.88 -5.19 11.78
CA GLU A 21 4.71 -4.26 11.03
C GLU A 21 3.96 -3.71 9.82
N GLU A 22 2.79 -3.13 10.08
CA GLU A 22 1.97 -2.57 9.00
C GLU A 22 2.30 -1.09 8.80
N TYR A 23 2.05 -0.60 7.59
CA TYR A 23 2.32 0.79 7.26
C TYR A 23 1.05 1.51 6.84
N VAL A 24 1.02 2.83 7.02
CA VAL A 24 -0.14 3.63 6.66
C VAL A 24 0.13 4.44 5.39
N VAL A 25 -0.74 4.29 4.41
CA VAL A 25 -0.60 5.00 3.15
C VAL A 25 -1.03 6.47 3.29
N GLU A 26 -0.31 7.35 2.62
CA GLU A 26 -0.62 8.78 2.68
C GLU A 26 -1.44 9.21 1.46
N LYS A 27 -0.91 8.94 0.27
CA LYS A 27 -1.60 9.29 -0.97
C LYS A 27 -0.83 8.78 -2.18
N VAL A 28 -1.50 8.76 -3.33
CA VAL A 28 -0.88 8.28 -4.56
C VAL A 28 0.10 9.32 -5.11
N LEU A 29 1.30 8.86 -5.46
CA LEU A 29 2.32 9.76 -6.01
C LEU A 29 2.37 9.66 -7.52
N ASP A 30 2.45 8.43 -8.03
CA ASP A 30 2.50 8.21 -9.47
C ASP A 30 1.82 6.88 -9.84
N ARG A 31 1.61 6.67 -11.14
CA ARG A 31 0.97 5.45 -11.61
C ARG A 31 1.76 4.85 -12.78
N ARG A 32 1.82 3.53 -12.82
CA ARG A 32 2.54 2.84 -13.88
C ARG A 32 1.98 1.44 -14.10
N MET A 33 2.43 0.78 -15.15
CA MET A 33 1.96 -0.57 -15.48
C MET A 33 3.12 -1.44 -15.95
N VAL A 34 3.19 -2.66 -15.41
CA VAL A 34 4.25 -3.60 -15.78
C VAL A 34 3.74 -5.03 -15.77
N LYS A 35 4.13 -5.81 -16.78
CA LYS A 35 3.72 -7.19 -16.87
C LYS A 35 2.20 -7.31 -16.88
N GLY A 36 1.54 -6.47 -17.68
CA GLY A 36 0.10 -6.50 -17.76
C GLY A 36 -0.56 -6.26 -16.42
N GLN A 37 0.14 -5.56 -15.54
CA GLN A 37 -0.38 -5.25 -14.21
C GLN A 37 -0.15 -3.78 -13.86
N VAL A 38 -1.22 -3.09 -13.49
CA VAL A 38 -1.13 -1.68 -13.12
C VAL A 38 -0.76 -1.52 -11.65
N GLU A 39 0.29 -0.74 -11.40
CA GLU A 39 0.75 -0.50 -10.04
C GLU A 39 0.65 0.97 -9.68
N TYR A 40 0.55 1.26 -8.38
CA TYR A 40 0.44 2.63 -7.91
C TYR A 40 1.44 2.90 -6.79
N LEU A 41 1.97 4.12 -6.76
CA LEU A 41 2.95 4.51 -5.75
C LEU A 41 2.25 4.92 -4.45
N LEU A 42 2.43 4.15 -3.40
CA LEU A 42 1.82 4.44 -2.11
C LEU A 42 2.86 4.88 -1.10
N LYS A 43 2.63 6.03 -0.47
CA LYS A 43 3.54 6.57 0.52
C LYS A 43 3.29 5.95 1.89
N TRP A 44 4.20 5.07 2.31
CA TRP A 44 4.08 4.40 3.60
C TRP A 44 4.70 5.25 4.70
N LYS A 45 4.25 5.03 5.94
CA LYS A 45 4.78 5.76 7.09
C LYS A 45 6.28 5.57 7.22
N GLY A 46 7.03 6.67 7.14
CA GLY A 46 8.47 6.60 7.26
C GLY A 46 9.15 6.48 5.91
N PHE A 47 8.47 5.85 4.95
CA PHE A 47 9.03 5.68 3.62
C PHE A 47 8.74 6.91 2.75
N SER A 48 9.67 7.21 1.85
CA SER A 48 9.52 8.36 0.96
C SER A 48 9.57 7.93 -0.50
N GLU A 49 9.26 8.85 -1.40
CA GLU A 49 9.27 8.57 -2.83
C GLU A 49 10.63 8.02 -3.27
N GLU A 50 11.66 8.35 -2.50
CA GLU A 50 13.01 7.89 -2.81
C GLU A 50 13.05 6.37 -2.98
N HIS A 51 12.33 5.67 -2.11
CA HIS A 51 12.28 4.22 -2.16
C HIS A 51 11.44 3.75 -3.34
N ASN A 52 10.57 4.62 -3.83
CA ASN A 52 9.71 4.28 -4.97
C ASN A 52 9.01 2.95 -4.74
N THR A 53 8.12 2.91 -3.76
CA THR A 53 7.39 1.69 -3.45
C THR A 53 6.06 1.63 -4.21
N TRP A 54 5.82 0.50 -4.87
CA TRP A 54 4.59 0.32 -5.63
C TRP A 54 3.78 -0.86 -5.09
N GLU A 55 2.47 -0.80 -5.30
CA GLU A 55 1.58 -1.86 -4.83
C GLU A 55 0.65 -2.32 -5.94
N PRO A 56 0.23 -3.59 -5.87
CA PRO A 56 -0.68 -4.19 -6.87
C PRO A 56 -2.09 -3.61 -6.78
N GLU A 57 -2.75 -3.49 -7.92
CA GLU A 57 -4.11 -2.96 -7.97
C GLU A 57 -5.04 -3.78 -7.08
N LYS A 58 -4.89 -5.10 -7.13
CA LYS A 58 -5.71 -6.00 -6.33
C LYS A 58 -5.67 -5.60 -4.86
N ASN A 59 -4.48 -5.40 -4.33
CA ASN A 59 -4.31 -5.01 -2.94
C ASN A 59 -4.74 -3.56 -2.71
N LEU A 60 -4.60 -2.74 -3.75
CA LEU A 60 -4.98 -1.34 -3.67
C LEU A 60 -6.43 -1.18 -3.24
N ASP A 61 -6.63 -0.89 -1.96
CA ASP A 61 -7.97 -0.71 -1.41
C ASP A 61 -8.29 0.77 -1.22
N CYS A 62 -8.15 1.54 -2.29
CA CYS A 62 -8.42 2.98 -2.23
C CYS A 62 -8.67 3.54 -3.63
N PRO A 63 -9.90 3.39 -4.12
CA PRO A 63 -10.30 3.87 -5.44
C PRO A 63 -10.35 5.39 -5.52
N GLU A 64 -10.94 6.00 -4.49
CA GLU A 64 -11.07 7.46 -4.44
C GLU A 64 -9.72 8.13 -4.73
N LEU A 65 -8.65 7.53 -4.23
CA LEU A 65 -7.31 8.06 -4.43
C LEU A 65 -7.00 8.22 -5.92
N ILE A 66 -7.40 7.23 -6.70
CA ILE A 66 -7.17 7.25 -8.14
C ILE A 66 -8.06 8.29 -8.82
N SER A 67 -9.33 8.29 -8.46
CA SER A 67 -10.29 9.23 -9.04
C SER A 67 -9.78 10.66 -8.92
N GLU A 68 -9.32 11.02 -7.71
CA GLU A 68 -8.81 12.36 -7.47
C GLU A 68 -7.47 12.57 -8.16
N PHE A 69 -6.59 11.58 -8.04
CA PHE A 69 -5.27 11.66 -8.66
C PHE A 69 -5.38 11.99 -10.14
N MET A 70 -6.32 11.33 -10.83
CA MET A 70 -6.53 11.56 -12.24
C MET A 70 -6.81 13.03 -12.53
N LYS A 71 -7.54 13.68 -11.62
CA LYS A 71 -7.87 15.09 -11.77
C LYS A 71 -6.61 15.94 -11.94
N LYS A 72 -5.66 15.76 -11.02
CA LYS A 72 -4.41 16.50 -11.06
C LYS A 72 -3.58 16.09 -12.28
N TYR A 73 -3.39 14.79 -12.45
CA TYR A 73 -2.61 14.27 -13.57
C TYR A 73 -3.13 14.82 -14.89
N LYS A 74 -4.45 14.82 -15.06
CA LYS A 74 -5.08 15.33 -16.27
C LYS A 74 -4.54 16.72 -16.63
N LYS A 75 -4.57 17.62 -15.66
CA LYS A 75 -4.09 18.98 -15.87
C LYS A 75 -2.62 18.98 -16.32
N MET A 76 -1.83 18.12 -15.69
CA MET A 76 -0.41 18.01 -16.04
C MET A 76 -0.22 17.78 -17.52
N LYS A 77 -0.90 16.76 -18.06
CA LYS A 77 -0.81 16.44 -19.47
C LYS A 77 -1.78 17.28 -20.29
N GLU A 78 -1.58 17.31 -21.60
CA GLU A 78 -2.45 18.07 -22.49
C GLU A 78 -3.82 17.42 -22.61
N GLY A 79 -3.82 16.14 -22.96
CA GLY A 79 -5.07 15.42 -23.11
C GLY A 79 -5.82 15.80 -24.37
N GLU A 80 -6.71 14.92 -24.82
CA GLU A 80 -7.49 15.17 -26.03
C GLU A 80 -8.97 14.92 -25.78
N ASN A 81 -9.82 15.62 -26.53
CA ASN A 81 -11.27 15.48 -26.40
C ASN A 81 -11.70 15.70 -24.94
N ASN A 82 -11.32 16.84 -24.38
CA ASN A 82 -11.67 17.18 -23.01
C ASN A 82 -12.99 17.93 -22.95
N LYS A 83 -13.67 17.84 -21.82
CA LYS A 83 -14.95 18.52 -21.63
C LYS A 83 -14.75 20.02 -21.50
N ALA B 1 -12.17 9.18 14.80
CA ALA B 1 -12.61 7.90 14.27
C ALA B 1 -12.10 6.74 15.12
N ARG B 2 -12.90 5.69 15.21
CA ARG B 2 -12.53 4.51 16.00
C ARG B 2 -11.62 3.59 15.19
N THR B 3 -12.07 3.21 14.00
CA THR B 3 -11.30 2.33 13.13
C THR B 3 -10.33 3.12 12.27
N LYS B 4 -9.25 2.47 11.85
CA LYS B 4 -8.24 3.11 11.02
C LYS B 4 -7.83 2.20 9.86
N GLN B 5 -8.25 2.57 8.65
CA GLN B 5 -7.94 1.80 7.46
C GLN B 5 -6.43 1.70 7.27
N THR B 6 -5.91 0.47 7.26
CA THR B 6 -4.48 0.23 7.09
C THR B 6 -4.21 -1.20 6.67
N ALA B 7 -3.24 -1.38 5.78
CA ALA B 7 -2.87 -2.72 5.30
C ALA B 7 -1.38 -2.79 4.99
N ARG B 8 -0.83 -3.99 5.08
CA ARG B 8 0.59 -4.20 4.80
C ARG B 8 0.78 -5.00 3.51
N SER B 10 2.39 -6.97 1.11
CA SER B 10 2.21 -8.30 0.52
C SER B 10 2.64 -9.38 1.50
N THR B 11 1.73 -10.31 1.79
CA THR B 11 2.00 -11.40 2.72
C THR B 11 2.96 -12.40 2.09
N GLY B 12 4.02 -12.74 2.83
CA GLY B 12 5.00 -13.70 2.33
C GLY B 12 6.17 -13.02 1.66
N GLY B 13 6.29 -13.22 0.35
CA GLY B 13 7.37 -12.62 -0.40
C GLY B 13 8.02 -13.59 -1.37
N LYS B 14 7.30 -13.89 -2.46
CA LYS B 14 7.80 -14.81 -3.48
C LYS B 14 8.91 -14.16 -4.29
N ALA B 15 10.11 -14.74 -4.21
CA ALA B 15 11.25 -14.23 -4.95
C ALA B 15 11.69 -15.20 -6.05
N PRO B 16 10.94 -15.22 -7.16
CA PRO B 16 11.22 -16.10 -8.30
C PRO B 16 12.49 -15.69 -9.04
N ARG B 17 12.61 -14.40 -9.34
CA ARG B 17 13.77 -13.87 -10.04
C ARG B 17 14.28 -12.61 -9.38
N TYR B 18 15.58 -12.59 -9.07
CA TYR B 18 16.20 -11.44 -8.43
C TYR B 18 16.43 -10.31 -9.43
N GLY A 1 35.28 -32.77 41.65
CA GLY A 1 34.06 -32.76 40.85
C GLY A 1 32.83 -32.40 41.66
N SER A 2 31.81 -31.89 40.99
CA SER A 2 30.58 -31.51 41.67
C SER A 2 29.37 -31.72 40.75
N HIS A 3 28.39 -32.46 41.23
CA HIS A 3 27.18 -32.74 40.45
C HIS A 3 25.98 -32.90 41.37
N MET A 4 25.08 -31.93 41.35
CA MET A 4 23.87 -31.97 42.17
C MET A 4 22.83 -30.97 41.67
N GLY A 5 21.56 -31.30 41.86
CA GLY A 5 20.49 -30.42 41.43
C GLY A 5 20.45 -30.27 39.92
N LYS A 6 20.13 -31.36 39.22
CA LYS A 6 20.06 -31.35 37.77
C LYS A 6 18.60 -31.26 37.31
N LYS A 7 18.31 -30.24 36.50
CA LYS A 7 16.96 -30.05 35.99
C LYS A 7 16.99 -29.21 34.71
N THR A 8 16.16 -29.59 33.75
CA THR A 8 16.09 -28.88 32.48
C THR A 8 15.26 -27.60 32.62
N LYS A 9 15.82 -26.48 32.21
CA LYS A 9 15.13 -25.19 32.28
C LYS A 9 14.73 -24.71 30.89
N ARG A 10 13.50 -24.23 30.77
CA ARG A 10 12.99 -23.73 29.50
C ARG A 10 12.32 -22.36 29.68
N THR A 11 12.80 -21.38 28.93
CA THR A 11 12.26 -20.03 29.00
C THR A 11 12.09 -19.43 27.61
N ALA A 12 10.91 -18.86 27.36
CA ALA A 12 10.63 -18.25 26.07
C ALA A 12 11.19 -16.83 25.99
N ASP A 13 12.27 -16.67 25.24
CA ASP A 13 12.90 -15.36 25.09
C ASP A 13 11.94 -14.35 24.48
N GLU A 18 4.16 -8.83 22.20
CA GLU A 18 4.25 -9.04 20.76
C GLU A 18 4.09 -7.72 20.01
N ASP A 19 4.95 -7.50 19.01
CA ASP A 19 4.91 -6.29 18.22
C ASP A 19 4.33 -6.56 16.83
N GLU A 20 3.66 -5.57 16.27
CA GLU A 20 3.06 -5.70 14.95
C GLU A 20 3.85 -4.91 13.90
N GLU A 21 3.78 -5.36 12.66
CA GLU A 21 4.49 -4.70 11.57
C GLU A 21 3.53 -4.30 10.46
N GLU A 22 3.21 -3.01 10.39
CA GLU A 22 2.31 -2.49 9.38
C GLU A 22 2.65 -1.05 9.01
N TYR A 23 2.27 -0.65 7.81
CA TYR A 23 2.54 0.71 7.34
C TYR A 23 1.28 1.36 6.79
N VAL A 24 1.18 2.68 6.95
CA VAL A 24 0.01 3.42 6.47
C VAL A 24 0.36 4.21 5.21
N VAL A 25 -0.59 4.28 4.28
CA VAL A 25 -0.39 5.01 3.03
C VAL A 25 -0.83 6.46 3.17
N GLU A 26 -0.12 7.36 2.49
CA GLU A 26 -0.44 8.78 2.54
C GLU A 26 -1.28 9.19 1.34
N LYS A 27 -0.78 8.91 0.14
CA LYS A 27 -1.48 9.25 -1.08
C LYS A 27 -0.71 8.76 -2.31
N VAL A 28 -1.41 8.63 -3.43
CA VAL A 28 -0.79 8.17 -4.67
C VAL A 28 0.16 9.24 -5.23
N LEU A 29 1.23 8.78 -5.87
CA LEU A 29 2.20 9.70 -6.46
C LEU A 29 2.28 9.51 -7.98
N ASP A 30 2.41 8.26 -8.41
CA ASP A 30 2.49 7.95 -9.83
C ASP A 30 1.83 6.61 -10.13
N ARG A 31 1.46 6.40 -11.39
CA ARG A 31 0.81 5.17 -11.81
C ARG A 31 1.58 4.52 -12.97
N ARG A 32 1.80 3.21 -12.86
CA ARG A 32 2.52 2.48 -13.89
C ARG A 32 2.00 1.05 -13.99
N MET A 33 2.43 0.33 -15.04
CA MET A 33 2.01 -1.05 -15.24
C MET A 33 3.19 -1.91 -15.65
N VAL A 34 3.24 -3.13 -15.12
CA VAL A 34 4.32 -4.06 -15.43
C VAL A 34 3.81 -5.50 -15.46
N LYS A 35 4.25 -6.26 -16.44
CA LYS A 35 3.85 -7.65 -16.58
C LYS A 35 2.33 -7.78 -16.61
N GLY A 36 1.68 -6.92 -17.40
CA GLY A 36 0.23 -6.96 -17.50
C GLY A 36 -0.45 -6.74 -16.17
N GLN A 37 0.22 -6.02 -15.27
CA GLN A 37 -0.32 -5.75 -13.95
C GLN A 37 -0.19 -4.27 -13.60
N VAL A 38 -1.31 -3.65 -13.24
CA VAL A 38 -1.32 -2.24 -12.88
C VAL A 38 -0.82 -2.03 -11.45
N GLU A 39 0.15 -1.13 -11.29
CA GLU A 39 0.70 -0.83 -9.98
C GLU A 39 0.65 0.67 -9.69
N TYR A 40 0.44 1.01 -8.42
CA TYR A 40 0.35 2.40 -8.00
C TYR A 40 1.39 2.71 -6.93
N LEU A 41 1.89 3.94 -6.93
CA LEU A 41 2.88 4.37 -5.95
C LEU A 41 2.21 4.80 -4.64
N LEU A 42 2.38 3.98 -3.60
CA LEU A 42 1.80 4.28 -2.30
C LEU A 42 2.89 4.67 -1.30
N LYS A 43 2.78 5.88 -0.77
CA LYS A 43 3.75 6.38 0.20
C LYS A 43 3.45 5.83 1.60
N TRP A 44 4.28 4.89 2.05
CA TRP A 44 4.11 4.28 3.36
C TRP A 44 4.63 5.20 4.46
N LYS A 45 4.12 5.02 5.67
CA LYS A 45 4.54 5.84 6.81
C LYS A 45 6.06 5.80 6.97
N GLY A 46 6.65 6.98 7.10
CA GLY A 46 8.09 7.07 7.27
C GLY A 46 8.84 6.75 5.99
N PHE A 47 8.19 6.97 4.85
CA PHE A 47 8.80 6.70 3.56
C PHE A 47 8.41 7.76 2.53
N SER A 48 9.30 8.03 1.59
CA SER A 48 9.05 9.03 0.55
C SER A 48 9.15 8.40 -0.83
N GLU A 49 8.84 9.20 -1.85
CA GLU A 49 8.88 8.73 -3.23
C GLU A 49 10.27 8.24 -3.59
N GLU A 50 11.26 8.67 -2.81
CA GLU A 50 12.65 8.29 -3.06
C GLU A 50 12.79 6.77 -3.13
N HIS A 51 12.07 6.07 -2.25
CA HIS A 51 12.11 4.61 -2.23
C HIS A 51 11.34 4.02 -3.40
N ASN A 52 10.47 4.83 -4.00
CA ASN A 52 9.67 4.38 -5.14
C ASN A 52 9.02 3.03 -4.86
N THR A 53 8.09 3.03 -3.91
CA THR A 53 7.38 1.80 -3.54
C THR A 53 6.08 1.67 -4.33
N TRP A 54 5.87 0.50 -4.91
CA TRP A 54 4.67 0.23 -5.69
C TRP A 54 3.86 -0.92 -5.08
N GLU A 55 2.55 -0.90 -5.29
CA GLU A 55 1.68 -1.94 -4.76
C GLU A 55 0.75 -2.46 -5.85
N PRO A 56 0.31 -3.72 -5.70
CA PRO A 56 -0.58 -4.37 -6.66
C PRO A 56 -2.00 -3.78 -6.62
N GLU A 57 -2.50 -3.38 -7.78
CA GLU A 57 -3.83 -2.80 -7.88
C GLU A 57 -4.88 -3.75 -7.29
N LYS A 58 -4.68 -5.05 -7.50
CA LYS A 58 -5.60 -6.05 -6.99
C LYS A 58 -5.82 -5.89 -5.49
N ASN A 59 -4.78 -5.41 -4.80
CA ASN A 59 -4.86 -5.21 -3.36
C ASN A 59 -5.29 -3.78 -3.03
N LEU A 60 -4.95 -2.85 -3.92
CA LEU A 60 -5.29 -1.44 -3.73
C LEU A 60 -6.77 -1.29 -3.38
N ASP A 61 -7.04 -1.04 -2.10
CA ASP A 61 -8.41 -0.87 -1.62
C ASP A 61 -8.71 0.61 -1.38
N CYS A 62 -8.38 1.45 -2.35
CA CYS A 62 -8.62 2.89 -2.23
C CYS A 62 -8.75 3.52 -3.61
N PRO A 63 -9.96 3.44 -4.19
CA PRO A 63 -10.24 4.01 -5.51
C PRO A 63 -10.25 5.53 -5.50
N GLU A 64 -10.80 6.11 -4.44
CA GLU A 64 -10.87 7.56 -4.31
C GLU A 64 -9.51 8.20 -4.59
N LEU A 65 -8.46 7.56 -4.09
CA LEU A 65 -7.10 8.07 -4.28
C LEU A 65 -6.78 8.22 -5.76
N ILE A 66 -7.22 7.25 -6.56
CA ILE A 66 -6.98 7.28 -7.99
C ILE A 66 -7.88 8.30 -8.68
N SER A 67 -9.16 8.29 -8.31
CA SER A 67 -10.13 9.21 -8.90
C SER A 67 -9.62 10.65 -8.82
N GLU A 68 -9.16 11.05 -7.63
CA GLU A 68 -8.64 12.39 -7.42
C GLU A 68 -7.31 12.58 -8.13
N PHE A 69 -6.47 11.55 -8.07
CA PHE A 69 -5.16 11.60 -8.71
C PHE A 69 -5.27 12.02 -10.17
N MET A 70 -6.22 11.42 -10.88
CA MET A 70 -6.44 11.73 -12.29
C MET A 70 -6.73 13.21 -12.48
N LYS A 71 -7.47 13.79 -11.55
CA LYS A 71 -7.82 15.20 -11.61
C LYS A 71 -6.57 16.08 -11.63
N LYS A 72 -5.68 15.85 -10.66
CA LYS A 72 -4.44 16.62 -10.57
C LYS A 72 -3.54 16.34 -11.76
N TYR A 73 -3.34 15.06 -12.05
CA TYR A 73 -2.49 14.65 -13.17
C TYR A 73 -2.94 15.33 -14.47
N LYS A 74 -4.25 15.37 -14.68
CA LYS A 74 -4.82 15.99 -15.87
C LYS A 74 -4.24 17.38 -16.09
N LYS A 75 -4.30 18.21 -15.05
CA LYS A 75 -3.77 19.57 -15.13
C LYS A 75 -2.29 19.57 -15.46
N MET A 76 -1.53 18.72 -14.75
CA MET A 76 -0.09 18.62 -14.97
C MET A 76 0.21 18.29 -16.43
N LYS A 77 -0.40 17.22 -16.92
CA LYS A 77 -0.20 16.79 -18.31
C LYS A 77 -0.90 17.73 -19.28
N GLU A 78 -0.33 17.88 -20.47
CA GLU A 78 -0.91 18.75 -21.48
C GLU A 78 -1.05 18.02 -22.82
N GLY A 79 -2.29 17.74 -23.22
CA GLY A 79 -2.52 17.04 -24.47
C GLY A 79 -3.69 17.64 -25.24
N GLU A 80 -4.36 16.81 -26.03
CA GLU A 80 -5.49 17.26 -26.83
C GLU A 80 -6.75 17.34 -26.00
N ASN A 81 -7.64 18.25 -26.35
CA ASN A 81 -8.90 18.43 -25.64
C ASN A 81 -9.88 17.32 -25.96
N ASN A 82 -10.09 16.42 -25.00
CA ASN A 82 -11.01 15.29 -25.20
C ASN A 82 -12.29 15.49 -24.38
N LYS A 83 -13.40 15.04 -24.93
CA LYS A 83 -14.70 15.17 -24.26
C LYS A 83 -14.81 14.16 -23.12
N ALA B 1 -15.64 12.85 10.01
CA ALA B 1 -15.52 11.40 9.99
C ALA B 1 -14.59 10.94 8.88
N ARG B 2 -13.57 10.16 9.25
CA ARG B 2 -12.61 9.65 8.28
C ARG B 2 -12.19 8.23 8.62
N THR B 3 -12.19 7.36 7.60
CA THR B 3 -11.82 5.96 7.79
C THR B 3 -10.36 5.73 7.42
N LYS B 4 -9.67 4.95 8.25
CA LYS B 4 -8.26 4.65 8.00
C LYS B 4 -8.05 3.15 7.83
N GLN B 5 -7.75 2.73 6.60
CA GLN B 5 -7.53 1.33 6.30
C GLN B 5 -6.05 1.04 6.10
N THR B 6 -5.42 0.43 7.10
CA THR B 6 -4.00 0.11 7.02
C THR B 6 -3.79 -1.36 6.69
N ALA B 7 -2.74 -1.65 5.93
CA ALA B 7 -2.42 -3.03 5.55
C ALA B 7 -0.91 -3.24 5.47
N ARG B 8 -0.49 -4.48 5.72
CA ARG B 8 0.93 -4.82 5.69
C ARG B 8 1.44 -4.85 4.24
N SER B 10 3.46 -5.67 1.51
CA SER B 10 3.29 -6.35 0.24
C SER B 10 3.22 -7.86 0.44
N THR B 11 2.44 -8.53 -0.41
CA THR B 11 2.27 -9.98 -0.32
C THR B 11 3.60 -10.69 -0.52
N GLY B 12 4.08 -11.34 0.54
CA GLY B 12 5.34 -12.06 0.46
C GLY B 12 5.42 -13.19 1.46
N GLY B 13 6.53 -13.26 2.19
CA GLY B 13 6.71 -14.31 3.18
C GLY B 13 8.15 -14.41 3.66
N LYS B 14 8.40 -13.91 4.87
CA LYS B 14 9.74 -13.94 5.44
C LYS B 14 9.67 -13.92 6.97
N ALA B 15 10.32 -14.90 7.60
CA ALA B 15 10.34 -14.98 9.06
C ALA B 15 11.45 -15.89 9.54
N PRO B 16 11.84 -15.74 10.81
CA PRO B 16 12.90 -16.55 11.42
C PRO B 16 12.49 -18.00 11.62
N ARG B 17 13.48 -18.90 11.63
CA ARG B 17 13.22 -20.32 11.81
C ARG B 17 13.38 -20.72 13.27
N TYR B 18 12.27 -21.09 13.91
CA TYR B 18 12.29 -21.50 15.30
C TYR B 18 12.26 -23.01 15.43
N GLY A 1 7.02 11.78 63.27
CA GLY A 1 7.09 11.05 62.02
C GLY A 1 6.88 9.56 62.20
N SER A 2 5.77 9.04 61.68
CA SER A 2 5.46 7.62 61.79
C SER A 2 5.72 6.90 60.47
N HIS A 3 6.55 5.86 60.53
CA HIS A 3 6.89 5.08 59.34
C HIS A 3 6.78 3.59 59.62
N MET A 4 5.76 2.95 59.06
CA MET A 4 5.54 1.52 59.25
C MET A 4 4.56 0.98 58.23
N GLY A 5 4.99 0.00 57.46
CA GLY A 5 4.13 -0.59 56.44
C GLY A 5 3.77 0.38 55.34
N LYS A 6 4.79 0.89 54.65
CA LYS A 6 4.59 1.85 53.56
C LYS A 6 4.51 1.13 52.22
N LYS A 7 3.32 1.13 51.62
CA LYS A 7 3.11 0.49 50.34
C LYS A 7 3.73 1.31 49.21
N THR A 8 4.67 0.70 48.48
CA THR A 8 5.34 1.37 47.38
C THR A 8 4.40 1.55 46.20
N LYS A 9 4.62 2.62 45.43
CA LYS A 9 3.79 2.90 44.27
C LYS A 9 4.56 2.62 42.98
N ARG A 10 3.85 2.12 41.97
CA ARG A 10 4.46 1.81 40.68
C ARG A 10 3.49 2.09 39.54
N THR A 11 4.04 2.41 38.37
CA THR A 11 3.22 2.71 37.20
C THR A 11 3.20 1.53 36.24
N ALA A 12 2.02 1.23 35.71
CA ALA A 12 1.86 0.13 34.77
C ALA A 12 0.56 0.26 33.99
N ASP A 13 0.67 0.32 32.67
CA ASP A 13 -0.50 0.45 31.80
C ASP A 13 -0.42 -0.53 30.63
N GLU A 18 0.16 -6.06 22.26
CA GLU A 18 0.27 -6.78 21.00
C GLU A 18 1.18 -6.04 20.04
N ASP A 19 1.96 -6.80 19.27
CA ASP A 19 2.88 -6.22 18.29
C ASP A 19 2.20 -6.10 16.93
N GLU A 20 2.34 -4.93 16.31
CA GLU A 20 1.75 -4.69 15.00
C GLU A 20 2.75 -4.01 14.07
N GLU A 21 3.12 -4.70 13.00
CA GLU A 21 4.07 -4.16 12.03
C GLU A 21 3.36 -3.78 10.72
N GLU A 22 2.34 -2.94 10.84
CA GLU A 22 1.58 -2.49 9.67
C GLU A 22 1.98 -1.08 9.26
N TYR A 23 1.80 -0.77 7.99
CA TYR A 23 2.14 0.54 7.46
C TYR A 23 0.92 1.23 6.84
N VAL A 24 0.83 2.54 7.03
CA VAL A 24 -0.29 3.31 6.48
C VAL A 24 0.15 4.13 5.27
N VAL A 25 -0.75 4.26 4.30
CA VAL A 25 -0.45 5.01 3.09
C VAL A 25 -0.92 6.46 3.22
N GLU A 26 -0.20 7.38 2.59
CA GLU A 26 -0.55 8.79 2.63
C GLU A 26 -1.42 9.18 1.45
N LYS A 27 -0.92 8.93 0.25
CA LYS A 27 -1.65 9.25 -0.97
C LYS A 27 -0.90 8.75 -2.21
N VAL A 28 -1.59 8.70 -3.34
CA VAL A 28 -0.99 8.25 -4.59
C VAL A 28 0.03 9.27 -5.10
N LEU A 29 1.24 8.79 -5.38
CA LEU A 29 2.30 9.66 -5.89
C LEU A 29 2.36 9.63 -7.41
N ASP A 30 2.29 8.43 -7.97
CA ASP A 30 2.33 8.26 -9.43
C ASP A 30 1.73 6.93 -9.83
N ARG A 31 1.46 6.78 -11.13
CA ARG A 31 0.88 5.55 -11.65
C ARG A 31 1.76 4.96 -12.75
N ARG A 32 1.76 3.62 -12.86
CA ARG A 32 2.55 2.94 -13.86
C ARG A 32 2.05 1.51 -14.06
N MET A 33 2.44 0.90 -15.18
CA MET A 33 2.05 -0.47 -15.49
C MET A 33 3.26 -1.35 -15.76
N VAL A 34 3.29 -2.51 -15.12
CA VAL A 34 4.40 -3.44 -15.30
C VAL A 34 3.89 -4.88 -15.42
N LYS A 35 4.47 -5.63 -16.37
CA LYS A 35 4.09 -7.01 -16.59
C LYS A 35 2.58 -7.12 -16.83
N GLY A 36 2.06 -6.25 -17.68
CA GLY A 36 0.64 -6.27 -18.00
C GLY A 36 -0.22 -6.06 -16.76
N GLN A 37 0.33 -5.37 -15.77
CA GLN A 37 -0.41 -5.11 -14.53
C GLN A 37 -0.33 -3.63 -14.15
N VAL A 38 -1.45 -3.08 -13.71
CA VAL A 38 -1.50 -1.67 -13.32
C VAL A 38 -1.09 -1.50 -11.86
N GLU A 39 0.07 -0.87 -11.64
CA GLU A 39 0.57 -0.65 -10.31
C GLU A 39 0.53 0.85 -9.96
N TYR A 40 0.39 1.15 -8.67
CA TYR A 40 0.34 2.52 -8.20
C TYR A 40 1.36 2.77 -7.11
N LEU A 41 1.84 4.00 -7.02
CA LEU A 41 2.83 4.37 -6.01
C LEU A 41 2.15 4.75 -4.70
N LEU A 42 2.41 3.97 -3.66
CA LEU A 42 1.83 4.23 -2.34
C LEU A 42 2.91 4.58 -1.32
N LYS A 43 2.81 5.76 -0.73
CA LYS A 43 3.77 6.22 0.26
C LYS A 43 3.39 5.72 1.65
N TRP A 44 4.15 4.75 2.15
CA TRP A 44 3.89 4.18 3.47
C TRP A 44 4.47 5.07 4.56
N LYS A 45 3.93 4.95 5.77
CA LYS A 45 4.40 5.74 6.90
C LYS A 45 5.91 5.58 7.09
N GLY A 46 6.63 6.69 7.07
CA GLY A 46 8.07 6.64 7.24
C GLY A 46 8.81 6.56 5.92
N PHE A 47 8.18 5.94 4.93
CA PHE A 47 8.79 5.80 3.61
C PHE A 47 8.39 6.94 2.70
N SER A 48 9.28 7.30 1.78
CA SER A 48 9.02 8.39 0.85
C SER A 48 9.11 7.91 -0.60
N GLU A 49 8.78 8.79 -1.54
CA GLU A 49 8.82 8.45 -2.96
C GLU A 49 10.22 8.00 -3.36
N GLU A 50 11.22 8.37 -2.56
CA GLU A 50 12.59 8.00 -2.85
C GLU A 50 12.74 6.50 -3.05
N HIS A 51 12.03 5.73 -2.21
CA HIS A 51 12.07 4.28 -2.30
C HIS A 51 11.30 3.78 -3.51
N ASN A 52 10.41 4.62 -4.03
CA ASN A 52 9.60 4.27 -5.19
C ASN A 52 8.95 2.90 -5.01
N THR A 53 8.04 2.82 -4.05
CA THR A 53 7.34 1.56 -3.77
C THR A 53 6.02 1.48 -4.54
N TRP A 54 5.81 0.35 -5.20
CA TRP A 54 4.58 0.15 -5.98
C TRP A 54 3.78 -1.03 -5.43
N GLU A 55 2.47 -0.94 -5.55
CA GLU A 55 1.58 -1.99 -5.07
C GLU A 55 0.55 -2.37 -6.13
N PRO A 56 0.14 -3.65 -6.12
CA PRO A 56 -0.85 -4.17 -7.07
C PRO A 56 -2.25 -3.60 -6.82
N GLU A 57 -3.09 -3.64 -7.85
CA GLU A 57 -4.45 -3.13 -7.74
C GLU A 57 -5.22 -3.86 -6.64
N LYS A 58 -5.11 -5.18 -6.63
CA LYS A 58 -5.79 -6.00 -5.63
C LYS A 58 -5.49 -5.50 -4.23
N ASN A 59 -4.22 -5.16 -3.98
CA ASN A 59 -3.80 -4.66 -2.68
C ASN A 59 -4.20 -3.20 -2.50
N LEU A 60 -4.26 -2.47 -3.60
CA LEU A 60 -4.63 -1.06 -3.56
C LEU A 60 -5.98 -0.87 -2.88
N ASP A 61 -5.95 -0.46 -1.62
CA ASP A 61 -7.17 -0.24 -0.85
C ASP A 61 -7.49 1.26 -0.77
N CYS A 62 -7.40 1.93 -1.90
CA CYS A 62 -7.68 3.37 -1.96
C CYS A 62 -8.08 3.79 -3.37
N PRO A 63 -9.32 3.45 -3.76
CA PRO A 63 -9.85 3.78 -5.09
C PRO A 63 -10.09 5.28 -5.25
N GLU A 64 -10.77 5.87 -4.28
CA GLU A 64 -11.07 7.29 -4.32
C GLU A 64 -9.83 8.12 -4.64
N LEU A 65 -8.69 7.67 -4.12
CA LEU A 65 -7.42 8.36 -4.35
C LEU A 65 -7.16 8.54 -5.84
N ILE A 66 -7.41 7.49 -6.61
CA ILE A 66 -7.21 7.52 -8.05
C ILE A 66 -8.17 8.51 -8.72
N SER A 67 -9.42 8.49 -8.27
CA SER A 67 -10.45 9.38 -8.81
C SER A 67 -9.97 10.82 -8.82
N GLU A 68 -9.45 11.27 -7.67
CA GLU A 68 -8.95 12.63 -7.53
C GLU A 68 -7.59 12.78 -8.18
N PHE A 69 -6.72 11.79 -7.97
CA PHE A 69 -5.38 11.81 -8.53
C PHE A 69 -5.43 12.05 -10.04
N MET A 70 -6.31 11.34 -10.72
CA MET A 70 -6.46 11.47 -12.16
C MET A 70 -6.72 12.92 -12.55
N LYS A 71 -7.48 13.63 -11.72
CA LYS A 71 -7.82 15.02 -11.98
C LYS A 71 -6.55 15.87 -12.07
N LYS A 72 -5.68 15.75 -11.07
CA LYS A 72 -4.44 16.50 -11.05
C LYS A 72 -3.50 16.04 -12.17
N TYR A 73 -3.27 14.73 -12.24
CA TYR A 73 -2.40 14.16 -13.26
C TYR A 73 -2.84 14.60 -14.65
N LYS A 74 -4.14 14.55 -14.90
CA LYS A 74 -4.69 14.95 -16.20
C LYS A 74 -4.17 16.32 -16.61
N LYS A 75 -4.30 17.30 -15.73
CA LYS A 75 -3.83 18.65 -16.01
C LYS A 75 -2.35 18.66 -16.35
N MET A 76 -1.58 17.85 -15.62
CA MET A 76 -0.14 17.76 -15.85
C MET A 76 0.15 17.46 -17.32
N LYS A 77 -0.43 16.37 -17.81
CA LYS A 77 -0.22 15.97 -19.20
C LYS A 77 -1.55 15.58 -19.86
N GLU A 78 -1.77 16.08 -21.07
CA GLU A 78 -2.99 15.79 -21.80
C GLU A 78 -2.79 14.64 -22.78
N GLY A 79 -1.76 14.75 -23.62
CA GLY A 79 -1.49 13.71 -24.59
C GLY A 79 -2.16 13.95 -25.92
N GLU A 80 -3.49 13.89 -25.93
CA GLU A 80 -4.25 14.11 -27.16
C GLU A 80 -5.36 15.13 -26.93
N ASN A 81 -5.37 16.18 -27.76
CA ASN A 81 -6.39 17.22 -27.65
C ASN A 81 -6.90 17.62 -29.02
N ASN A 82 -8.22 17.63 -29.16
CA ASN A 82 -8.85 17.99 -30.44
C ASN A 82 -9.47 19.38 -30.35
N LYS A 83 -9.16 20.22 -31.33
CA LYS A 83 -9.70 21.58 -31.38
C LYS A 83 -11.17 21.58 -31.78
N ALA B 1 -16.51 10.63 14.05
CA ALA B 1 -15.11 10.27 13.81
C ALA B 1 -14.98 9.35 12.60
N ARG B 2 -13.99 9.62 11.75
CA ARG B 2 -13.76 8.82 10.56
C ARG B 2 -12.95 7.57 10.90
N THR B 3 -13.19 6.50 10.14
CA THR B 3 -12.47 5.24 10.36
C THR B 3 -11.67 4.85 9.13
N LYS B 4 -10.35 4.92 9.24
CA LYS B 4 -9.45 4.57 8.14
C LYS B 4 -9.04 3.11 8.22
N GLN B 5 -8.75 2.52 7.07
CA GLN B 5 -8.33 1.12 7.01
C GLN B 5 -6.85 1.00 6.68
N THR B 6 -6.21 -0.03 7.21
CA THR B 6 -4.78 -0.25 6.97
C THR B 6 -4.49 -1.73 6.77
N ALA B 7 -3.42 -2.01 6.04
CA ALA B 7 -3.03 -3.39 5.77
C ALA B 7 -1.55 -3.48 5.41
N ARG B 8 -0.94 -4.63 5.72
CA ARG B 8 0.48 -4.84 5.43
C ARG B 8 0.69 -5.16 3.95
N SER B 10 2.08 -6.47 1.05
CA SER B 10 1.64 -7.39 0.00
C SER B 10 0.49 -8.26 0.49
N THR B 11 -0.71 -7.97 0.01
CA THR B 11 -1.89 -8.73 0.41
C THR B 11 -2.40 -9.59 -0.74
N GLY B 12 -2.71 -10.85 -0.44
CA GLY B 12 -3.19 -11.76 -1.45
C GLY B 12 -4.11 -12.82 -0.88
N GLY B 13 -3.55 -13.68 -0.02
CA GLY B 13 -4.34 -14.73 0.58
C GLY B 13 -4.92 -15.68 -0.45
N LYS B 14 -6.19 -16.05 -0.28
CA LYS B 14 -6.86 -16.95 -1.19
C LYS B 14 -8.34 -16.59 -1.32
N ALA B 15 -8.85 -16.62 -2.56
CA ALA B 15 -10.24 -16.29 -2.82
C ALA B 15 -11.16 -17.43 -2.38
N PRO B 16 -12.45 -17.12 -2.18
CA PRO B 16 -13.45 -18.10 -1.75
C PRO B 16 -13.76 -19.12 -2.85
N ARG B 17 -14.15 -20.32 -2.44
CA ARG B 17 -14.48 -21.38 -3.39
C ARG B 17 -15.80 -21.08 -4.10
N TYR B 18 -15.89 -21.48 -5.36
CA TYR B 18 -17.10 -21.26 -6.15
C TYR B 18 -18.10 -22.39 -5.95
N GLY A 1 44.82 -21.34 35.20
CA GLY A 1 43.84 -21.16 36.25
C GLY A 1 43.39 -22.47 36.86
N SER A 2 42.43 -23.13 36.21
CA SER A 2 41.92 -24.40 36.70
C SER A 2 41.81 -25.42 35.56
N HIS A 3 42.40 -26.59 35.77
CA HIS A 3 42.37 -27.65 34.76
C HIS A 3 41.27 -28.65 35.05
N MET A 4 40.74 -29.28 34.01
CA MET A 4 39.67 -30.26 34.16
C MET A 4 38.50 -29.68 34.95
N GLY A 5 37.98 -28.55 34.47
CA GLY A 5 36.86 -27.91 35.13
C GLY A 5 36.66 -26.48 34.68
N LYS A 6 36.44 -26.28 33.39
CA LYS A 6 36.23 -24.95 32.84
C LYS A 6 34.87 -24.41 33.22
N LYS A 7 34.83 -23.14 33.63
CA LYS A 7 33.58 -22.51 34.03
C LYS A 7 32.80 -22.03 32.80
N THR A 8 31.49 -22.21 32.85
CA THR A 8 30.63 -21.80 31.74
C THR A 8 29.23 -21.44 32.23
N LYS A 9 28.77 -20.24 31.88
CA LYS A 9 27.45 -19.78 32.29
C LYS A 9 26.69 -19.21 31.09
N ARG A 10 25.60 -19.88 30.72
CA ARG A 10 24.79 -19.45 29.60
C ARG A 10 23.34 -19.91 29.77
N THR A 11 22.44 -18.95 29.98
CA THR A 11 21.03 -19.26 30.16
C THR A 11 20.16 -18.37 29.28
N ALA A 12 19.49 -18.98 28.31
CA ALA A 12 18.62 -18.25 27.40
C ALA A 12 17.62 -19.18 26.72
N ASP A 13 16.34 -19.01 27.05
CA ASP A 13 15.28 -19.82 26.47
C ASP A 13 13.95 -19.10 26.50
N GLU A 18 6.22 -12.83 19.84
CA GLU A 18 5.35 -12.25 18.82
C GLU A 18 5.38 -10.73 18.88
N ASP A 19 5.23 -10.10 17.72
CA ASP A 19 5.25 -8.65 17.63
C ASP A 19 4.37 -8.16 16.48
N GLU A 20 3.76 -6.99 16.66
CA GLU A 20 2.90 -6.42 15.64
C GLU A 20 3.64 -5.40 14.80
N GLU A 21 3.23 -5.23 13.54
CA GLU A 21 3.86 -4.28 12.64
C GLU A 21 2.98 -4.02 11.42
N GLU A 22 2.66 -2.75 11.19
CA GLU A 22 1.82 -2.36 10.07
C GLU A 22 2.21 -0.99 9.54
N TYR A 23 1.95 -0.74 8.27
CA TYR A 23 2.27 0.54 7.64
C TYR A 23 1.03 1.16 7.01
N VAL A 24 0.90 2.48 7.15
CA VAL A 24 -0.24 3.20 6.59
C VAL A 24 0.17 3.99 5.35
N VAL A 25 -0.75 4.10 4.40
CA VAL A 25 -0.48 4.85 3.17
C VAL A 25 -0.93 6.29 3.29
N GLU A 26 -0.18 7.19 2.67
CA GLU A 26 -0.49 8.62 2.72
C GLU A 26 -1.39 9.01 1.54
N LYS A 27 -0.91 8.74 0.33
CA LYS A 27 -1.66 9.06 -0.88
C LYS A 27 -0.93 8.57 -2.12
N VAL A 28 -1.64 8.53 -3.24
CA VAL A 28 -1.07 8.07 -4.51
C VAL A 28 -0.07 9.10 -5.06
N LEU A 29 1.14 8.65 -5.32
CA LEU A 29 2.18 9.54 -5.85
C LEU A 29 2.23 9.46 -7.37
N ASP A 30 2.35 8.24 -7.90
CA ASP A 30 2.42 8.04 -9.34
C ASP A 30 1.77 6.71 -9.72
N ARG A 31 1.63 6.48 -11.02
CA ARG A 31 1.02 5.25 -11.52
C ARG A 31 1.80 4.71 -12.72
N ARG A 32 1.86 3.39 -12.83
CA ARG A 32 2.57 2.74 -13.93
C ARG A 32 1.94 1.40 -14.27
N MET A 33 2.33 0.83 -15.39
CA MET A 33 1.80 -0.45 -15.84
C MET A 33 2.91 -1.33 -16.42
N VAL A 34 3.04 -2.54 -15.90
CA VAL A 34 4.06 -3.47 -16.36
C VAL A 34 3.56 -4.91 -16.30
N LYS A 35 3.85 -5.68 -17.34
CA LYS A 35 3.44 -7.08 -17.41
C LYS A 35 1.92 -7.20 -17.32
N GLY A 36 1.22 -6.36 -18.07
CA GLY A 36 -0.23 -6.39 -18.06
C GLY A 36 -0.80 -6.14 -16.68
N GLN A 37 -0.06 -5.43 -15.85
CA GLN A 37 -0.50 -5.11 -14.50
C GLN A 37 -0.25 -3.66 -14.15
N VAL A 38 -1.23 -3.03 -13.51
CA VAL A 38 -1.11 -1.62 -13.12
C VAL A 38 -0.70 -1.48 -11.66
N GLU A 39 0.33 -0.68 -11.41
CA GLU A 39 0.81 -0.47 -10.05
C GLU A 39 0.69 1.00 -9.66
N TYR A 40 0.62 1.25 -8.36
CA TYR A 40 0.50 2.61 -7.85
C TYR A 40 1.52 2.88 -6.75
N LEU A 41 2.17 4.04 -6.81
CA LEU A 41 3.17 4.41 -5.82
C LEU A 41 2.51 4.88 -4.52
N LEU A 42 2.53 4.03 -3.51
CA LEU A 42 1.94 4.34 -2.22
C LEU A 42 3.02 4.61 -1.18
N LYS A 43 2.94 5.79 -0.55
CA LYS A 43 3.91 6.18 0.48
C LYS A 43 3.51 5.62 1.84
N TRP A 44 4.34 4.73 2.38
CA TRP A 44 4.07 4.12 3.67
C TRP A 44 4.65 4.97 4.79
N LYS A 45 4.11 4.80 6.00
CA LYS A 45 4.57 5.55 7.16
C LYS A 45 6.09 5.40 7.33
N GLY A 46 6.76 6.52 7.59
CA GLY A 46 8.20 6.50 7.77
C GLY A 46 8.94 6.16 6.49
N PHE A 47 8.32 6.47 5.36
CA PHE A 47 8.94 6.20 4.05
C PHE A 47 8.61 7.32 3.06
N SER A 48 9.53 7.55 2.14
CA SER A 48 9.36 8.60 1.13
C SER A 48 9.43 8.01 -0.27
N GLU A 49 9.17 8.85 -1.27
CA GLU A 49 9.20 8.41 -2.67
C GLU A 49 10.58 7.86 -3.03
N GLU A 50 11.59 8.22 -2.23
CA GLU A 50 12.95 7.77 -2.47
C GLU A 50 13.01 6.25 -2.59
N HIS A 51 12.24 5.57 -1.75
CA HIS A 51 12.20 4.11 -1.76
C HIS A 51 11.45 3.59 -2.99
N ASN A 52 10.64 4.46 -3.58
CA ASN A 52 9.86 4.09 -4.76
C ASN A 52 9.11 2.78 -4.53
N THR A 53 8.16 2.80 -3.61
CA THR A 53 7.36 1.62 -3.30
C THR A 53 6.09 1.57 -4.13
N TRP A 54 5.84 0.42 -4.75
CA TRP A 54 4.66 0.24 -5.58
C TRP A 54 3.75 -0.86 -5.02
N GLU A 55 2.45 -0.73 -5.24
CA GLU A 55 1.48 -1.69 -4.75
C GLU A 55 0.52 -2.11 -5.86
N PRO A 56 0.25 -3.43 -5.95
CA PRO A 56 -0.65 -3.99 -6.96
C PRO A 56 -2.10 -3.60 -6.72
N GLU A 57 -2.88 -3.50 -7.80
CA GLU A 57 -4.28 -3.13 -7.70
C GLU A 57 -5.01 -4.02 -6.68
N LYS A 58 -4.73 -5.32 -6.75
CA LYS A 58 -5.36 -6.27 -5.84
C LYS A 58 -5.19 -5.83 -4.39
N ASN A 59 -4.11 -5.09 -4.11
CA ASN A 59 -3.84 -4.61 -2.77
C ASN A 59 -4.39 -3.20 -2.58
N LEU A 60 -4.43 -2.43 -3.66
CA LEU A 60 -4.93 -1.07 -3.61
C LEU A 60 -6.36 -1.03 -3.09
N ASP A 61 -6.53 -0.59 -1.85
CA ASP A 61 -7.85 -0.50 -1.24
C ASP A 61 -8.28 0.95 -1.07
N CYS A 62 -8.01 1.76 -2.09
CA CYS A 62 -8.37 3.17 -2.05
C CYS A 62 -8.46 3.76 -3.46
N PRO A 63 -9.62 3.59 -4.10
CA PRO A 63 -9.85 4.10 -5.46
C PRO A 63 -9.94 5.61 -5.51
N GLU A 64 -10.58 6.20 -4.51
CA GLU A 64 -10.72 7.65 -4.44
C GLU A 64 -9.37 8.34 -4.68
N LEU A 65 -8.33 7.80 -4.08
CA LEU A 65 -6.98 8.35 -4.22
C LEU A 65 -6.59 8.47 -5.70
N ILE A 66 -6.94 7.45 -6.47
CA ILE A 66 -6.63 7.45 -7.91
C ILE A 66 -7.55 8.38 -8.67
N SER A 67 -8.85 8.32 -8.37
CA SER A 67 -9.83 9.16 -9.04
C SER A 67 -9.42 10.63 -8.98
N GLU A 68 -9.12 11.09 -7.77
CA GLU A 68 -8.71 12.48 -7.57
C GLU A 68 -7.41 12.78 -8.30
N PHE A 69 -6.41 11.91 -8.10
CA PHE A 69 -5.11 12.08 -8.74
C PHE A 69 -5.27 12.24 -10.25
N MET A 70 -6.14 11.43 -10.84
CA MET A 70 -6.38 11.48 -12.28
C MET A 70 -6.78 12.89 -12.71
N LYS A 71 -7.56 13.57 -11.88
CA LYS A 71 -8.01 14.92 -12.18
C LYS A 71 -6.83 15.85 -12.39
N LYS A 72 -5.91 15.86 -11.43
CA LYS A 72 -4.72 16.71 -11.51
C LYS A 72 -3.86 16.32 -12.70
N TYR A 73 -3.54 15.04 -12.81
CA TYR A 73 -2.72 14.54 -13.91
C TYR A 73 -3.33 14.91 -15.25
N LYS A 74 -4.64 14.79 -15.35
CA LYS A 74 -5.35 15.11 -16.59
C LYS A 74 -4.96 16.50 -17.09
N LYS A 75 -5.05 17.50 -16.21
CA LYS A 75 -4.71 18.87 -16.56
C LYS A 75 -3.25 18.96 -17.00
N MET A 76 -2.37 18.34 -16.23
CA MET A 76 -0.94 18.36 -16.54
C MET A 76 -0.69 17.82 -17.94
N LYS A 77 -1.20 16.63 -18.22
CA LYS A 77 -1.03 16.01 -19.53
C LYS A 77 -1.94 16.67 -20.57
N GLU A 78 -1.52 16.62 -21.83
CA GLU A 78 -2.30 17.20 -22.92
C GLU A 78 -3.14 16.15 -23.62
N GLY A 79 -4.45 16.26 -23.49
CA GLY A 79 -5.35 15.31 -24.12
C GLY A 79 -6.78 15.45 -23.64
N GLU A 80 -7.70 15.71 -24.57
CA GLU A 80 -9.11 15.87 -24.23
C GLU A 80 -9.99 15.17 -25.26
N ASN A 81 -11.06 14.54 -24.78
CA ASN A 81 -11.99 13.84 -25.65
C ASN A 81 -12.92 14.81 -26.36
N ASN A 82 -13.58 15.67 -25.59
CA ASN A 82 -14.49 16.65 -26.15
C ASN A 82 -14.64 17.85 -25.22
N LYS A 83 -14.85 19.03 -25.80
CA LYS A 83 -15.00 20.25 -25.02
C LYS A 83 -16.42 20.37 -24.46
N ALA B 1 -16.76 8.09 15.35
CA ALA B 1 -15.53 7.30 15.39
C ALA B 1 -14.82 7.33 14.05
N ARG B 2 -13.50 7.50 14.09
CA ARG B 2 -12.70 7.55 12.87
C ARG B 2 -11.92 6.26 12.69
N THR B 3 -12.03 5.67 11.49
CA THR B 3 -11.33 4.43 11.18
C THR B 3 -10.46 4.59 9.95
N LYS B 4 -9.26 3.99 9.99
CA LYS B 4 -8.33 4.06 8.88
C LYS B 4 -7.98 2.66 8.38
N GLN B 5 -8.39 2.35 7.16
CA GLN B 5 -8.11 1.04 6.57
C GLN B 5 -6.62 0.84 6.38
N THR B 6 -6.02 0.00 7.23
CA THR B 6 -4.59 -0.27 7.15
C THR B 6 -4.33 -1.76 6.98
N ALA B 7 -3.16 -2.10 6.44
CA ALA B 7 -2.79 -3.49 6.22
C ALA B 7 -1.29 -3.62 5.99
N ARG B 8 -0.74 -4.78 6.36
CA ARG B 8 0.69 -5.03 6.19
C ARG B 8 1.06 -5.10 4.72
N SER B 10 2.82 -5.99 1.82
CA SER B 10 2.51 -6.69 0.58
C SER B 10 2.45 -8.20 0.80
N THR B 11 1.31 -8.79 0.45
CA THR B 11 1.12 -10.23 0.62
C THR B 11 1.75 -11.00 -0.53
N GLY B 12 2.15 -12.24 -0.26
CA GLY B 12 2.76 -13.07 -1.28
C GLY B 12 2.30 -14.51 -1.21
N GLY B 13 0.99 -14.71 -1.26
CA GLY B 13 0.45 -16.06 -1.20
C GLY B 13 0.89 -16.91 -2.37
N LYS B 14 0.53 -16.50 -3.57
CA LYS B 14 0.91 -17.24 -4.78
C LYS B 14 2.26 -16.77 -5.31
N ALA B 15 3.16 -17.72 -5.53
CA ALA B 15 4.49 -17.40 -6.05
C ALA B 15 5.18 -16.36 -5.18
N PRO B 16 5.69 -16.80 -4.02
CA PRO B 16 6.38 -15.91 -3.08
C PRO B 16 7.73 -15.44 -3.61
N ARG B 17 8.53 -16.38 -4.11
CA ARG B 17 9.84 -16.06 -4.66
C ARG B 17 9.72 -15.43 -6.04
N TYR B 18 10.41 -14.32 -6.25
CA TYR B 18 10.38 -13.62 -7.53
C TYR B 18 11.37 -14.23 -8.51
N GLY A 1 -40.43 -10.86 43.81
CA GLY A 1 -40.24 -10.49 42.42
C GLY A 1 -40.00 -11.68 41.52
N SER A 2 -40.64 -11.69 40.36
CA SER A 2 -40.49 -12.78 39.41
C SER A 2 -39.61 -12.38 38.24
N HIS A 3 -38.96 -13.36 37.62
CA HIS A 3 -38.08 -13.11 36.48
C HIS A 3 -38.89 -12.73 35.25
N MET A 4 -38.81 -11.45 34.87
CA MET A 4 -39.54 -10.95 33.70
C MET A 4 -38.68 -11.06 32.45
N GLY A 5 -37.47 -10.50 32.51
CA GLY A 5 -36.58 -10.54 31.37
C GLY A 5 -35.19 -10.05 31.71
N LYS A 6 -34.24 -10.98 31.82
CA LYS A 6 -32.87 -10.63 32.15
C LYS A 6 -32.10 -10.20 30.91
N LYS A 7 -31.08 -9.38 31.09
CA LYS A 7 -30.26 -8.90 29.99
C LYS A 7 -28.78 -9.14 30.26
N THR A 8 -28.15 -9.95 29.41
CA THR A 8 -26.74 -10.27 29.55
C THR A 8 -26.07 -10.41 28.20
N LYS A 9 -24.84 -9.90 28.10
CA LYS A 9 -24.09 -9.98 26.84
C LYS A 9 -22.61 -9.67 27.09
N ARG A 10 -21.74 -10.57 26.64
CA ARG A 10 -20.31 -10.40 26.80
C ARG A 10 -19.57 -10.67 25.50
N THR A 11 -18.61 -9.82 25.17
CA THR A 11 -17.82 -9.97 23.95
C THR A 11 -16.34 -9.76 24.21
N ALA A 12 -15.51 -10.60 23.61
CA ALA A 12 -14.06 -10.50 23.78
C ALA A 12 -13.33 -11.02 22.55
N ASP A 13 -12.22 -10.37 22.21
CA ASP A 13 -11.43 -10.76 21.05
C ASP A 13 -10.01 -10.23 21.16
N GLU A 18 1.59 -6.46 20.08
CA GLU A 18 2.99 -6.14 19.86
C GLU A 18 3.19 -5.42 18.53
N ASP A 19 4.36 -4.85 18.33
CA ASP A 19 4.66 -4.13 17.11
C ASP A 19 4.53 -5.04 15.89
N GLU A 20 3.76 -4.59 14.90
CA GLU A 20 3.54 -5.36 13.69
C GLU A 20 4.25 -4.73 12.51
N GLU A 21 4.39 -5.49 11.42
CA GLU A 21 5.04 -5.00 10.21
C GLU A 21 4.03 -4.43 9.24
N GLU A 22 3.03 -3.73 9.76
CA GLU A 22 2.00 -3.13 8.93
C GLU A 22 2.27 -1.64 8.70
N TYR A 23 2.12 -1.21 7.46
CA TYR A 23 2.35 0.19 7.12
C TYR A 23 1.05 0.86 6.66
N VAL A 24 0.95 2.16 6.91
CA VAL A 24 -0.24 2.93 6.52
C VAL A 24 0.05 3.81 5.31
N VAL A 25 -0.83 3.75 4.32
CA VAL A 25 -0.69 4.55 3.11
C VAL A 25 -0.98 6.02 3.39
N GLU A 26 -0.23 6.90 2.74
CA GLU A 26 -0.41 8.33 2.91
C GLU A 26 -1.20 8.93 1.75
N LYS A 27 -0.72 8.69 0.53
CA LYS A 27 -1.38 9.20 -0.67
C LYS A 27 -0.65 8.73 -1.93
N VAL A 28 -1.33 8.84 -3.07
CA VAL A 28 -0.75 8.44 -4.35
C VAL A 28 0.21 9.51 -4.86
N LEU A 29 1.28 9.06 -5.51
CA LEU A 29 2.28 9.96 -6.07
C LEU A 29 2.37 9.83 -7.58
N ASP A 30 2.53 8.59 -8.05
CA ASP A 30 2.62 8.33 -9.48
C ASP A 30 1.99 6.98 -9.81
N ARG A 31 1.76 6.75 -11.10
CA ARG A 31 1.16 5.49 -11.56
C ARG A 31 2.02 4.84 -12.63
N ARG A 32 1.99 3.52 -12.68
CA ARG A 32 2.77 2.76 -13.66
C ARG A 32 2.24 1.34 -13.80
N MET A 33 2.39 0.78 -15.00
CA MET A 33 1.92 -0.57 -15.27
C MET A 33 3.05 -1.44 -15.82
N VAL A 34 3.13 -2.68 -15.35
CA VAL A 34 4.16 -3.60 -15.80
C VAL A 34 3.65 -5.03 -15.84
N LYS A 35 3.98 -5.76 -16.89
CA LYS A 35 3.56 -7.14 -17.05
C LYS A 35 2.03 -7.25 -16.95
N GLY A 36 1.34 -6.38 -17.67
CA GLY A 36 -0.11 -6.40 -17.66
C GLY A 36 -0.68 -6.19 -16.27
N GLN A 37 0.07 -5.52 -15.41
CA GLN A 37 -0.37 -5.26 -14.05
C GLN A 37 -0.27 -3.77 -13.72
N VAL A 38 -1.37 -3.20 -13.25
CA VAL A 38 -1.41 -1.79 -12.90
C VAL A 38 -0.93 -1.56 -11.46
N GLU A 39 0.22 -0.91 -11.32
CA GLU A 39 0.78 -0.65 -10.01
C GLU A 39 0.74 0.85 -9.69
N TYR A 40 0.57 1.18 -8.41
CA TYR A 40 0.50 2.57 -7.98
C TYR A 40 1.53 2.84 -6.88
N LEU A 41 2.05 4.06 -6.88
CA LEU A 41 3.04 4.46 -5.88
C LEU A 41 2.36 4.88 -4.58
N LEU A 42 2.48 4.03 -3.55
CA LEU A 42 1.88 4.32 -2.26
C LEU A 42 2.95 4.67 -1.23
N LYS A 43 2.71 5.73 -0.47
CA LYS A 43 3.65 6.18 0.56
C LYS A 43 3.35 5.51 1.89
N TRP A 44 4.24 4.62 2.31
CA TRP A 44 4.07 3.91 3.57
C TRP A 44 4.61 4.74 4.74
N LYS A 45 4.13 4.44 5.95
CA LYS A 45 4.55 5.16 7.14
C LYS A 45 6.07 5.17 7.26
N GLY A 46 6.67 6.35 7.20
CA GLY A 46 8.11 6.47 7.30
C GLY A 46 8.80 6.43 5.96
N PHE A 47 8.20 5.71 5.01
CA PHE A 47 8.77 5.59 3.67
C PHE A 47 8.32 6.76 2.79
N SER A 48 9.22 7.21 1.92
CA SER A 48 8.93 8.32 1.03
C SER A 48 9.09 7.91 -0.43
N GLU A 49 8.75 8.81 -1.34
CA GLU A 49 8.86 8.54 -2.77
C GLU A 49 10.27 8.10 -3.14
N GLU A 50 11.24 8.49 -2.32
CA GLU A 50 12.64 8.14 -2.55
C GLU A 50 12.80 6.63 -2.72
N HIS A 51 12.08 5.87 -1.90
CA HIS A 51 12.14 4.41 -1.96
C HIS A 51 11.40 3.89 -3.18
N ASN A 52 10.51 4.72 -3.73
CA ASN A 52 9.73 4.33 -4.90
C ASN A 52 9.06 2.98 -4.69
N THR A 53 8.11 2.95 -3.76
CA THR A 53 7.39 1.71 -3.46
C THR A 53 6.11 1.62 -4.28
N TRP A 54 5.89 0.47 -4.89
CA TRP A 54 4.71 0.24 -5.70
C TRP A 54 3.87 -0.90 -5.15
N GLU A 55 2.55 -0.82 -5.33
CA GLU A 55 1.65 -1.85 -4.85
C GLU A 55 0.67 -2.28 -5.94
N PRO A 56 0.30 -3.57 -5.93
CA PRO A 56 -0.62 -4.13 -6.92
C PRO A 56 -2.05 -3.62 -6.73
N GLU A 57 -2.81 -3.58 -7.82
CA GLU A 57 -4.19 -3.11 -7.77
C GLU A 57 -5.01 -3.93 -6.77
N LYS A 58 -4.83 -5.24 -6.81
CA LYS A 58 -5.55 -6.14 -5.91
C LYS A 58 -5.40 -5.69 -4.47
N ASN A 59 -4.26 -5.08 -4.16
CA ASN A 59 -3.99 -4.60 -2.81
C ASN A 59 -4.47 -3.16 -2.63
N LEU A 60 -4.45 -2.40 -3.73
CA LEU A 60 -4.88 -1.01 -3.69
C LEU A 60 -6.29 -0.89 -3.13
N ASP A 61 -6.38 -0.51 -1.87
CA ASP A 61 -7.68 -0.35 -1.21
C ASP A 61 -8.03 1.13 -1.05
N CYS A 62 -7.81 1.91 -2.10
CA CYS A 62 -8.09 3.33 -2.07
C CYS A 62 -8.26 3.88 -3.48
N PRO A 63 -9.47 3.71 -4.05
CA PRO A 63 -9.79 4.18 -5.39
C PRO A 63 -9.87 5.70 -5.47
N GLU A 64 -10.45 6.32 -4.46
CA GLU A 64 -10.58 7.77 -4.42
C GLU A 64 -9.24 8.44 -4.73
N LEU A 65 -8.17 7.89 -4.19
CA LEU A 65 -6.83 8.43 -4.41
C LEU A 65 -6.53 8.53 -5.91
N ILE A 66 -6.92 7.51 -6.66
CA ILE A 66 -6.69 7.48 -8.09
C ILE A 66 -7.64 8.42 -8.82
N SER A 67 -8.92 8.35 -8.46
CA SER A 67 -9.94 9.20 -9.08
C SER A 67 -9.55 10.67 -8.97
N GLU A 68 -9.24 11.11 -7.75
CA GLU A 68 -8.86 12.50 -7.52
C GLU A 68 -7.54 12.83 -8.21
N PHE A 69 -6.52 11.99 -7.96
CA PHE A 69 -5.21 12.20 -8.56
C PHE A 69 -5.31 12.34 -10.08
N MET A 70 -6.16 11.51 -10.69
CA MET A 70 -6.35 11.55 -12.13
C MET A 70 -6.73 12.94 -12.59
N LYS A 71 -7.53 13.64 -11.78
CA LYS A 71 -7.97 14.98 -12.10
C LYS A 71 -6.79 15.91 -12.36
N LYS A 72 -5.85 15.93 -11.41
CA LYS A 72 -4.66 16.77 -11.53
C LYS A 72 -3.83 16.36 -12.74
N TYR A 73 -3.53 15.07 -12.83
CA TYR A 73 -2.74 14.54 -13.94
C TYR A 73 -3.35 14.91 -15.28
N LYS A 74 -4.69 14.79 -15.36
CA LYS A 74 -5.41 15.12 -16.58
C LYS A 74 -5.00 16.49 -17.11
N LYS A 75 -5.07 17.49 -16.23
CA LYS A 75 -4.71 18.85 -16.60
C LYS A 75 -3.26 18.92 -17.07
N MET A 76 -2.36 18.31 -16.30
CA MET A 76 -0.94 18.31 -16.63
C MET A 76 -0.71 17.74 -18.03
N LYS A 77 -1.24 16.54 -18.27
CA LYS A 77 -1.09 15.88 -19.56
C LYS A 77 -1.96 16.57 -20.61
N GLU A 78 -1.54 16.46 -21.88
CA GLU A 78 -2.27 17.07 -22.98
C GLU A 78 -2.70 16.01 -23.99
N GLY A 79 -4.00 15.87 -24.18
CA GLY A 79 -4.52 14.89 -25.12
C GLY A 79 -5.69 14.12 -24.57
N GLU A 80 -6.71 14.82 -24.10
CA GLU A 80 -7.89 14.18 -23.54
C GLU A 80 -9.10 14.40 -24.44
N ASN A 81 -10.06 13.48 -24.37
CA ASN A 81 -11.27 13.57 -25.18
C ASN A 81 -12.50 13.18 -24.36
N ASN A 82 -13.44 14.12 -24.24
CA ASN A 82 -14.66 13.87 -23.49
C ASN A 82 -15.73 14.91 -23.83
N LYS A 83 -16.99 14.53 -23.66
CA LYS A 83 -18.11 15.42 -23.96
C LYS A 83 -18.27 16.47 -22.86
N ALA B 1 -6.93 7.64 17.57
CA ALA B 1 -6.83 7.09 16.23
C ALA B 1 -8.09 6.33 15.86
N ARG B 2 -8.58 6.55 14.64
CA ARG B 2 -9.79 5.88 14.16
C ARG B 2 -9.44 4.69 13.27
N THR B 3 -10.33 3.70 13.22
CA THR B 3 -10.11 2.52 12.42
C THR B 3 -9.93 2.88 10.94
N LYS B 4 -8.86 2.39 10.33
CA LYS B 4 -8.58 2.66 8.93
C LYS B 4 -8.04 1.42 8.23
N GLN B 5 -8.25 1.34 6.93
CA GLN B 5 -7.78 0.20 6.14
C GLN B 5 -6.26 0.19 6.06
N THR B 6 -5.64 -0.75 6.77
CA THR B 6 -4.19 -0.86 6.77
C THR B 6 -3.75 -2.31 6.55
N ALA B 7 -2.62 -2.48 5.88
CA ALA B 7 -2.09 -3.81 5.60
C ALA B 7 -0.59 -3.77 5.34
N ARG B 8 0.08 -4.88 5.59
CA ARG B 8 1.53 -4.97 5.39
C ARG B 8 1.84 -5.45 3.97
N SER B 10 3.32 -7.14 1.35
CA SER B 10 2.90 -8.11 0.36
C SER B 10 2.76 -9.51 0.99
N THR B 11 1.54 -9.99 1.06
CA THR B 11 1.27 -11.31 1.63
C THR B 11 2.02 -12.41 0.87
N GLY B 12 2.71 -13.26 1.60
CA GLY B 12 3.46 -14.35 0.97
C GLY B 12 4.62 -13.84 0.14
N GLY B 13 5.07 -14.67 -0.79
CA GLY B 13 6.19 -14.28 -1.64
C GLY B 13 5.73 -13.58 -2.92
N LYS B 14 6.25 -12.38 -3.14
CA LYS B 14 5.89 -11.61 -4.33
C LYS B 14 6.48 -12.24 -5.58
N ALA B 15 5.62 -12.85 -6.39
CA ALA B 15 6.06 -13.49 -7.63
C ALA B 15 4.88 -13.70 -8.58
N PRO B 16 5.20 -13.88 -9.88
CA PRO B 16 4.18 -14.11 -10.91
C PRO B 16 3.50 -15.47 -10.77
N ARG B 17 4.31 -16.52 -10.61
CA ARG B 17 3.79 -17.86 -10.47
C ARG B 17 3.13 -18.06 -9.11
N TYR B 18 1.92 -18.61 -9.12
CA TYR B 18 1.19 -18.85 -7.88
C TYR B 18 0.62 -20.26 -7.84
N GLY A 1 26.43 -43.23 24.03
CA GLY A 1 25.52 -42.80 25.06
C GLY A 1 24.43 -43.82 25.32
N SER A 2 23.32 -43.37 25.89
CA SER A 2 22.20 -44.26 26.20
C SER A 2 20.87 -43.53 26.02
N HIS A 3 19.92 -44.20 25.36
CA HIS A 3 18.61 -43.62 25.12
C HIS A 3 17.57 -44.71 24.86
N MET A 4 16.47 -44.67 25.60
CA MET A 4 15.41 -45.65 25.45
C MET A 4 14.05 -44.97 25.27
N GLY A 5 13.50 -45.07 24.07
CA GLY A 5 12.21 -44.45 23.80
C GLY A 5 12.31 -42.96 23.59
N LYS A 6 12.77 -42.25 24.63
CA LYS A 6 12.92 -40.81 24.57
C LYS A 6 11.59 -40.14 24.20
N LYS A 7 10.86 -39.70 25.21
CA LYS A 7 9.58 -39.05 25.00
C LYS A 7 9.60 -37.61 25.52
N THR A 8 9.37 -36.65 24.63
CA THR A 8 9.37 -35.25 25.00
C THR A 8 8.56 -34.42 24.01
N LYS A 9 7.64 -33.61 24.52
CA LYS A 9 6.80 -32.76 23.69
C LYS A 9 7.56 -31.51 23.25
N ARG A 10 7.65 -31.31 21.94
CA ARG A 10 8.35 -30.14 21.39
C ARG A 10 7.74 -29.74 20.05
N THR A 11 7.88 -28.46 19.72
CA THR A 11 7.35 -27.94 18.46
C THR A 11 8.16 -26.75 17.98
N ALA A 12 8.40 -26.68 16.67
CA ALA A 12 9.16 -25.60 16.08
C ALA A 12 8.23 -24.58 15.41
N ASP A 13 8.17 -23.38 15.98
CA ASP A 13 7.33 -22.32 15.44
C ASP A 13 7.88 -20.95 15.80
N GLU A 18 8.01 -7.63 15.45
CA GLU A 18 8.79 -6.41 15.64
C GLU A 18 7.91 -5.17 15.50
N ASP A 19 8.38 -4.05 16.03
CA ASP A 19 7.64 -2.80 15.95
C ASP A 19 7.39 -2.41 14.51
N GLU A 20 6.45 -1.49 14.30
CA GLU A 20 6.11 -1.03 12.95
C GLU A 20 5.74 -2.20 12.05
N GLU A 21 4.95 -3.12 12.59
CA GLU A 21 4.52 -4.29 11.84
C GLU A 21 3.67 -3.88 10.64
N GLU A 22 2.71 -2.99 10.87
CA GLU A 22 1.83 -2.52 9.81
C GLU A 22 2.26 -1.14 9.32
N TYR A 23 1.95 -0.86 8.06
CA TYR A 23 2.31 0.43 7.46
C TYR A 23 1.07 1.17 6.97
N VAL A 24 1.06 2.48 7.15
CA VAL A 24 -0.07 3.31 6.74
C VAL A 24 0.27 4.12 5.49
N VAL A 25 -0.67 4.20 4.56
CA VAL A 25 -0.47 4.93 3.32
C VAL A 25 -0.89 6.39 3.48
N GLU A 26 -0.19 7.28 2.79
CA GLU A 26 -0.49 8.71 2.85
C GLU A 26 -1.33 9.14 1.65
N LYS A 27 -0.82 8.88 0.46
CA LYS A 27 -1.53 9.23 -0.78
C LYS A 27 -0.75 8.76 -2.01
N VAL A 28 -1.43 8.74 -3.15
CA VAL A 28 -0.81 8.32 -4.40
C VAL A 28 0.19 9.36 -4.90
N LEU A 29 1.25 8.90 -5.54
CA LEU A 29 2.28 9.79 -6.08
C LEU A 29 2.37 9.67 -7.58
N ASP A 30 2.48 8.43 -8.07
CA ASP A 30 2.58 8.17 -9.50
C ASP A 30 1.93 6.85 -9.87
N ARG A 31 1.66 6.65 -11.15
CA ARG A 31 1.04 5.42 -11.63
C ARG A 31 1.80 4.86 -12.82
N ARG A 32 1.83 3.53 -12.91
CA ARG A 32 2.53 2.86 -14.00
C ARG A 32 1.95 1.47 -14.25
N MET A 33 2.37 0.84 -15.34
CA MET A 33 1.90 -0.50 -15.68
C MET A 33 3.04 -1.37 -16.19
N VAL A 34 3.12 -2.59 -15.68
CA VAL A 34 4.17 -3.52 -16.07
C VAL A 34 3.67 -4.96 -16.06
N LYS A 35 4.04 -5.71 -17.09
CA LYS A 35 3.62 -7.11 -17.20
C LYS A 35 2.10 -7.23 -17.14
N GLY A 36 1.42 -6.39 -17.90
CA GLY A 36 -0.03 -6.42 -17.93
C GLY A 36 -0.64 -6.18 -16.55
N GLN A 37 0.09 -5.49 -15.70
CA GLN A 37 -0.38 -5.20 -14.35
C GLN A 37 -0.15 -3.74 -13.99
N VAL A 38 -1.21 -3.06 -13.57
CA VAL A 38 -1.12 -1.65 -13.19
C VAL A 38 -0.73 -1.50 -11.73
N GLU A 39 0.31 -0.70 -11.48
CA GLU A 39 0.78 -0.47 -10.12
C GLU A 39 0.69 1.01 -9.76
N TYR A 40 0.56 1.29 -8.47
CA TYR A 40 0.46 2.67 -7.99
C TYR A 40 1.46 2.93 -6.87
N LEU A 41 2.03 4.13 -6.86
CA LEU A 41 3.01 4.51 -5.84
C LEU A 41 2.32 4.92 -4.54
N LEU A 42 2.50 4.13 -3.50
CA LEU A 42 1.90 4.42 -2.20
C LEU A 42 2.96 4.77 -1.17
N LYS A 43 2.78 5.92 -0.52
CA LYS A 43 3.73 6.37 0.49
C LYS A 43 3.38 5.78 1.86
N TRP A 44 4.19 4.82 2.31
CA TRP A 44 3.96 4.18 3.60
C TRP A 44 4.56 5.01 4.73
N LYS A 45 4.05 4.81 5.94
CA LYS A 45 4.53 5.53 7.11
C LYS A 45 6.05 5.38 7.26
N GLY A 46 6.76 6.50 7.24
CA GLY A 46 8.21 6.46 7.38
C GLY A 46 8.92 6.40 6.04
N PHE A 47 8.27 5.78 5.06
CA PHE A 47 8.85 5.66 3.73
C PHE A 47 8.43 6.83 2.84
N SER A 48 9.34 7.25 1.96
CA SER A 48 9.06 8.36 1.06
C SER A 48 9.22 7.93 -0.39
N GLU A 49 8.91 8.84 -1.31
CA GLU A 49 9.01 8.55 -2.74
C GLU A 49 10.42 8.08 -3.09
N GLU A 50 11.39 8.44 -2.26
CA GLU A 50 12.78 8.05 -2.49
C GLU A 50 12.90 6.54 -2.67
N HIS A 51 12.17 5.79 -1.86
CA HIS A 51 12.19 4.33 -1.92
C HIS A 51 11.43 3.84 -3.15
N ASN A 52 10.56 4.69 -3.69
CA ASN A 52 9.77 4.33 -4.87
C ASN A 52 9.09 2.98 -4.67
N THR A 53 8.15 2.94 -3.74
CA THR A 53 7.41 1.71 -3.45
C THR A 53 6.12 1.65 -4.25
N TRP A 54 5.89 0.51 -4.90
CA TRP A 54 4.69 0.32 -5.71
C TRP A 54 3.84 -0.83 -5.16
N GLU A 55 2.53 -0.74 -5.36
CA GLU A 55 1.62 -1.77 -4.89
C GLU A 55 0.65 -2.19 -5.99
N PRO A 56 0.25 -3.47 -5.97
CA PRO A 56 -0.67 -4.03 -6.95
C PRO A 56 -2.09 -3.48 -6.81
N GLU A 57 -2.79 -3.36 -7.93
CA GLU A 57 -4.16 -2.85 -7.92
C GLU A 57 -5.04 -3.66 -6.99
N LYS A 58 -4.87 -4.98 -7.00
CA LYS A 58 -5.64 -5.87 -6.16
C LYS A 58 -5.54 -5.45 -4.69
N ASN A 59 -4.32 -5.23 -4.23
CA ASN A 59 -4.09 -4.83 -2.84
C ASN A 59 -4.51 -3.38 -2.62
N LEU A 60 -4.42 -2.57 -3.68
CA LEU A 60 -4.79 -1.17 -3.59
C LEU A 60 -6.22 -1.01 -3.08
N ASP A 61 -6.35 -0.69 -1.79
CA ASP A 61 -7.65 -0.51 -1.17
C ASP A 61 -7.96 0.97 -0.99
N CYS A 62 -7.86 1.73 -2.08
CA CYS A 62 -8.13 3.17 -2.05
C CYS A 62 -8.45 3.69 -3.45
N PRO A 63 -9.69 3.49 -3.89
CA PRO A 63 -10.14 3.93 -5.21
C PRO A 63 -10.26 5.45 -5.31
N GLU A 64 -10.87 6.05 -4.28
CA GLU A 64 -11.04 7.50 -4.25
C GLU A 64 -9.73 8.22 -4.56
N LEU A 65 -8.62 7.67 -4.07
CA LEU A 65 -7.31 8.25 -4.30
C LEU A 65 -7.05 8.43 -5.80
N ILE A 66 -7.41 7.42 -6.57
CA ILE A 66 -7.22 7.46 -8.02
C ILE A 66 -8.14 8.47 -8.67
N SER A 67 -9.40 8.50 -8.21
CA SER A 67 -10.38 9.43 -8.74
C SER A 67 -9.85 10.86 -8.75
N GLU A 68 -9.32 11.29 -7.61
CA GLU A 68 -8.77 12.63 -7.47
C GLU A 68 -7.42 12.74 -8.17
N PHE A 69 -6.59 11.72 -7.99
CA PHE A 69 -5.26 11.70 -8.60
C PHE A 69 -5.36 11.93 -10.12
N MET A 70 -6.31 11.25 -10.75
CA MET A 70 -6.50 11.38 -12.18
C MET A 70 -6.73 12.83 -12.58
N LYS A 71 -7.44 13.56 -11.72
CA LYS A 71 -7.73 14.97 -11.99
C LYS A 71 -6.45 15.76 -12.20
N LYS A 72 -5.52 15.65 -11.26
CA LYS A 72 -4.25 16.34 -11.35
C LYS A 72 -3.48 15.91 -12.60
N TYR A 73 -3.33 14.61 -12.78
CA TYR A 73 -2.61 14.07 -13.94
C TYR A 73 -3.22 14.59 -15.23
N LYS A 74 -4.55 14.61 -15.29
CA LYS A 74 -5.26 15.07 -16.48
C LYS A 74 -4.72 16.44 -16.93
N LYS A 75 -4.67 17.39 -16.00
CA LYS A 75 -4.19 18.72 -16.30
C LYS A 75 -2.74 18.68 -16.79
N MET A 76 -1.90 17.92 -16.10
CA MET A 76 -0.49 17.79 -16.47
C MET A 76 -0.36 17.31 -17.90
N LYS A 77 -1.01 16.20 -18.22
CA LYS A 77 -0.96 15.64 -19.57
C LYS A 77 -1.84 16.44 -20.52
N GLU A 78 -1.53 16.37 -21.81
CA GLU A 78 -2.29 17.09 -22.83
C GLU A 78 -3.41 16.21 -23.37
N GLY A 79 -4.65 16.67 -23.20
CA GLY A 79 -5.79 15.92 -23.68
C GLY A 79 -6.80 16.80 -24.39
N GLU A 80 -8.08 16.64 -24.04
CA GLU A 80 -9.15 17.42 -24.65
C GLU A 80 -10.05 18.03 -23.58
N ASN A 81 -10.53 19.24 -23.84
CA ASN A 81 -11.41 19.92 -22.89
C ASN A 81 -12.10 21.11 -23.56
N ASN A 82 -13.30 21.43 -23.09
CA ASN A 82 -14.07 22.54 -23.64
C ASN A 82 -14.67 23.40 -22.52
N LYS A 83 -14.67 24.71 -22.73
CA LYS A 83 -15.22 25.63 -21.74
C LYS A 83 -16.74 25.67 -21.82
N ALA B 1 -7.15 11.74 17.92
CA ALA B 1 -6.99 10.30 18.17
C ALA B 1 -7.97 9.49 17.33
N ARG B 2 -7.95 9.71 16.02
CA ARG B 2 -8.84 8.99 15.11
C ARG B 2 -8.08 7.95 14.30
N THR B 3 -8.54 6.71 14.34
CA THR B 3 -7.91 5.63 13.61
C THR B 3 -8.35 5.62 12.15
N LYS B 4 -7.47 5.10 11.28
CA LYS B 4 -7.76 5.02 9.86
C LYS B 4 -7.48 3.62 9.32
N GLN B 5 -8.05 3.32 8.15
CA GLN B 5 -7.85 2.02 7.53
C GLN B 5 -6.38 1.76 7.26
N THR B 6 -5.94 0.54 7.56
CA THR B 6 -4.55 0.16 7.37
C THR B 6 -4.41 -1.35 7.19
N ALA B 7 -3.34 -1.77 6.52
CA ALA B 7 -3.10 -3.19 6.28
C ALA B 7 -1.61 -3.45 6.03
N ARG B 8 -1.15 -4.63 6.44
CA ARG B 8 0.25 -5.00 6.26
C ARG B 8 0.61 -5.05 4.78
N SER B 10 2.31 -5.91 1.85
CA SER B 10 1.97 -6.59 0.61
C SER B 10 1.94 -8.10 0.81
N THR B 11 1.17 -8.79 -0.03
CA THR B 11 1.04 -10.24 0.06
C THR B 11 2.40 -10.91 -0.12
N GLY B 12 3.08 -10.58 -1.21
CA GLY B 12 4.38 -11.16 -1.47
C GLY B 12 5.51 -10.17 -1.30
N GLY B 13 6.59 -10.60 -0.65
CA GLY B 13 7.72 -9.72 -0.43
C GLY B 13 8.48 -9.42 -1.71
N LYS B 14 8.72 -8.13 -1.96
CA LYS B 14 9.43 -7.72 -3.16
C LYS B 14 10.95 -7.77 -2.94
N ALA B 15 11.64 -8.51 -3.79
CA ALA B 15 13.09 -8.65 -3.69
C ALA B 15 13.79 -7.66 -4.62
N PRO B 16 15.07 -7.39 -4.33
CA PRO B 16 15.88 -6.47 -5.13
C PRO B 16 16.21 -7.02 -6.51
N ARG B 17 16.67 -8.27 -6.54
CA ARG B 17 17.01 -8.92 -7.80
C ARG B 17 16.13 -10.14 -8.04
N TYR B 18 15.67 -10.29 -9.29
CA TYR B 18 14.82 -11.43 -9.64
C TYR B 18 13.61 -11.50 -8.72
N GLY A 1 -7.83 -57.06 26.02
CA GLY A 1 -7.51 -55.68 25.73
C GLY A 1 -7.98 -54.74 26.84
N SER A 2 -7.36 -53.56 26.91
CA SER A 2 -7.72 -52.58 27.93
C SER A 2 -9.08 -51.95 27.63
N HIS A 3 -9.94 -51.92 28.64
CA HIS A 3 -11.28 -51.34 28.48
C HIS A 3 -11.71 -50.63 29.76
N MET A 4 -12.56 -49.62 29.62
CA MET A 4 -13.05 -48.85 30.76
C MET A 4 -11.89 -48.32 31.59
N GLY A 5 -10.98 -47.59 30.94
CA GLY A 5 -9.84 -47.03 31.64
C GLY A 5 -8.75 -46.56 30.70
N LYS A 6 -9.04 -45.48 29.96
CA LYS A 6 -8.08 -44.93 29.01
C LYS A 6 -7.16 -43.91 29.69
N LYS A 7 -5.94 -43.82 29.21
CA LYS A 7 -4.96 -42.88 29.76
C LYS A 7 -4.65 -41.76 28.78
N THR A 8 -5.09 -40.55 29.09
CA THR A 8 -4.86 -39.40 28.23
C THR A 8 -4.47 -38.17 29.04
N LYS A 9 -3.77 -37.24 28.41
CA LYS A 9 -3.34 -36.02 29.07
C LYS A 9 -2.88 -34.97 28.05
N ARG A 10 -3.70 -33.95 27.86
CA ARG A 10 -3.38 -32.88 26.91
C ARG A 10 -2.92 -31.62 27.65
N THR A 11 -1.91 -30.96 27.09
CA THR A 11 -1.37 -29.75 27.69
C THR A 11 -1.04 -28.71 26.62
N ALA A 12 -1.49 -27.47 26.84
CA ALA A 12 -1.25 -26.38 25.90
C ALA A 12 -1.26 -25.04 26.61
N ASP A 13 -0.22 -24.23 26.37
CA ASP A 13 -0.11 -22.92 26.98
C ASP A 13 0.90 -22.05 26.23
N GLU A 18 0.57 -9.31 21.56
CA GLU A 18 0.30 -8.63 20.31
C GLU A 18 1.38 -7.59 20.00
N ASP A 19 1.83 -7.57 18.75
CA ASP A 19 2.87 -6.63 18.33
C ASP A 19 2.28 -5.54 17.44
N GLU A 20 2.86 -4.34 17.52
CA GLU A 20 2.40 -3.22 16.72
C GLU A 20 3.31 -2.98 15.52
N GLU A 21 2.82 -3.32 14.33
CA GLU A 21 3.60 -3.16 13.11
C GLU A 21 2.68 -3.06 11.90
N GLU A 22 2.43 -1.83 11.45
CA GLU A 22 1.57 -1.60 10.30
C GLU A 22 1.99 -0.34 9.54
N TYR A 23 1.84 -0.36 8.23
CA TYR A 23 2.19 0.77 7.39
C TYR A 23 0.95 1.48 6.86
N VAL A 24 0.94 2.81 6.95
CA VAL A 24 -0.19 3.60 6.48
C VAL A 24 0.15 4.32 5.18
N VAL A 25 -0.81 4.37 4.27
CA VAL A 25 -0.61 5.04 2.99
C VAL A 25 -1.05 6.50 3.06
N GLU A 26 -0.22 7.38 2.51
CA GLU A 26 -0.51 8.81 2.51
C GLU A 26 -1.45 9.17 1.35
N LYS A 27 -1.01 8.87 0.14
CA LYS A 27 -1.81 9.16 -1.05
C LYS A 27 -1.10 8.68 -2.32
N VAL A 28 -1.84 8.61 -3.41
CA VAL A 28 -1.29 8.17 -4.69
C VAL A 28 -0.18 9.11 -5.16
N LEU A 29 1.04 8.60 -5.23
CA LEU A 29 2.18 9.40 -5.67
C LEU A 29 2.31 9.38 -7.19
N ASP A 30 2.31 8.16 -7.75
CA ASP A 30 2.42 8.00 -9.20
C ASP A 30 1.73 6.72 -9.65
N ARG A 31 1.63 6.55 -10.97
CA ARG A 31 0.99 5.36 -11.53
C ARG A 31 1.82 4.79 -12.68
N ARG A 32 2.10 3.49 -12.60
CA ARG A 32 2.89 2.82 -13.63
C ARG A 32 2.32 1.43 -13.93
N MET A 33 2.80 0.82 -15.01
CA MET A 33 2.34 -0.50 -15.41
C MET A 33 3.52 -1.37 -15.85
N VAL A 34 3.56 -2.60 -15.36
CA VAL A 34 4.63 -3.53 -15.71
C VAL A 34 4.11 -4.97 -15.77
N LYS A 35 4.53 -5.70 -16.79
CA LYS A 35 4.11 -7.09 -16.96
C LYS A 35 2.59 -7.19 -16.98
N GLY A 36 1.94 -6.30 -17.72
CA GLY A 36 0.49 -6.33 -17.81
C GLY A 36 -0.17 -6.15 -16.46
N GLN A 37 0.52 -5.46 -15.55
CA GLN A 37 -0.01 -5.22 -14.21
C GLN A 37 0.09 -3.74 -13.85
N VAL A 38 -1.04 -3.16 -13.44
CA VAL A 38 -1.08 -1.76 -13.06
C VAL A 38 -0.68 -1.57 -11.61
N GLU A 39 0.39 -0.81 -11.39
CA GLU A 39 0.88 -0.56 -10.04
C GLU A 39 0.76 0.93 -9.69
N TYR A 40 0.72 1.23 -8.40
CA TYR A 40 0.62 2.61 -7.94
C TYR A 40 1.60 2.88 -6.81
N LEU A 41 2.26 4.04 -6.88
CA LEU A 41 3.23 4.43 -5.87
C LEU A 41 2.54 4.91 -4.60
N LEU A 42 2.57 4.08 -3.56
CA LEU A 42 1.95 4.41 -2.29
C LEU A 42 3.00 4.75 -1.24
N LYS A 43 2.84 5.89 -0.58
CA LYS A 43 3.77 6.32 0.45
C LYS A 43 3.42 5.68 1.80
N TRP A 44 4.24 4.72 2.22
CA TRP A 44 4.03 4.03 3.49
C TRP A 44 4.76 4.74 4.61
N LYS A 45 4.31 4.50 5.85
CA LYS A 45 4.92 5.12 7.02
C LYS A 45 6.43 4.93 7.00
N GLY A 46 7.16 6.01 7.28
CA GLY A 46 8.61 5.95 7.28
C GLY A 46 9.18 5.59 5.92
N PHE A 47 8.46 5.92 4.86
CA PHE A 47 8.89 5.63 3.51
C PHE A 47 8.51 6.76 2.55
N SER A 48 9.47 7.19 1.75
CA SER A 48 9.24 8.27 0.79
C SER A 48 9.55 7.81 -0.63
N GLU A 49 9.42 8.73 -1.58
CA GLU A 49 9.68 8.42 -2.98
C GLU A 49 11.08 7.82 -3.15
N GLU A 50 11.97 8.14 -2.22
CA GLU A 50 13.33 7.63 -2.27
C GLU A 50 13.35 6.12 -2.41
N HIS A 51 12.37 5.46 -1.79
CA HIS A 51 12.27 4.01 -1.83
C HIS A 51 11.48 3.55 -3.07
N ASN A 52 10.66 4.47 -3.60
CA ASN A 52 9.85 4.16 -4.78
C ASN A 52 9.13 2.83 -4.62
N THR A 53 8.19 2.80 -3.67
CA THR A 53 7.42 1.59 -3.41
C THR A 53 6.13 1.57 -4.24
N TRP A 54 5.90 0.45 -4.91
CA TRP A 54 4.70 0.30 -5.74
C TRP A 54 3.82 -0.82 -5.22
N GLU A 55 2.51 -0.70 -5.45
CA GLU A 55 1.55 -1.69 -5.00
C GLU A 55 0.60 -2.09 -6.12
N PRO A 56 0.17 -3.35 -6.12
CA PRO A 56 -0.75 -3.88 -7.14
C PRO A 56 -2.15 -3.31 -7.00
N GLU A 57 -2.83 -3.12 -8.13
CA GLU A 57 -4.19 -2.58 -8.13
C GLU A 57 -5.10 -3.41 -7.23
N LYS A 58 -4.91 -4.72 -7.26
CA LYS A 58 -5.72 -5.63 -6.44
C LYS A 58 -5.64 -5.24 -4.97
N ASN A 59 -4.43 -5.05 -4.47
CA ASN A 59 -4.21 -4.68 -3.08
C ASN A 59 -4.66 -3.24 -2.82
N LEU A 60 -4.57 -2.41 -3.84
CA LEU A 60 -4.97 -1.01 -3.74
C LEU A 60 -6.40 -0.89 -3.24
N ASP A 61 -6.57 -0.61 -1.96
CA ASP A 61 -7.89 -0.46 -1.37
C ASP A 61 -8.22 1.00 -1.12
N CYS A 62 -8.05 1.83 -2.14
CA CYS A 62 -8.33 3.25 -2.04
C CYS A 62 -8.60 3.86 -3.41
N PRO A 63 -9.82 3.64 -3.91
CA PRO A 63 -10.24 4.16 -5.22
C PRO A 63 -10.40 5.67 -5.22
N GLU A 64 -11.03 6.20 -4.17
CA GLU A 64 -11.25 7.63 -4.05
C GLU A 64 -9.96 8.41 -4.33
N LEU A 65 -8.84 7.86 -3.85
CA LEU A 65 -7.54 8.49 -4.05
C LEU A 65 -7.26 8.72 -5.52
N ILE A 66 -7.57 7.73 -6.34
CA ILE A 66 -7.35 7.81 -7.79
C ILE A 66 -8.33 8.78 -8.42
N SER A 67 -9.57 8.79 -7.93
CA SER A 67 -10.60 9.68 -8.46
C SER A 67 -10.09 11.12 -8.52
N GLU A 68 -9.54 11.60 -7.41
CA GLU A 68 -9.02 12.96 -7.34
C GLU A 68 -7.68 13.07 -8.06
N PHE A 69 -6.83 12.07 -7.85
CA PHE A 69 -5.51 12.05 -8.46
C PHE A 69 -5.62 12.22 -9.98
N MET A 70 -6.60 11.56 -10.57
CA MET A 70 -6.81 11.63 -12.01
C MET A 70 -7.13 13.06 -12.44
N LYS A 71 -7.78 13.81 -11.56
CA LYS A 71 -8.13 15.20 -11.84
C LYS A 71 -6.89 16.02 -12.19
N LYS A 72 -5.90 15.97 -11.30
CA LYS A 72 -4.66 16.71 -11.51
C LYS A 72 -3.86 16.11 -12.66
N TYR A 73 -3.62 14.80 -12.60
CA TYR A 73 -2.87 14.12 -13.64
C TYR A 73 -3.43 14.42 -15.01
N LYS A 74 -4.75 14.40 -15.13
CA LYS A 74 -5.42 14.67 -16.39
C LYS A 74 -4.88 15.96 -17.02
N LYS A 75 -4.87 17.03 -16.24
CA LYS A 75 -4.38 18.32 -16.72
C LYS A 75 -2.92 18.22 -17.16
N MET A 76 -2.11 17.57 -16.35
CA MET A 76 -0.69 17.39 -16.66
C MET A 76 -0.51 16.73 -18.02
N LYS A 77 -1.14 15.58 -18.20
CA LYS A 77 -1.05 14.83 -19.46
C LYS A 77 -1.87 15.52 -20.55
N GLU A 78 -1.28 15.65 -21.74
CA GLU A 78 -1.96 16.29 -22.85
C GLU A 78 -2.53 15.24 -23.81
N GLY A 79 -3.83 15.33 -24.07
CA GLY A 79 -4.47 14.39 -24.97
C GLY A 79 -5.96 14.27 -24.71
N GLU A 80 -6.75 14.34 -25.77
CA GLU A 80 -8.20 14.24 -25.65
C GLU A 80 -8.74 15.30 -24.70
N ASN A 81 -9.23 16.40 -25.27
CA ASN A 81 -9.77 17.49 -24.47
C ASN A 81 -11.10 17.99 -25.06
N ASN A 82 -12.15 17.94 -24.25
CA ASN A 82 -13.46 18.37 -24.69
C ASN A 82 -13.54 19.90 -24.74
N LYS A 83 -13.54 20.45 -25.95
CA LYS A 83 -13.61 21.89 -26.13
C LYS A 83 -14.59 22.26 -27.24
N ALA B 1 -13.31 9.41 17.68
CA ALA B 1 -12.43 8.48 16.99
C ALA B 1 -12.53 8.65 15.48
N ARG B 2 -11.41 8.43 14.79
CA ARG B 2 -11.37 8.57 13.33
C ARG B 2 -11.40 7.19 12.67
N THR B 3 -11.94 7.14 11.45
CA THR B 3 -12.03 5.90 10.70
C THR B 3 -11.03 5.87 9.55
N LYS B 4 -9.99 5.05 9.71
CA LYS B 4 -8.97 4.92 8.67
C LYS B 4 -8.59 3.47 8.46
N GLN B 5 -8.90 2.95 7.27
CA GLN B 5 -8.59 1.56 6.94
C GLN B 5 -7.10 1.38 6.70
N THR B 6 -6.43 0.67 7.60
CA THR B 6 -5.00 0.42 7.49
C THR B 6 -4.71 -1.07 7.38
N ALA B 7 -3.55 -1.40 6.83
CA ALA B 7 -3.15 -2.79 6.66
C ALA B 7 -1.64 -2.91 6.42
N ARG B 8 -1.08 -4.06 6.75
CA ARG B 8 0.35 -4.30 6.58
C ARG B 8 0.67 -4.59 5.12
N SER B 10 2.24 -5.97 2.34
CA SER B 10 1.85 -6.83 1.24
C SER B 10 1.72 -8.28 1.69
N THR B 11 0.73 -8.98 1.14
CA THR B 11 0.50 -10.37 1.49
C THR B 11 1.73 -11.24 1.19
N GLY B 12 2.34 -11.00 0.04
CA GLY B 12 3.52 -11.76 -0.35
C GLY B 12 4.75 -10.89 -0.43
N GLY B 13 5.66 -11.06 0.52
CA GLY B 13 6.89 -10.29 0.53
C GLY B 13 8.03 -11.01 1.23
N LYS B 14 9.26 -10.70 0.83
CA LYS B 14 10.44 -11.33 1.42
C LYS B 14 11.48 -10.27 1.77
N ALA B 15 11.75 -10.13 3.06
CA ALA B 15 12.74 -9.15 3.53
C ALA B 15 14.02 -9.85 3.99
N PRO B 16 15.11 -9.09 4.05
CA PRO B 16 16.42 -9.61 4.47
C PRO B 16 16.45 -9.96 5.96
N ARG B 17 15.98 -9.04 6.79
CA ARG B 17 15.96 -9.24 8.23
C ARG B 17 14.53 -9.44 8.73
N TYR B 18 14.26 -10.61 9.29
CA TYR B 18 12.93 -10.92 9.80
C TYR B 18 12.92 -10.90 11.33
N GLY A 1 -36.01 -32.85 45.65
CA GLY A 1 -35.11 -31.76 45.33
C GLY A 1 -33.65 -32.19 45.35
N SER A 2 -33.02 -32.17 44.18
CA SER A 2 -31.62 -32.57 44.06
C SER A 2 -30.71 -31.34 44.01
N HIS A 3 -31.01 -30.44 43.08
CA HIS A 3 -30.21 -29.22 42.93
C HIS A 3 -30.68 -28.14 43.90
N MET A 4 -29.73 -27.55 44.60
CA MET A 4 -30.05 -26.49 45.57
C MET A 4 -29.67 -25.12 45.03
N GLY A 5 -28.41 -24.98 44.59
CA GLY A 5 -27.96 -23.72 44.07
C GLY A 5 -26.83 -23.89 43.05
N LYS A 6 -27.18 -23.84 41.77
CA LYS A 6 -26.18 -23.99 40.72
C LYS A 6 -25.31 -22.75 40.59
N LYS A 7 -24.07 -22.93 40.15
CA LYS A 7 -23.14 -21.83 39.99
C LYS A 7 -21.98 -22.22 39.09
N THR A 8 -21.82 -21.50 37.99
CA THR A 8 -20.75 -21.77 37.03
C THR A 8 -20.00 -20.50 36.67
N LYS A 9 -18.75 -20.65 36.27
CA LYS A 9 -17.91 -19.51 35.88
C LYS A 9 -16.98 -19.88 34.74
N ARG A 10 -16.66 -18.90 33.91
CA ARG A 10 -15.77 -19.12 32.77
C ARG A 10 -14.77 -17.98 32.64
N THR A 11 -13.62 -18.27 32.04
CA THR A 11 -12.58 -17.26 31.86
C THR A 11 -12.16 -17.18 30.39
N ALA A 12 -11.93 -15.96 29.91
CA ALA A 12 -11.52 -15.73 28.54
C ALA A 12 -10.90 -14.35 28.36
N ASP A 13 -9.59 -14.33 28.12
CA ASP A 13 -8.87 -13.07 27.93
C ASP A 13 -7.57 -13.30 27.16
N GLU A 18 2.60 -6.80 19.17
CA GLU A 18 3.65 -6.98 18.17
C GLU A 18 4.16 -5.63 17.68
N ASP A 19 5.40 -5.62 17.20
CA ASP A 19 6.02 -4.39 16.69
C ASP A 19 5.33 -3.94 15.40
N GLU A 20 5.66 -2.71 14.98
CA GLU A 20 5.07 -2.16 13.77
C GLU A 20 5.34 -3.05 12.57
N GLU A 21 4.30 -3.74 12.09
CA GLU A 21 4.44 -4.63 10.95
C GLU A 21 3.74 -4.06 9.73
N GLU A 22 2.47 -3.69 9.90
CA GLU A 22 1.69 -3.12 8.80
C GLU A 22 2.03 -1.65 8.58
N TYR A 23 1.92 -1.20 7.34
CA TYR A 23 2.23 0.18 7.00
C TYR A 23 0.99 0.91 6.49
N VAL A 24 0.93 2.21 6.73
CA VAL A 24 -0.20 3.03 6.29
C VAL A 24 0.17 3.88 5.08
N VAL A 25 -0.76 4.01 4.15
CA VAL A 25 -0.54 4.80 2.95
C VAL A 25 -0.97 6.25 3.16
N GLU A 26 -0.25 7.17 2.53
CA GLU A 26 -0.56 8.59 2.65
C GLU A 26 -1.39 9.07 1.46
N LYS A 27 -0.87 8.85 0.25
CA LYS A 27 -1.56 9.25 -0.96
C LYS A 27 -0.83 8.75 -2.21
N VAL A 28 -1.50 8.77 -3.35
CA VAL A 28 -0.91 8.32 -4.60
C VAL A 28 0.16 9.29 -5.08
N LEU A 29 1.22 8.76 -5.67
CA LEU A 29 2.31 9.59 -6.18
C LEU A 29 2.43 9.46 -7.70
N ASP A 30 2.43 8.22 -8.19
CA ASP A 30 2.53 7.97 -9.62
C ASP A 30 1.87 6.64 -9.98
N ARG A 31 1.72 6.39 -11.28
CA ARG A 31 1.11 5.16 -11.75
C ARG A 31 1.91 4.56 -12.91
N ARG A 32 1.92 3.23 -12.98
CA ARG A 32 2.65 2.53 -14.03
C ARG A 32 2.20 1.09 -14.14
N MET A 33 2.30 0.53 -15.35
CA MET A 33 1.90 -0.86 -15.59
C MET A 33 3.10 -1.69 -16.03
N VAL A 34 3.22 -2.89 -15.45
CA VAL A 34 4.32 -3.78 -15.79
C VAL A 34 3.86 -5.24 -15.79
N LYS A 35 4.29 -6.00 -16.79
CA LYS A 35 3.92 -7.40 -16.91
C LYS A 35 2.41 -7.57 -16.88
N GLY A 36 1.71 -6.74 -17.65
CA GLY A 36 0.27 -6.81 -17.71
C GLY A 36 -0.37 -6.61 -16.35
N GLN A 37 0.30 -5.88 -15.48
CA GLN A 37 -0.21 -5.62 -14.13
C GLN A 37 -0.10 -4.13 -13.79
N VAL A 38 -1.22 -3.54 -13.38
CA VAL A 38 -1.24 -2.12 -13.02
C VAL A 38 -0.73 -1.91 -11.60
N GLU A 39 0.25 -1.01 -11.46
CA GLU A 39 0.83 -0.72 -10.15
C GLU A 39 0.71 0.76 -9.83
N TYR A 40 0.59 1.08 -8.55
CA TYR A 40 0.46 2.46 -8.11
C TYR A 40 1.47 2.78 -7.01
N LEU A 41 2.14 3.93 -7.14
CA LEU A 41 3.14 4.35 -6.17
C LEU A 41 2.47 4.89 -4.90
N LEU A 42 2.52 4.11 -3.83
CA LEU A 42 1.93 4.52 -2.56
C LEU A 42 3.00 4.86 -1.54
N LYS A 43 2.77 5.92 -0.76
CA LYS A 43 3.72 6.34 0.25
C LYS A 43 3.37 5.73 1.61
N TRP A 44 4.17 4.77 2.04
CA TRP A 44 3.95 4.10 3.32
C TRP A 44 4.46 4.95 4.47
N LYS A 45 3.92 4.71 5.67
CA LYS A 45 4.32 5.47 6.85
C LYS A 45 5.84 5.39 7.05
N GLY A 46 6.48 6.56 7.03
CA GLY A 46 7.92 6.61 7.21
C GLY A 46 8.67 6.56 5.90
N PHE A 47 8.09 5.87 4.92
CA PHE A 47 8.71 5.75 3.60
C PHE A 47 8.32 6.91 2.69
N SER A 48 9.24 7.32 1.82
CA SER A 48 8.98 8.41 0.90
C SER A 48 9.14 7.96 -0.54
N GLU A 49 8.82 8.85 -1.48
CA GLU A 49 8.94 8.55 -2.90
C GLU A 49 10.35 8.08 -3.25
N GLU A 50 11.32 8.46 -2.41
CA GLU A 50 12.70 8.09 -2.64
C GLU A 50 12.84 6.58 -2.79
N HIS A 51 12.11 5.85 -1.96
CA HIS A 51 12.14 4.39 -2.00
C HIS A 51 11.41 3.85 -3.23
N ASN A 52 10.54 4.69 -3.80
CA ASN A 52 9.79 4.30 -4.98
C ASN A 52 9.09 2.96 -4.76
N THR A 53 8.14 2.93 -3.84
CA THR A 53 7.39 1.71 -3.54
C THR A 53 6.12 1.63 -4.36
N TRP A 54 5.90 0.48 -4.99
CA TRP A 54 4.70 0.27 -5.80
C TRP A 54 3.77 -0.75 -5.15
N GLU A 55 2.47 -0.59 -5.40
CA GLU A 55 1.48 -1.50 -4.83
C GLU A 55 0.50 -1.97 -5.91
N PRO A 56 0.22 -3.28 -5.91
CA PRO A 56 -0.70 -3.89 -6.87
C PRO A 56 -2.15 -3.47 -6.65
N GLU A 57 -2.94 -3.48 -7.72
CA GLU A 57 -4.34 -3.10 -7.64
C GLU A 57 -5.05 -3.86 -6.51
N LYS A 58 -4.78 -5.17 -6.43
CA LYS A 58 -5.38 -6.01 -5.41
C LYS A 58 -5.18 -5.41 -4.02
N ASN A 59 -3.95 -5.02 -3.73
CA ASN A 59 -3.61 -4.44 -2.44
C ASN A 59 -4.15 -3.01 -2.33
N LEU A 60 -4.23 -2.34 -3.47
CA LEU A 60 -4.73 -0.97 -3.51
C LEU A 60 -6.13 -0.87 -2.92
N ASP A 61 -6.21 -0.40 -1.68
CA ASP A 61 -7.49 -0.25 -1.00
C ASP A 61 -7.88 1.22 -0.87
N CYS A 62 -7.81 1.93 -1.99
CA CYS A 62 -8.15 3.36 -2.00
C CYS A 62 -8.43 3.84 -3.42
N PRO A 63 -9.66 3.57 -3.90
CA PRO A 63 -10.08 3.97 -5.25
C PRO A 63 -10.24 5.49 -5.39
N GLU A 64 -10.89 6.10 -4.41
CA GLU A 64 -11.09 7.54 -4.42
C GLU A 64 -9.80 8.28 -4.73
N LEU A 65 -8.70 7.78 -4.18
CA LEU A 65 -7.39 8.40 -4.39
C LEU A 65 -7.08 8.52 -5.87
N ILE A 66 -7.40 7.48 -6.63
CA ILE A 66 -7.16 7.48 -8.08
C ILE A 66 -8.07 8.47 -8.78
N SER A 67 -9.36 8.44 -8.44
CA SER A 67 -10.34 9.33 -9.05
C SER A 67 -9.88 10.78 -8.96
N GLU A 68 -9.42 11.17 -7.76
CA GLU A 68 -8.96 12.54 -7.55
C GLU A 68 -7.60 12.76 -8.21
N PHE A 69 -6.71 11.79 -8.06
CA PHE A 69 -5.37 11.89 -8.64
C PHE A 69 -5.46 12.19 -10.14
N MET A 70 -6.37 11.51 -10.82
CA MET A 70 -6.55 11.71 -12.26
C MET A 70 -6.86 13.18 -12.57
N LYS A 71 -7.63 13.81 -11.69
CA LYS A 71 -7.99 15.22 -11.88
C LYS A 71 -6.75 16.09 -11.97
N LYS A 72 -5.86 15.96 -10.99
CA LYS A 72 -4.63 16.73 -10.96
C LYS A 72 -3.71 16.35 -12.12
N TYR A 73 -3.49 15.05 -12.29
CA TYR A 73 -2.63 14.57 -13.37
C TYR A 73 -3.07 15.12 -14.71
N LYS A 74 -4.39 15.10 -14.94
CA LYS A 74 -4.95 15.60 -16.20
C LYS A 74 -4.41 16.99 -16.52
N LYS A 75 -4.52 17.90 -15.56
CA LYS A 75 -4.04 19.26 -15.74
C LYS A 75 -2.56 19.28 -16.11
N MET A 76 -1.78 18.43 -15.43
CA MET A 76 -0.34 18.34 -15.69
C MET A 76 -0.08 18.09 -17.18
N LYS A 77 -0.69 17.05 -17.71
CA LYS A 77 -0.53 16.70 -19.13
C LYS A 77 -1.43 17.55 -20.01
N GLU A 78 -1.16 17.54 -21.31
CA GLU A 78 -1.96 18.31 -22.26
C GLU A 78 -3.42 17.88 -22.21
N GLY A 79 -3.64 16.57 -22.20
CA GLY A 79 -5.01 16.06 -22.16
C GLY A 79 -5.44 15.47 -23.50
N GLU A 80 -6.45 14.60 -23.45
CA GLU A 80 -6.96 13.97 -24.66
C GLU A 80 -8.48 14.03 -24.71
N ASN A 81 -9.04 13.95 -25.92
CA ASN A 81 -10.47 14.00 -26.10
C ASN A 81 -11.17 12.88 -25.33
N ASN A 82 -11.93 13.25 -24.31
CA ASN A 82 -12.64 12.27 -23.49
C ASN A 82 -14.01 12.81 -23.08
N LYS A 83 -14.94 11.90 -22.83
CA LYS A 83 -16.29 12.28 -22.42
C LYS A 83 -16.61 11.74 -21.03
N ALA B 1 -17.09 7.92 15.96
CA ALA B 1 -16.84 7.40 14.62
C ALA B 1 -15.35 7.40 14.31
N ARG B 2 -14.82 6.23 13.97
CA ARG B 2 -13.40 6.10 13.65
C ARG B 2 -13.16 4.91 12.74
N THR B 3 -12.59 5.16 11.57
CA THR B 3 -12.31 4.10 10.60
C THR B 3 -11.08 4.44 9.78
N LYS B 4 -10.27 3.42 9.48
CA LYS B 4 -9.07 3.60 8.67
C LYS B 4 -8.54 2.26 8.17
N GLN B 5 -8.48 2.12 6.85
CA GLN B 5 -7.99 0.89 6.24
C GLN B 5 -6.47 0.86 6.21
N THR B 6 -5.90 -0.34 6.26
CA THR B 6 -4.45 -0.51 6.24
C THR B 6 -4.07 -1.93 5.84
N ALA B 7 -3.00 -2.04 5.06
CA ALA B 7 -2.52 -3.35 4.62
C ALA B 7 -1.00 -3.37 4.48
N ARG B 8 -0.40 -4.52 4.75
CA ARG B 8 1.05 -4.66 4.64
C ARG B 8 1.44 -5.36 3.35
N SER B 10 3.42 -7.04 1.00
CA SER B 10 3.39 -8.34 0.35
C SER B 10 3.90 -9.44 1.28
N THR B 11 3.01 -10.36 1.63
CA THR B 11 3.37 -11.46 2.52
C THR B 11 4.49 -12.30 1.93
N GLY B 12 5.50 -12.60 2.75
CA GLY B 12 6.62 -13.40 2.29
C GLY B 12 7.84 -12.56 1.96
N GLY B 13 7.65 -11.57 1.08
CA GLY B 13 8.76 -10.71 0.69
C GLY B 13 9.79 -11.43 -0.14
N LYS B 14 9.51 -11.58 -1.43
CA LYS B 14 10.43 -12.26 -2.34
C LYS B 14 10.79 -13.65 -1.82
N ALA B 15 9.76 -14.46 -1.54
CA ALA B 15 9.98 -15.82 -1.05
C ALA B 15 10.68 -15.79 0.30
N PRO B 16 10.59 -16.90 1.05
CA PRO B 16 11.21 -17.03 2.36
C PRO B 16 12.73 -17.11 2.28
N ARG B 17 13.40 -16.62 3.31
CA ARG B 17 14.86 -16.62 3.35
C ARG B 17 15.36 -17.09 4.71
N TYR B 18 16.14 -18.17 4.72
CA TYR B 18 16.68 -18.72 5.95
C TYR B 18 18.18 -18.43 6.07
N GLY A 1 10.75 -50.98 -5.76
CA GLY A 1 11.72 -50.71 -4.73
C GLY A 1 11.80 -51.81 -3.70
N SER A 2 12.11 -51.44 -2.46
CA SER A 2 12.21 -52.41 -1.37
C SER A 2 11.98 -51.75 -0.03
N HIS A 3 10.88 -52.11 0.63
CA HIS A 3 10.53 -51.55 1.93
C HIS A 3 10.02 -52.64 2.86
N MET A 4 10.70 -52.82 3.99
CA MET A 4 10.32 -53.83 4.97
C MET A 4 9.37 -53.24 6.02
N GLY A 5 9.80 -52.15 6.64
CA GLY A 5 8.98 -51.49 7.65
C GLY A 5 9.55 -50.16 8.08
N LYS A 6 9.46 -49.16 7.20
CA LYS A 6 9.96 -47.83 7.51
C LYS A 6 9.06 -47.11 8.50
N LYS A 7 9.59 -46.82 9.69
CA LYS A 7 8.82 -46.14 10.72
C LYS A 7 9.64 -45.00 11.33
N THR A 8 9.18 -43.77 11.11
CA THR A 8 9.87 -42.60 11.63
C THR A 8 8.94 -41.39 11.71
N LYS A 9 8.69 -40.92 12.93
CA LYS A 9 7.81 -39.78 13.14
C LYS A 9 8.49 -38.73 14.00
N ARG A 10 8.59 -37.50 13.47
CA ARG A 10 9.22 -36.41 14.20
C ARG A 10 8.95 -35.08 13.50
N THR A 11 8.90 -34.01 14.28
CA THR A 11 8.65 -32.68 13.74
C THR A 11 8.97 -31.59 14.77
N ALA A 12 9.80 -30.64 14.37
CA ALA A 12 10.18 -29.54 15.26
C ALA A 12 10.78 -28.39 14.47
N ASP A 13 10.28 -27.18 14.73
CA ASP A 13 10.77 -25.99 14.04
C ASP A 13 10.62 -24.75 14.93
N GLU A 18 9.54 -13.41 14.20
CA GLU A 18 9.61 -12.04 13.72
C GLU A 18 8.39 -11.25 14.16
N ASP A 19 8.58 -9.96 14.41
CA ASP A 19 7.49 -9.08 14.84
C ASP A 19 6.73 -8.54 13.64
N GLU A 20 5.46 -8.21 13.85
CA GLU A 20 4.61 -7.68 12.78
C GLU A 20 4.85 -6.18 12.61
N GLU A 21 5.09 -5.77 11.36
CA GLU A 21 5.33 -4.37 11.05
C GLU A 21 4.35 -3.87 9.99
N GLU A 22 3.27 -3.25 10.44
CA GLU A 22 2.26 -2.72 9.54
C GLU A 22 2.55 -1.27 9.18
N TYR A 23 2.25 -0.90 7.93
CA TYR A 23 2.48 0.46 7.47
C TYR A 23 1.22 1.04 6.85
N VAL A 24 1.02 2.35 7.04
CA VAL A 24 -0.15 3.04 6.49
C VAL A 24 0.23 3.88 5.29
N VAL A 25 -0.69 3.98 4.33
CA VAL A 25 -0.46 4.76 3.12
C VAL A 25 -0.87 6.23 3.33
N GLU A 26 -0.19 7.12 2.63
CA GLU A 26 -0.48 8.55 2.74
C GLU A 26 -1.33 9.02 1.56
N LYS A 27 -0.85 8.79 0.35
CA LYS A 27 -1.57 9.18 -0.85
C LYS A 27 -0.85 8.69 -2.10
N VAL A 28 -1.56 8.71 -3.23
CA VAL A 28 -0.99 8.26 -4.50
C VAL A 28 0.00 9.28 -5.04
N LEU A 29 1.20 8.80 -5.39
CA LEU A 29 2.25 9.66 -5.92
C LEU A 29 2.30 9.58 -7.44
N ASP A 30 2.36 8.36 -7.96
CA ASP A 30 2.42 8.14 -9.40
C ASP A 30 1.78 6.81 -9.78
N ARG A 31 1.58 6.59 -11.07
CA ARG A 31 0.97 5.36 -11.56
C ARG A 31 1.71 4.85 -12.79
N ARG A 32 1.82 3.52 -12.89
CA ARG A 32 2.51 2.90 -14.03
C ARG A 32 1.94 1.52 -14.31
N MET A 33 2.36 0.93 -15.42
CA MET A 33 1.89 -0.40 -15.80
C MET A 33 3.05 -1.24 -16.35
N VAL A 34 3.15 -2.48 -15.85
CA VAL A 34 4.21 -3.38 -16.29
C VAL A 34 3.72 -4.82 -16.30
N LYS A 35 4.08 -5.56 -17.35
CA LYS A 35 3.68 -6.96 -17.48
C LYS A 35 2.17 -7.10 -17.40
N GLY A 36 1.46 -6.24 -18.15
CA GLY A 36 0.01 -6.29 -18.16
C GLY A 36 -0.58 -6.10 -16.78
N GLN A 37 0.15 -5.40 -15.91
CA GLN A 37 -0.32 -5.15 -14.55
C GLN A 37 -0.09 -3.69 -14.17
N VAL A 38 -1.16 -3.04 -13.71
CA VAL A 38 -1.08 -1.64 -13.32
C VAL A 38 -0.70 -1.51 -11.84
N GLU A 39 0.31 -0.70 -11.56
CA GLU A 39 0.77 -0.49 -10.19
C GLU A 39 0.65 0.98 -9.80
N TYR A 40 0.54 1.23 -8.49
CA TYR A 40 0.42 2.59 -7.99
C TYR A 40 1.44 2.85 -6.87
N LEU A 41 1.99 4.05 -6.85
CA LEU A 41 2.97 4.43 -5.84
C LEU A 41 2.28 4.85 -4.54
N LEU A 42 2.41 4.01 -3.51
CA LEU A 42 1.80 4.30 -2.22
C LEU A 42 2.86 4.65 -1.19
N LYS A 43 2.75 5.84 -0.62
CA LYS A 43 3.70 6.31 0.39
C LYS A 43 3.36 5.72 1.76
N TRP A 44 4.23 4.82 2.23
CA TRP A 44 4.02 4.19 3.53
C TRP A 44 4.56 5.06 4.65
N LYS A 45 4.04 4.85 5.86
CA LYS A 45 4.47 5.62 7.02
C LYS A 45 5.99 5.54 7.19
N GLY A 46 6.61 6.70 7.39
CA GLY A 46 8.05 6.74 7.58
C GLY A 46 8.81 6.41 6.30
N PHE A 47 8.18 6.65 5.16
CA PHE A 47 8.79 6.37 3.86
C PHE A 47 8.47 7.47 2.86
N SER A 48 9.41 7.71 1.94
CA SER A 48 9.23 8.74 0.93
C SER A 48 9.32 8.14 -0.47
N GLU A 49 9.06 8.97 -1.48
CA GLU A 49 9.12 8.51 -2.87
C GLU A 49 10.50 7.96 -3.21
N GLU A 50 11.48 8.31 -2.41
CA GLU A 50 12.85 7.85 -2.63
C GLU A 50 12.89 6.33 -2.73
N HIS A 51 12.11 5.66 -1.88
CA HIS A 51 12.07 4.21 -1.88
C HIS A 51 11.32 3.68 -3.09
N ASN A 52 10.50 4.54 -3.69
CA ASN A 52 9.73 4.16 -4.87
C ASN A 52 9.02 2.83 -4.65
N THR A 53 8.06 2.82 -3.73
CA THR A 53 7.31 1.61 -3.43
C THR A 53 6.03 1.54 -4.25
N TRP A 54 5.80 0.39 -4.88
CA TRP A 54 4.61 0.19 -5.71
C TRP A 54 3.78 -0.97 -5.18
N GLU A 55 2.46 -0.86 -5.34
CA GLU A 55 1.54 -1.89 -4.88
C GLU A 55 0.54 -2.25 -5.97
N PRO A 56 0.14 -3.53 -5.99
CA PRO A 56 -0.81 -4.04 -6.98
C PRO A 56 -2.23 -3.51 -6.74
N GLU A 57 -3.04 -3.53 -7.79
CA GLU A 57 -4.42 -3.05 -7.70
C GLU A 57 -5.18 -3.80 -6.62
N LYS A 58 -5.04 -5.12 -6.61
CA LYS A 58 -5.73 -5.96 -5.61
C LYS A 58 -5.45 -5.45 -4.20
N ASN A 59 -4.20 -5.11 -3.92
CA ASN A 59 -3.82 -4.60 -2.61
C ASN A 59 -4.24 -3.16 -2.43
N LEU A 60 -4.29 -2.42 -3.54
CA LEU A 60 -4.67 -1.01 -3.51
C LEU A 60 -6.05 -0.84 -2.86
N ASP A 61 -6.05 -0.45 -1.60
CA ASP A 61 -7.30 -0.24 -0.86
C ASP A 61 -7.61 1.24 -0.74
N CYS A 62 -7.66 1.92 -1.88
CA CYS A 62 -7.96 3.34 -1.92
C CYS A 62 -8.29 3.80 -3.34
N PRO A 63 -9.49 3.47 -3.80
CA PRO A 63 -9.95 3.84 -5.15
C PRO A 63 -10.20 5.33 -5.28
N GLU A 64 -10.86 5.92 -4.28
CA GLU A 64 -11.16 7.34 -4.29
C GLU A 64 -9.92 8.16 -4.65
N LEU A 65 -8.78 7.75 -4.11
CA LEU A 65 -7.52 8.44 -4.37
C LEU A 65 -7.27 8.57 -5.87
N ILE A 66 -7.53 7.49 -6.60
CA ILE A 66 -7.34 7.48 -8.05
C ILE A 66 -8.26 8.48 -8.73
N SER A 67 -9.52 8.51 -8.30
CA SER A 67 -10.49 9.42 -8.88
C SER A 67 -9.98 10.86 -8.90
N GLU A 68 -9.49 11.31 -7.75
CA GLU A 68 -8.96 12.66 -7.62
C GLU A 68 -7.58 12.77 -8.29
N PHE A 69 -6.76 11.75 -8.07
CA PHE A 69 -5.41 11.73 -8.65
C PHE A 69 -5.47 11.94 -10.15
N MET A 70 -6.38 11.24 -10.82
CA MET A 70 -6.54 11.36 -12.26
C MET A 70 -6.76 12.80 -12.68
N LYS A 71 -7.51 13.53 -11.85
CA LYS A 71 -7.80 14.95 -12.13
C LYS A 71 -6.51 15.75 -12.29
N LYS A 72 -5.63 15.63 -11.29
CA LYS A 72 -4.36 16.34 -11.31
C LYS A 72 -3.51 15.90 -12.50
N TYR A 73 -3.33 14.60 -12.63
CA TYR A 73 -2.54 14.04 -13.72
C TYR A 73 -3.05 14.52 -15.08
N LYS A 74 -4.37 14.54 -15.22
CA LYS A 74 -4.99 14.98 -16.46
C LYS A 74 -4.43 16.33 -16.91
N LYS A 75 -4.29 17.25 -15.95
CA LYS A 75 -3.76 18.57 -16.23
C LYS A 75 -2.26 18.53 -16.48
N MET A 76 -1.55 17.79 -15.62
CA MET A 76 -0.11 17.66 -15.73
C MET A 76 0.29 17.16 -17.12
N LYS A 77 -0.28 16.02 -17.52
CA LYS A 77 0.01 15.44 -18.82
C LYS A 77 -1.10 15.75 -19.81
N GLU A 78 -0.73 16.30 -20.97
CA GLU A 78 -1.68 16.65 -22.00
C GLU A 78 -2.27 15.39 -22.65
N GLY A 79 -3.53 15.11 -22.35
CA GLY A 79 -4.19 13.93 -22.90
C GLY A 79 -5.47 14.28 -23.63
N GLU A 80 -5.90 13.40 -24.53
CA GLU A 80 -7.12 13.62 -25.30
C GLU A 80 -8.35 13.43 -24.42
N ASN A 81 -9.18 14.45 -24.34
CA ASN A 81 -10.40 14.40 -23.53
C ASN A 81 -11.64 14.37 -24.42
N ASN A 82 -12.71 13.77 -23.91
CA ASN A 82 -13.96 13.68 -24.65
C ASN A 82 -15.12 14.26 -23.85
N LYS A 83 -16.13 14.75 -24.56
CA LYS A 83 -17.31 15.34 -23.91
C LYS A 83 -18.22 14.25 -23.36
N ALA B 1 -18.57 8.21 7.37
CA ALA B 1 -17.97 7.02 7.95
C ALA B 1 -16.47 7.21 8.18
N ARG B 2 -15.98 6.71 9.30
CA ARG B 2 -14.57 6.83 9.64
C ARG B 2 -13.99 5.49 10.06
N THR B 3 -13.10 4.94 9.23
CA THR B 3 -12.48 3.65 9.53
C THR B 3 -11.07 3.58 8.95
N LYS B 4 -10.12 3.14 9.77
CA LYS B 4 -8.74 3.02 9.35
C LYS B 4 -8.48 1.66 8.71
N GLN B 5 -7.90 1.68 7.51
CA GLN B 5 -7.60 0.44 6.79
C GLN B 5 -6.10 0.31 6.54
N THR B 6 -5.48 -0.67 7.20
CA THR B 6 -4.04 -0.90 7.05
C THR B 6 -3.75 -2.37 6.81
N ALA B 7 -2.64 -2.65 6.14
CA ALA B 7 -2.24 -4.02 5.85
C ALA B 7 -0.74 -4.10 5.57
N ARG B 8 -0.13 -5.23 5.93
CA ARG B 8 1.30 -5.44 5.72
C ARG B 8 1.57 -5.84 4.28
N SER B 10 3.38 -6.94 1.47
CA SER B 10 3.31 -8.06 0.54
C SER B 10 3.92 -9.31 1.17
N THR B 11 3.09 -10.34 1.35
CA THR B 11 3.54 -11.59 1.94
C THR B 11 4.66 -12.22 1.11
N GLY B 12 4.42 -12.39 -0.18
CA GLY B 12 5.41 -12.97 -1.05
C GLY B 12 4.82 -13.94 -2.04
N GLY B 13 5.23 -13.84 -3.31
CA GLY B 13 4.72 -14.73 -4.34
C GLY B 13 5.03 -16.18 -4.04
N LYS B 14 3.99 -17.02 -4.10
CA LYS B 14 4.16 -18.46 -3.84
C LYS B 14 5.05 -19.10 -4.90
N ALA B 15 5.97 -19.94 -4.45
CA ALA B 15 6.89 -20.62 -5.36
C ALA B 15 6.94 -22.12 -5.06
N PRO B 16 7.40 -22.90 -6.05
CA PRO B 16 7.50 -24.36 -5.92
C PRO B 16 8.59 -24.78 -4.95
N ARG B 17 9.77 -24.18 -5.11
CA ARG B 17 10.91 -24.49 -4.25
C ARG B 17 10.70 -23.92 -2.84
N TYR B 18 10.97 -24.73 -1.83
CA TYR B 18 10.81 -24.31 -0.44
C TYR B 18 11.56 -25.23 0.50
N GLY A 1 49.47 5.29 37.93
CA GLY A 1 48.38 4.52 37.35
C GLY A 1 47.78 5.22 36.14
N SER A 2 47.62 4.46 35.05
CA SER A 2 47.05 5.01 33.83
C SER A 2 45.59 4.58 33.67
N HIS A 3 45.37 3.27 33.71
CA HIS A 3 44.02 2.72 33.57
C HIS A 3 43.37 3.20 32.28
N MET A 4 43.46 2.38 31.24
CA MET A 4 42.87 2.73 29.95
C MET A 4 42.88 1.52 29.01
N GLY A 5 41.88 1.46 28.13
CA GLY A 5 41.78 0.35 27.20
C GLY A 5 41.30 -0.92 27.85
N LYS A 6 40.15 -0.85 28.52
CA LYS A 6 39.58 -2.00 29.20
C LYS A 6 38.65 -2.78 28.27
N LYS A 7 38.47 -4.06 28.54
CA LYS A 7 37.60 -4.91 27.74
C LYS A 7 36.17 -4.34 27.70
N THR A 8 35.65 -4.14 26.50
CA THR A 8 34.31 -3.61 26.33
C THR A 8 33.26 -4.65 26.72
N LYS A 9 32.06 -4.18 27.06
CA LYS A 9 30.98 -5.07 27.45
C LYS A 9 29.66 -4.62 26.81
N ARG A 10 29.04 -5.53 26.06
CA ARG A 10 27.78 -5.23 25.38
C ARG A 10 26.64 -5.99 26.03
N THR A 11 25.45 -5.39 26.03
CA THR A 11 24.26 -6.01 26.62
C THR A 11 23.29 -6.47 25.54
N ALA A 12 22.69 -7.64 25.75
CA ALA A 12 21.73 -8.17 24.80
C ALA A 12 20.40 -7.43 24.87
N ASP A 13 20.15 -6.59 23.87
CA ASP A 13 18.92 -5.82 23.82
C ASP A 13 17.69 -6.74 23.79
N GLU A 18 5.12 -7.40 21.86
CA GLU A 18 5.12 -7.74 20.43
C GLU A 18 5.37 -6.50 19.60
N ASP A 19 5.95 -6.70 18.42
CA ASP A 19 6.24 -5.60 17.50
C ASP A 19 5.36 -5.67 16.27
N GLU A 20 4.58 -4.62 16.04
CA GLU A 20 3.69 -4.56 14.88
C GLU A 20 4.44 -4.12 13.63
N GLU A 21 3.95 -4.54 12.48
CA GLU A 21 4.58 -4.19 11.20
C GLU A 21 3.55 -3.68 10.21
N GLU A 22 2.60 -2.88 10.70
CA GLU A 22 1.55 -2.34 9.84
C GLU A 22 1.88 -0.90 9.44
N TYR A 23 2.01 -0.68 8.13
CA TYR A 23 2.32 0.64 7.61
C TYR A 23 1.09 1.32 7.03
N VAL A 24 1.00 2.64 7.20
CA VAL A 24 -0.13 3.39 6.69
C VAL A 24 0.24 4.19 5.44
N VAL A 25 -0.67 4.24 4.48
CA VAL A 25 -0.44 4.96 3.24
C VAL A 25 -0.99 6.38 3.32
N GLU A 26 -0.31 7.31 2.66
CA GLU A 26 -0.74 8.71 2.66
C GLU A 26 -1.63 9.00 1.46
N LYS A 27 -1.12 8.74 0.26
CA LYS A 27 -1.87 8.97 -0.97
C LYS A 27 -1.08 8.48 -2.18
N VAL A 28 -1.77 8.37 -3.31
CA VAL A 28 -1.14 7.92 -4.55
C VAL A 28 -0.14 8.94 -5.06
N LEU A 29 1.00 8.45 -5.55
CA LEU A 29 2.05 9.32 -6.06
C LEU A 29 2.14 9.22 -7.58
N ASP A 30 2.16 8.00 -8.09
CA ASP A 30 2.24 7.76 -9.53
C ASP A 30 1.61 6.42 -9.90
N ARG A 31 1.50 6.16 -11.20
CA ARG A 31 0.91 4.92 -11.68
C ARG A 31 1.70 4.37 -12.87
N ARG A 32 1.78 3.06 -12.96
CA ARG A 32 2.51 2.42 -14.06
C ARG A 32 1.99 1.00 -14.30
N MET A 33 2.03 0.57 -15.56
CA MET A 33 1.57 -0.76 -15.92
C MET A 33 2.62 -1.51 -16.75
N VAL A 34 2.97 -2.71 -16.31
CA VAL A 34 3.95 -3.52 -17.01
C VAL A 34 3.62 -5.00 -16.91
N LYS A 35 3.79 -5.71 -18.03
CA LYS A 35 3.50 -7.14 -18.07
C LYS A 35 2.06 -7.42 -17.68
N GLY A 36 1.13 -6.65 -18.26
CA GLY A 36 -0.27 -6.84 -17.97
C GLY A 36 -0.59 -6.67 -16.49
N GLN A 37 0.23 -5.89 -15.80
CA GLN A 37 0.05 -5.65 -14.38
C GLN A 37 0.13 -4.16 -14.06
N VAL A 38 -0.89 -3.65 -13.40
CA VAL A 38 -0.94 -2.24 -13.03
C VAL A 38 -0.54 -2.03 -11.57
N GLU A 39 0.34 -1.06 -11.33
CA GLU A 39 0.80 -0.77 -9.99
C GLU A 39 0.68 0.72 -9.68
N TYR A 40 0.60 1.05 -8.40
CA TYR A 40 0.49 2.44 -7.98
C TYR A 40 1.52 2.77 -6.90
N LEU A 41 2.16 3.92 -7.04
CA LEU A 41 3.17 4.36 -6.08
C LEU A 41 2.52 4.91 -4.82
N LEU A 42 2.64 4.16 -3.72
CA LEU A 42 2.07 4.56 -2.44
C LEU A 42 3.16 4.80 -1.40
N LYS A 43 3.05 5.92 -0.68
CA LYS A 43 4.02 6.26 0.34
C LYS A 43 3.55 5.79 1.72
N TRP A 44 4.41 5.03 2.40
CA TRP A 44 4.08 4.52 3.73
C TRP A 44 4.62 5.44 4.81
N LYS A 45 4.04 5.35 6.01
CA LYS A 45 4.46 6.17 7.13
C LYS A 45 5.97 6.08 7.33
N GLY A 46 6.66 7.21 7.12
CA GLY A 46 8.10 7.25 7.28
C GLY A 46 8.83 7.12 5.96
N PHE A 47 8.23 6.38 5.02
CA PHE A 47 8.83 6.19 3.70
C PHE A 47 8.41 7.28 2.73
N SER A 48 9.32 7.63 1.82
CA SER A 48 9.05 8.68 0.84
C SER A 48 9.17 8.14 -0.58
N GLU A 49 8.86 8.98 -1.56
CA GLU A 49 8.94 8.58 -2.96
C GLU A 49 10.35 8.13 -3.32
N GLU A 50 11.32 8.56 -2.51
CA GLU A 50 12.72 8.20 -2.74
C GLU A 50 12.87 6.69 -2.87
N HIS A 51 12.16 5.95 -2.04
CA HIS A 51 12.23 4.49 -2.06
C HIS A 51 11.49 3.93 -3.27
N ASN A 52 10.61 4.74 -3.84
CA ASN A 52 9.84 4.33 -5.02
C ASN A 52 9.16 2.98 -4.77
N THR A 53 8.23 2.95 -3.83
CA THR A 53 7.50 1.73 -3.50
C THR A 53 6.21 1.62 -4.28
N TRP A 54 5.97 0.46 -4.88
CA TRP A 54 4.76 0.23 -5.67
C TRP A 54 3.89 -0.83 -5.01
N GLU A 55 2.58 -0.71 -5.20
CA GLU A 55 1.63 -1.66 -4.63
C GLU A 55 0.70 -2.21 -5.70
N PRO A 56 0.32 -3.48 -5.56
CA PRO A 56 -0.57 -4.15 -6.52
C PRO A 56 -2.00 -3.63 -6.44
N GLU A 57 -2.68 -3.58 -7.58
CA GLU A 57 -4.05 -3.09 -7.64
C GLU A 57 -4.94 -3.86 -6.65
N LYS A 58 -4.71 -5.16 -6.55
CA LYS A 58 -5.48 -6.01 -5.65
C LYS A 58 -5.42 -5.48 -4.22
N ASN A 59 -4.22 -5.19 -3.75
CA ASN A 59 -4.01 -4.67 -2.40
C ASN A 59 -4.50 -3.23 -2.30
N LEU A 60 -4.42 -2.50 -3.41
CA LEU A 60 -4.84 -1.11 -3.45
C LEU A 60 -6.27 -0.97 -2.94
N ASP A 61 -6.41 -0.54 -1.69
CA ASP A 61 -7.73 -0.36 -1.09
C ASP A 61 -8.08 1.12 -0.99
N CYS A 62 -8.04 1.81 -2.12
CA CYS A 62 -8.36 3.24 -2.16
C CYS A 62 -8.66 3.70 -3.58
N PRO A 63 -9.91 3.46 -4.02
CA PRO A 63 -10.35 3.83 -5.38
C PRO A 63 -10.48 5.34 -5.54
N GLU A 64 -11.11 5.99 -4.58
CA GLU A 64 -11.30 7.43 -4.63
C GLU A 64 -9.98 8.14 -4.93
N LEU A 65 -8.89 7.60 -4.39
CA LEU A 65 -7.57 8.17 -4.60
C LEU A 65 -7.25 8.29 -6.08
N ILE A 66 -7.58 7.24 -6.84
CA ILE A 66 -7.33 7.22 -8.28
C ILE A 66 -8.17 8.28 -8.99
N SER A 67 -9.46 8.31 -8.66
CA SER A 67 -10.39 9.27 -9.27
C SER A 67 -9.85 10.69 -9.14
N GLU A 68 -9.42 11.04 -7.93
CA GLU A 68 -8.88 12.38 -7.68
C GLU A 68 -7.50 12.54 -8.30
N PHE A 69 -6.67 11.51 -8.17
CA PHE A 69 -5.33 11.54 -8.72
C PHE A 69 -5.34 11.94 -10.20
N MET A 70 -6.25 11.33 -10.94
CA MET A 70 -6.38 11.61 -12.37
C MET A 70 -6.61 13.10 -12.62
N LYS A 71 -7.41 13.72 -11.76
CA LYS A 71 -7.70 15.13 -11.87
C LYS A 71 -6.42 15.96 -11.87
N LYS A 72 -5.58 15.74 -10.86
CA LYS A 72 -4.31 16.46 -10.75
C LYS A 72 -3.40 16.17 -11.94
N TYR A 73 -3.22 14.88 -12.23
CA TYR A 73 -2.37 14.47 -13.33
C TYR A 73 -2.83 15.11 -14.65
N LYS A 74 -4.14 15.16 -14.83
CA LYS A 74 -4.72 15.76 -16.04
C LYS A 74 -4.14 17.14 -16.30
N LYS A 75 -4.07 17.96 -15.25
CA LYS A 75 -3.53 19.30 -15.35
C LYS A 75 -2.04 19.27 -15.64
N MET A 76 -1.31 18.47 -14.88
CA MET A 76 0.13 18.35 -15.05
C MET A 76 0.48 17.95 -16.49
N LYS A 77 -0.09 16.84 -16.94
CA LYS A 77 0.14 16.35 -18.29
C LYS A 77 -1.12 16.44 -19.14
N GLU A 78 -1.01 17.11 -20.28
CA GLU A 78 -2.15 17.27 -21.18
C GLU A 78 -2.36 16.01 -22.02
N GLY A 79 -3.56 15.44 -21.93
CA GLY A 79 -3.87 14.24 -22.68
C GLY A 79 -5.13 13.56 -22.19
N GLU A 80 -5.98 13.13 -23.12
CA GLU A 80 -7.22 12.46 -22.77
C GLU A 80 -6.95 11.05 -22.25
N ASN A 81 -7.72 10.64 -21.25
CA ASN A 81 -7.57 9.32 -20.65
C ASN A 81 -8.83 8.48 -20.85
N ASN A 82 -8.77 7.55 -21.80
CA ASN A 82 -9.91 6.69 -22.10
C ASN A 82 -11.12 7.51 -22.52
N LYS A 83 -11.39 7.53 -23.82
CA LYS A 83 -12.50 8.28 -24.37
C LYS A 83 -12.44 9.75 -23.97
N ALA B 1 -18.27 8.59 12.25
CA ALA B 1 -17.49 7.37 12.41
C ALA B 1 -16.25 7.39 11.53
N ARG B 2 -15.08 7.46 12.16
CA ARG B 2 -13.82 7.49 11.42
C ARG B 2 -13.25 6.09 11.27
N THR B 3 -12.83 5.75 10.06
CA THR B 3 -12.25 4.44 9.78
C THR B 3 -10.87 4.57 9.15
N LYS B 4 -9.93 3.77 9.65
CA LYS B 4 -8.57 3.79 9.14
C LYS B 4 -8.21 2.46 8.48
N GLN B 5 -8.10 2.48 7.16
CA GLN B 5 -7.78 1.26 6.41
C GLN B 5 -6.27 1.09 6.30
N THR B 6 -5.73 0.13 7.06
CA THR B 6 -4.30 -0.15 7.06
C THR B 6 -4.03 -1.63 6.90
N ALA B 7 -2.93 -1.96 6.23
CA ALA B 7 -2.55 -3.35 6.00
C ALA B 7 -1.07 -3.47 5.68
N ARG B 8 -0.35 -4.28 6.46
CA ARG B 8 1.08 -4.47 6.25
C ARG B 8 1.34 -5.13 4.89
N SER B 10 2.82 -7.00 2.41
CA SER B 10 2.45 -8.18 1.62
C SER B 10 2.55 -9.44 2.47
N THR B 11 1.58 -10.34 2.29
CA THR B 11 1.56 -11.60 3.03
C THR B 11 1.47 -12.79 2.09
N GLY B 12 1.88 -13.95 2.58
CA GLY B 12 1.84 -15.15 1.76
C GLY B 12 3.13 -15.36 0.98
N GLY B 13 3.39 -16.61 0.62
CA GLY B 13 4.59 -16.93 -0.14
C GLY B 13 5.82 -17.02 0.75
N LYS B 14 6.92 -16.43 0.30
CA LYS B 14 8.16 -16.45 1.05
C LYS B 14 8.87 -15.11 0.97
N ALA B 15 9.41 -14.65 2.09
CA ALA B 15 10.12 -13.37 2.16
C ALA B 15 11.13 -13.36 3.30
N PRO B 16 12.10 -12.44 3.22
CA PRO B 16 13.13 -12.30 4.25
C PRO B 16 12.58 -11.74 5.56
N ARG B 17 13.24 -12.06 6.66
CA ARG B 17 12.81 -11.59 7.97
C ARG B 17 13.53 -10.29 8.35
N TYR B 18 14.87 -10.33 8.29
CA TYR B 18 15.68 -9.17 8.63
C TYR B 18 15.85 -8.25 7.42
N GLY A 1 19.13 -52.54 -6.85
CA GLY A 1 20.44 -52.44 -6.23
C GLY A 1 20.41 -51.68 -4.92
N SER A 2 20.76 -52.37 -3.83
CA SER A 2 20.76 -51.76 -2.51
C SER A 2 21.93 -50.78 -2.37
N HIS A 3 23.14 -51.26 -2.66
CA HIS A 3 24.33 -50.43 -2.56
C HIS A 3 24.26 -49.26 -3.54
N MET A 4 24.95 -48.17 -3.22
CA MET A 4 24.96 -46.99 -4.07
C MET A 4 23.54 -46.53 -4.38
N GLY A 5 22.76 -46.28 -3.32
CA GLY A 5 21.40 -45.83 -3.50
C GLY A 5 20.61 -45.84 -2.20
N LYS A 6 21.06 -45.05 -1.24
CA LYS A 6 20.40 -44.98 0.07
C LYS A 6 19.55 -43.72 0.16
N LYS A 7 18.50 -43.78 0.97
CA LYS A 7 17.60 -42.65 1.16
C LYS A 7 17.95 -41.88 2.43
N THR A 8 17.90 -40.55 2.35
CA THR A 8 18.21 -39.70 3.49
C THR A 8 16.96 -39.04 4.05
N LYS A 9 17.00 -38.69 5.33
CA LYS A 9 15.86 -38.04 5.97
C LYS A 9 16.17 -36.60 6.30
N ARG A 10 15.19 -35.72 6.09
CA ARG A 10 15.35 -34.30 6.36
C ARG A 10 14.01 -33.64 6.67
N THR A 11 14.05 -32.58 7.47
CA THR A 11 12.84 -31.86 7.84
C THR A 11 13.13 -30.39 8.11
N ALA A 12 12.23 -29.53 7.65
CA ALA A 12 12.39 -28.08 7.85
C ALA A 12 11.40 -27.55 8.87
N ASP A 13 11.92 -27.05 9.99
CA ASP A 13 11.08 -26.51 11.05
C ASP A 13 11.26 -25.00 11.17
N GLU A 18 7.55 -14.05 13.56
CA GLU A 18 7.95 -12.68 13.27
C GLU A 18 7.08 -11.70 14.05
N ASP A 19 7.64 -10.53 14.35
CA ASP A 19 6.92 -9.50 15.10
C ASP A 19 5.99 -8.71 14.18
N GLU A 20 4.99 -8.05 14.77
CA GLU A 20 4.04 -7.27 13.99
C GLU A 20 4.75 -6.16 13.21
N GLU A 21 4.22 -5.86 12.03
CA GLU A 21 4.81 -4.82 11.18
C GLU A 21 3.83 -4.40 10.08
N GLU A 22 3.23 -3.22 10.26
CA GLU A 22 2.28 -2.71 9.28
C GLU A 22 2.58 -1.25 8.95
N TYR A 23 2.28 -0.86 7.71
CA TYR A 23 2.52 0.50 7.26
C TYR A 23 1.25 1.12 6.69
N VAL A 24 1.06 2.41 6.93
CA VAL A 24 -0.12 3.12 6.43
C VAL A 24 0.23 3.96 5.21
N VAL A 25 -0.71 4.05 4.28
CA VAL A 25 -0.51 4.82 3.06
C VAL A 25 -0.93 6.27 3.25
N GLU A 26 -0.27 7.17 2.54
CA GLU A 26 -0.57 8.60 2.63
C GLU A 26 -1.41 9.06 1.44
N LYS A 27 -0.90 8.81 0.23
CA LYS A 27 -1.59 9.19 -0.99
C LYS A 27 -0.83 8.70 -2.22
N VAL A 28 -1.52 8.71 -3.36
CA VAL A 28 -0.91 8.26 -4.61
C VAL A 28 0.10 9.29 -5.13
N LEU A 29 1.15 8.80 -5.76
CA LEU A 29 2.19 9.67 -6.32
C LEU A 29 2.27 9.56 -7.83
N ASP A 30 2.36 8.32 -8.32
CA ASP A 30 2.43 8.08 -9.76
C ASP A 30 1.82 6.72 -10.10
N ARG A 31 1.61 6.49 -11.39
CA ARG A 31 1.02 5.25 -11.86
C ARG A 31 1.90 4.59 -12.92
N ARG A 32 1.94 3.26 -12.92
CA ARG A 32 2.73 2.52 -13.89
C ARG A 32 2.24 1.08 -14.02
N MET A 33 2.40 0.50 -15.21
CA MET A 33 1.97 -0.86 -15.44
C MET A 33 3.11 -1.69 -16.05
N VAL A 34 3.26 -2.93 -15.56
CA VAL A 34 4.30 -3.82 -16.06
C VAL A 34 3.83 -5.27 -16.07
N LYS A 35 4.16 -5.98 -17.13
CA LYS A 35 3.78 -7.38 -17.26
C LYS A 35 2.26 -7.54 -17.17
N GLY A 36 1.53 -6.67 -17.87
CA GLY A 36 0.09 -6.73 -17.86
C GLY A 36 -0.49 -6.56 -16.46
N GLN A 37 0.24 -5.86 -15.60
CA GLN A 37 -0.19 -5.63 -14.24
C GLN A 37 -0.09 -4.16 -13.86
N VAL A 38 -1.20 -3.60 -13.38
CA VAL A 38 -1.24 -2.19 -12.99
C VAL A 38 -0.70 -2.00 -11.59
N GLU A 39 0.12 -0.97 -11.41
CA GLU A 39 0.72 -0.67 -10.11
C GLU A 39 0.64 0.82 -9.80
N TYR A 40 0.50 1.14 -8.52
CA TYR A 40 0.41 2.54 -8.08
C TYR A 40 1.42 2.84 -6.99
N LEU A 41 2.06 3.99 -7.09
CA LEU A 41 3.06 4.41 -6.11
C LEU A 41 2.39 4.90 -4.83
N LEU A 42 2.47 4.10 -3.77
CA LEU A 42 1.88 4.46 -2.49
C LEU A 42 2.96 4.82 -1.47
N LYS A 43 2.75 5.91 -0.76
CA LYS A 43 3.70 6.37 0.25
C LYS A 43 3.35 5.80 1.62
N TRP A 44 4.25 4.97 2.15
CA TRP A 44 4.03 4.36 3.46
C TRP A 44 4.47 5.30 4.58
N LYS A 45 3.92 5.08 5.77
CA LYS A 45 4.26 5.91 6.92
C LYS A 45 5.77 5.92 7.16
N GLY A 46 6.37 7.10 7.05
CA GLY A 46 7.81 7.22 7.26
C GLY A 46 8.59 7.10 5.96
N PHE A 47 8.06 6.32 5.03
CA PHE A 47 8.72 6.12 3.74
C PHE A 47 8.38 7.25 2.77
N SER A 48 9.31 7.54 1.86
CA SER A 48 9.12 8.60 0.88
C SER A 48 9.22 8.05 -0.54
N GLU A 49 8.95 8.90 -1.52
CA GLU A 49 9.01 8.50 -2.92
C GLU A 49 10.41 8.00 -3.27
N GLU A 50 11.38 8.37 -2.47
CA GLU A 50 12.77 7.95 -2.69
C GLU A 50 12.86 6.43 -2.83
N HIS A 51 12.09 5.73 -2.00
CA HIS A 51 12.09 4.27 -2.01
C HIS A 51 11.35 3.75 -3.24
N ASN A 52 10.51 4.59 -3.83
CA ASN A 52 9.74 4.21 -5.01
C ASN A 52 9.03 2.88 -4.79
N THR A 53 8.07 2.87 -3.87
CA THR A 53 7.31 1.67 -3.56
C THR A 53 6.04 1.59 -4.40
N TRP A 54 5.82 0.43 -5.02
CA TRP A 54 4.63 0.23 -5.85
C TRP A 54 3.73 -0.85 -5.25
N GLU A 55 2.42 -0.70 -5.45
CA GLU A 55 1.46 -1.66 -4.93
C GLU A 55 0.46 -2.07 -6.02
N PRO A 56 0.18 -3.38 -6.09
CA PRO A 56 -0.76 -3.93 -7.08
C PRO A 56 -2.20 -3.53 -6.80
N GLU A 57 -3.00 -3.46 -7.85
CA GLU A 57 -4.41 -3.08 -7.72
C GLU A 57 -5.10 -3.94 -6.66
N LYS A 58 -4.87 -5.24 -6.72
CA LYS A 58 -5.47 -6.18 -5.77
C LYS A 58 -5.22 -5.72 -4.33
N ASN A 59 -4.10 -5.03 -4.13
CA ASN A 59 -3.74 -4.55 -2.80
C ASN A 59 -4.27 -3.13 -2.59
N LEU A 60 -4.38 -2.37 -3.67
CA LEU A 60 -4.87 -1.00 -3.61
C LEU A 60 -6.27 -0.95 -3.00
N ASP A 61 -6.35 -0.55 -1.73
CA ASP A 61 -7.62 -0.46 -1.04
C ASP A 61 -8.05 1.00 -0.87
N CYS A 62 -7.98 1.76 -1.96
CA CYS A 62 -8.35 3.17 -1.93
C CYS A 62 -8.52 3.72 -3.34
N PRO A 63 -9.70 3.48 -3.94
CA PRO A 63 -10.02 3.94 -5.28
C PRO A 63 -10.17 5.45 -5.37
N GLU A 64 -10.79 6.03 -4.34
CA GLU A 64 -11.01 7.47 -4.29
C GLU A 64 -9.72 8.23 -4.62
N LEU A 65 -8.61 7.75 -4.06
CA LEU A 65 -7.31 8.38 -4.29
C LEU A 65 -7.02 8.48 -5.77
N ILE A 66 -7.35 7.44 -6.51
CA ILE A 66 -7.13 7.42 -7.96
C ILE A 66 -8.05 8.39 -8.68
N SER A 67 -9.31 8.41 -8.29
CA SER A 67 -10.30 9.29 -8.89
C SER A 67 -9.79 10.73 -8.90
N GLU A 68 -9.36 11.22 -7.74
CA GLU A 68 -8.85 12.57 -7.61
C GLU A 68 -7.50 12.71 -8.31
N PHE A 69 -6.65 11.71 -8.17
CA PHE A 69 -5.33 11.72 -8.77
C PHE A 69 -5.42 12.01 -10.26
N MET A 70 -6.38 11.37 -10.93
CA MET A 70 -6.57 11.57 -12.36
C MET A 70 -6.85 13.03 -12.68
N LYS A 71 -7.58 13.69 -11.79
CA LYS A 71 -7.92 15.10 -11.97
C LYS A 71 -6.66 15.97 -11.96
N LYS A 72 -5.84 15.81 -10.92
CA LYS A 72 -4.61 16.58 -10.80
C LYS A 72 -3.64 16.23 -11.92
N TYR A 73 -3.39 14.94 -12.10
CA TYR A 73 -2.48 14.46 -13.13
C TYR A 73 -2.89 14.99 -14.50
N LYS A 74 -4.19 14.96 -14.77
CA LYS A 74 -4.72 15.44 -16.05
C LYS A 74 -4.18 16.82 -16.38
N LYS A 75 -4.31 17.74 -15.43
CA LYS A 75 -3.83 19.11 -15.62
C LYS A 75 -2.32 19.12 -15.84
N MET A 76 -1.59 18.37 -15.04
CA MET A 76 -0.15 18.30 -15.15
C MET A 76 0.27 17.94 -16.57
N LYS A 77 -0.25 16.83 -17.08
CA LYS A 77 0.06 16.37 -18.42
C LYS A 77 -0.81 17.08 -19.46
N GLU A 78 -0.45 16.95 -20.73
CA GLU A 78 -1.21 17.57 -21.81
C GLU A 78 -1.44 16.59 -22.96
N GLY A 79 -2.70 16.25 -23.18
CA GLY A 79 -3.03 15.33 -24.25
C GLY A 79 -4.40 15.60 -24.85
N GLU A 80 -5.18 14.54 -25.04
CA GLU A 80 -6.52 14.68 -25.62
C GLU A 80 -7.56 14.92 -24.53
N ASN A 81 -8.21 16.08 -24.59
CA ASN A 81 -9.22 16.44 -23.60
C ASN A 81 -10.54 15.71 -23.90
N ASN A 82 -11.25 15.35 -22.83
CA ASN A 82 -12.53 14.65 -22.97
C ASN A 82 -13.70 15.60 -22.72
N LYS A 83 -14.81 15.35 -23.41
CA LYS A 83 -15.99 16.18 -23.26
C LYS A 83 -17.06 15.47 -22.43
N ALA B 1 -17.07 11.76 6.79
CA ALA B 1 -16.74 10.50 7.48
C ALA B 1 -15.31 10.08 7.15
N ARG B 2 -14.65 9.43 8.11
CA ARG B 2 -13.28 8.97 7.93
C ARG B 2 -13.12 7.54 8.45
N THR B 3 -12.25 6.78 7.80
CA THR B 3 -12.01 5.39 8.19
C THR B 3 -10.53 5.06 8.11
N LYS B 4 -10.07 4.19 9.00
CA LYS B 4 -8.67 3.78 9.03
C LYS B 4 -8.50 2.38 8.47
N GLN B 5 -7.94 2.28 7.27
CA GLN B 5 -7.74 0.99 6.63
C GLN B 5 -6.25 0.78 6.29
N THR B 6 -5.60 -0.08 7.06
CA THR B 6 -4.19 -0.38 6.85
C THR B 6 -3.96 -1.85 6.56
N ALA B 7 -2.84 -2.16 5.90
CA ALA B 7 -2.51 -3.54 5.57
C ALA B 7 -1.04 -3.67 5.18
N ARG B 8 -0.48 -4.86 5.36
CA ARG B 8 0.91 -5.11 5.04
C ARG B 8 1.10 -5.23 3.53
N SER B 10 2.42 -6.27 0.48
CA SER B 10 1.94 -6.97 -0.69
C SER B 10 1.79 -8.47 -0.42
N THR B 11 0.55 -8.93 -0.33
CA THR B 11 0.28 -10.34 -0.05
C THR B 11 -0.13 -11.07 -1.32
N GLY B 12 0.45 -12.26 -1.54
CA GLY B 12 0.14 -13.04 -2.72
C GLY B 12 -1.27 -13.61 -2.67
N GLY B 13 -1.47 -14.72 -3.39
CA GLY B 13 -2.77 -15.35 -3.42
C GLY B 13 -2.81 -16.63 -2.60
N LYS B 14 -2.20 -17.69 -3.14
CA LYS B 14 -2.17 -18.98 -2.47
C LYS B 14 -0.76 -19.28 -1.94
N ALA B 15 0.23 -19.20 -2.83
CA ALA B 15 1.61 -19.46 -2.46
C ALA B 15 2.16 -18.33 -1.60
N PRO B 16 3.25 -18.62 -0.86
CA PRO B 16 3.90 -17.64 0.01
C PRO B 16 4.61 -16.54 -0.78
N ARG B 17 4.94 -15.46 -0.10
CA ARG B 17 5.61 -14.33 -0.73
C ARG B 17 6.81 -13.87 0.11
N TYR B 18 7.99 -13.93 -0.48
CA TYR B 18 9.22 -13.52 0.21
C TYR B 18 9.30 -12.00 0.31
#